data_8BP2
#
_entry.id   8BP2
#
_cell.length_a   94.542
_cell.length_b   94.542
_cell.length_c   417.134
_cell.angle_alpha   90.000
_cell.angle_beta   90.000
_cell.angle_gamma   120.000
#
_symmetry.space_group_name_H-M   'P 61'
#
loop_
_entity.id
_entity.type
_entity.pdbx_description
1 polymer 'DNA gyrase subunit B'
2 polymer 'DNA gyrase subunit A'
3 polymer 'DNA (20-MER)'
4 non-polymer GLYCEROL
5 non-polymer 'MANGANESE (II) ION'
6 non-polymer 'SODIUM ION'
7 non-polymer 2-[BIS-(2-HYDROXY-ETHYL)-AMINO]-2-HYDROXYMETHYL-PROPANE-1,3-DIOL
8 non-polymer Zoliflodacin
9 water water
#
loop_
_entity_poly.entity_id
_entity_poly.type
_entity_poly.pdbx_seq_one_letter_code
_entity_poly.pdbx_strand_id
1 'polypeptide(L)'
;KLADCSSKSPEECEIFLVEGDSAGGSTKSGRDSRTQAILPLRGKILNVEKARLDRILNNNEIRQMITAFGTGIGGDFDLA
KARYHKIVIMTDADVDGAHIRTLLLTFFYRFMRPLIEAGYVYIAQPPTGYKGLGEMNADQLWETTMNPEHRALLQVKLED
AIEADQTFEMLMGDVVENRRQFIEDNAVY
;
BBB,DDD
2 'polypeptide(L)'
;AELPQSRINERNITSEMRESFLDYAMSVIVARALPDVRDGLKPVHRRILYGLNEQGMTPDKSYKKSARIVGDVMGKYHPH
GDSSIYEAMVRMAQDFSYRYPLVDGQGNFGSMDGDGAAAMRYTEARMTKITLELLRDINKDTIDFIDNYDGNEREPSVLP
ARFPNLLANGASGIAVGMATNIPPHNLTELINGVLSLSKNPDISIAELMEDIEGPDFPTAGLILGKSGIRRAYETGRGSI
QMRSRAVIEERGGGRQRIVVTEIPFQVNKARMIEKIAELVRDKKIDGITDLRDETSLRTGVRVVIDVRKDANASVILNNL
YKQTPLQTSFGVNMIALVNGRPKLINLKEALVHYLEHQKTVVRRRTQYNLRKAKDRAHILEGLRIALDHIDEIISTIRES
DTDKVAMESLQQRFKLSEKQAQAILDMRLRRLTGLERDKIEAEYNELLNYISELETILADEEVLLQLVRDELTEIRDRFG
DDRRTEIQLG
;
AAA,CCC
3 'polydeoxyribonucleotide' (DG)(DA)(DG)(DC)(DG)(DT)(DA)(DC)(DG)(DG)(DC)(DC)(DG)(DT)(DA)(DC)(DG)(DC)(DT)(DT) EEE,EbE,FFF,FbF
#
loop_
_chem_comp.id
_chem_comp.type
_chem_comp.name
_chem_comp.formula
BTB non-polymer 2-[BIS-(2-HYDROXY-ETHYL)-AMINO]-2-HYDROXYMETHYL-PROPANE-1,3-DIOL 'C8 H19 N O5'
DA DNA linking 2'-DEOXYADENOSINE-5'-MONOPHOSPHATE 'C10 H14 N5 O6 P'
DC DNA linking 2'-DEOXYCYTIDINE-5'-MONOPHOSPHATE 'C9 H14 N3 O7 P'
DG DNA linking 2'-DEOXYGUANOSINE-5'-MONOPHOSPHATE 'C10 H14 N5 O7 P'
DT DNA linking THYMIDINE-5'-MONOPHOSPHATE 'C10 H15 N2 O8 P'
GOL non-polymer GLYCEROL 'C3 H8 O3'
MN non-polymer 'MANGANESE (II) ION' 'Mn 2'
NA non-polymer 'SODIUM ION' 'Na 1'
R8U non-polymer Zoliflodacin 'C22 H22 F N5 O7'
#
# COMPACT_ATOMS: atom_id res chain seq x y z
N LYS A 1 21.22 11.57 -13.74
CA LYS A 1 21.85 12.52 -14.71
C LYS A 1 20.80 13.46 -15.30
N LEU A 2 21.28 14.46 -16.06
CA LEU A 2 20.49 15.46 -16.74
C LEU A 2 20.15 14.98 -18.17
N ALA A 3 18.90 15.16 -18.60
CA ALA A 3 18.54 15.01 -20.00
C ALA A 3 18.63 16.38 -20.68
N ASP A 4 19.50 16.51 -21.68
CA ASP A 4 19.85 17.82 -22.24
C ASP A 4 18.94 18.15 -23.44
N CYS A 5 18.96 19.44 -23.85
CA CYS A 5 18.24 19.94 -25.01
C CYS A 5 19.01 19.61 -26.29
N SER A 6 18.34 18.91 -27.22
CA SER A 6 18.89 18.66 -28.54
C SER A 6 19.59 19.90 -29.10
N SER A 7 18.95 21.07 -28.96
CA SER A 7 19.55 22.35 -29.34
C SER A 7 20.86 22.61 -28.59
N LYS A 8 21.87 23.04 -29.36
CA LYS A 8 23.20 23.40 -28.90
C LYS A 8 23.27 24.85 -28.41
N SER A 9 22.22 25.64 -28.69
CA SER A 9 22.29 27.09 -28.58
C SER A 9 21.82 27.56 -27.21
N PRO A 10 22.73 28.05 -26.32
CA PRO A 10 22.37 28.40 -24.94
C PRO A 10 21.24 29.42 -24.83
N GLU A 11 21.21 30.36 -25.79
CA GLU A 11 20.33 31.51 -25.82
C GLU A 11 18.86 31.07 -25.70
N GLU A 12 18.51 29.92 -26.31
CA GLU A 12 17.13 29.48 -26.44
C GLU A 12 16.80 28.28 -25.53
N CYS A 13 17.77 27.80 -24.74
CA CYS A 13 17.58 26.55 -24.04
C CYS A 13 17.35 26.80 -22.56
N GLU A 14 16.41 26.05 -21.99
CA GLU A 14 15.98 26.20 -20.61
C GLU A 14 16.13 24.87 -19.85
N ILE A 15 16.52 24.96 -18.57
CA ILE A 15 16.68 23.82 -17.69
C ILE A 15 15.66 23.91 -16.56
N PHE A 16 14.93 22.79 -16.36
CA PHE A 16 13.99 22.68 -15.26
C PHE A 16 14.65 21.86 -14.15
N LEU A 17 14.66 22.43 -12.93
CA LEU A 17 15.02 21.71 -11.71
C LEU A 17 13.74 21.15 -11.08
N VAL A 18 13.56 19.82 -11.15
CA VAL A 18 12.30 19.20 -10.80
C VAL A 18 12.48 18.47 -9.48
N GLU A 19 11.50 18.62 -8.57
CA GLU A 19 11.56 17.95 -7.29
C GLU A 19 10.98 16.54 -7.45
N GLY A 20 11.85 15.53 -7.34
CA GLY A 20 11.44 14.15 -7.20
C GLY A 20 11.62 13.41 -8.52
N ASP A 21 11.79 12.08 -8.45
CA ASP A 21 12.11 11.31 -9.64
C ASP A 21 10.86 10.99 -10.45
N SER A 22 9.70 10.91 -9.78
CA SER A 22 8.51 10.59 -10.52
C SER A 22 8.14 11.81 -11.35
N ALA A 23 8.27 12.99 -10.76
CA ALA A 23 8.02 14.25 -11.45
C ALA A 23 9.03 14.45 -12.58
N GLY A 24 10.29 14.01 -12.36
CA GLY A 24 11.34 14.12 -13.36
C GLY A 24 11.03 13.31 -14.62
N GLY A 25 10.65 12.04 -14.42
CA GLY A 25 10.37 11.08 -15.48
C GLY A 25 9.21 11.53 -16.36
N SER A 26 8.10 11.94 -15.72
CA SER A 26 6.91 12.48 -16.38
C SER A 26 7.26 13.73 -17.17
N THR A 27 8.09 14.61 -16.58
CA THR A 27 8.52 15.88 -17.17
C THR A 27 9.28 15.61 -18.46
N LYS A 28 10.11 14.56 -18.46
CA LYS A 28 10.94 14.25 -19.60
C LYS A 28 10.06 13.88 -20.80
N SER A 29 9.05 13.03 -20.56
CA SER A 29 8.15 12.52 -21.59
C SER A 29 7.21 13.61 -22.12
N GLY A 30 7.11 14.74 -21.39
CA GLY A 30 6.18 15.82 -21.70
C GLY A 30 6.83 17.04 -22.37
N ARG A 31 8.04 17.40 -21.91
CA ARG A 31 8.78 18.57 -22.34
C ARG A 31 9.03 18.57 -23.85
N ASP A 32 9.11 19.78 -24.44
CA ASP A 32 9.64 19.98 -25.78
C ASP A 32 11.14 19.78 -25.73
N SER A 33 11.59 18.63 -26.26
CA SER A 33 12.94 18.16 -26.08
C SER A 33 13.95 19.06 -26.80
N ARG A 34 13.46 19.94 -27.67
CA ARG A 34 14.33 20.80 -28.47
C ARG A 34 15.10 21.75 -27.55
N THR A 35 14.39 22.35 -26.58
CA THR A 35 14.96 23.46 -25.82
C THR A 35 14.82 23.27 -24.31
N GLN A 36 14.30 22.13 -23.85
CA GLN A 36 14.02 21.95 -22.42
C GLN A 36 14.77 20.74 -21.87
N ALA A 37 15.68 20.98 -20.91
CA ALA A 37 16.46 19.95 -20.21
C ALA A 37 15.91 19.74 -18.81
N ILE A 38 16.08 18.55 -18.24
CA ILE A 38 15.44 18.20 -16.98
C ILE A 38 16.43 17.58 -15.99
N LEU A 39 16.73 18.32 -14.91
CA LEU A 39 17.58 17.84 -13.84
C LEU A 39 16.76 17.61 -12.56
N PRO A 40 16.40 16.34 -12.25
CA PRO A 40 15.61 16.07 -11.06
C PRO A 40 16.43 16.26 -9.78
N LEU A 41 15.75 16.57 -8.67
CA LEU A 41 16.38 16.73 -7.36
C LEU A 41 15.73 15.74 -6.40
N ARG A 42 16.51 14.80 -5.86
CA ARG A 42 15.93 13.82 -4.97
C ARG A 42 15.73 14.39 -3.56
N GLY A 43 14.65 15.18 -3.39
CA GLY A 43 14.19 15.57 -2.06
C GLY A 43 14.82 16.89 -1.64
N LYS A 44 14.99 17.10 -0.33
CA LYS A 44 15.68 18.27 0.19
C LYS A 44 17.14 18.21 -0.24
N ILE A 45 17.70 19.36 -0.65
CA ILE A 45 19.11 19.48 -1.02
C ILE A 45 19.85 20.12 0.16
N LEU A 46 21.14 20.43 0.03
CA LEU A 46 21.94 20.88 1.18
C LEU A 46 21.73 22.37 1.50
N ASN A 47 21.76 22.71 2.80
CA ASN A 47 21.61 24.11 3.22
C ASN A 47 23.02 24.68 3.38
N VAL A 48 23.49 25.34 2.32
CA VAL A 48 24.88 25.74 2.28
C VAL A 48 25.16 26.75 3.38
N GLU A 49 24.21 27.62 3.69
CA GLU A 49 24.43 28.65 4.68
C GLU A 49 24.80 28.02 6.02
N LYS A 50 24.77 26.69 6.13
CA LYS A 50 25.15 26.03 7.37
C LYS A 50 26.31 25.05 7.18
N ALA A 51 26.73 24.83 5.91
CA ALA A 51 27.73 23.83 5.58
C ALA A 51 29.06 24.48 5.22
N ARG A 52 30.14 23.76 5.51
CA ARG A 52 31.48 24.20 5.13
C ARG A 52 31.80 23.77 3.70
N LEU A 53 32.74 24.46 3.06
CA LEU A 53 32.83 24.42 1.62
C LEU A 53 33.23 23.02 1.13
N ASP A 54 33.97 22.25 1.94
CA ASP A 54 34.37 20.91 1.55
C ASP A 54 33.13 20.03 1.36
N ARG A 55 32.18 20.05 2.32
CA ARG A 55 30.94 19.30 2.23
C ARG A 55 30.13 19.77 1.02
N ILE A 56 30.07 21.09 0.83
CA ILE A 56 29.30 21.65 -0.27
C ILE A 56 29.78 21.08 -1.60
N LEU A 57 31.08 21.08 -1.84
CA LEU A 57 31.66 20.69 -3.12
C LEU A 57 31.62 19.19 -3.31
N ASN A 58 31.17 18.44 -2.29
CA ASN A 58 31.14 16.99 -2.40
C ASN A 58 29.72 16.47 -2.59
N ASN A 59 28.76 17.40 -2.57
CA ASN A 59 27.35 17.06 -2.62
C ASN A 59 26.92 16.75 -4.06
N ASN A 60 26.29 15.58 -4.25
CA ASN A 60 25.92 15.13 -5.59
C ASN A 60 25.04 16.15 -6.28
N GLU A 61 23.97 16.55 -5.59
CA GLU A 61 22.99 17.48 -6.12
C GLU A 61 23.68 18.78 -6.51
N ILE A 62 24.50 19.32 -5.60
CA ILE A 62 25.17 20.59 -5.80
C ILE A 62 26.15 20.47 -6.97
N ARG A 63 26.79 19.30 -7.06
CA ARG A 63 27.77 19.06 -8.09
C ARG A 63 27.06 18.89 -9.44
N GLN A 64 25.89 18.25 -9.49
CA GLN A 64 25.20 18.09 -10.76
C GLN A 64 24.75 19.43 -11.29
N MET A 65 24.46 20.35 -10.39
CA MET A 65 24.03 21.67 -10.81
C MET A 65 25.21 22.45 -11.38
N ILE A 66 26.28 22.57 -10.59
CA ILE A 66 27.50 23.24 -11.04
C ILE A 66 27.85 22.74 -12.45
N THR A 67 28.00 21.42 -12.61
CA THR A 67 28.24 20.77 -13.90
C THR A 67 27.32 21.38 -14.96
N ALA A 68 26.01 21.16 -14.78
CA ALA A 68 24.99 21.44 -15.79
C ALA A 68 24.99 22.94 -16.15
N PHE A 69 25.01 23.82 -15.14
CA PHE A 69 25.09 25.25 -15.45
C PHE A 69 26.39 25.55 -16.19
N GLY A 70 27.48 24.87 -15.79
CA GLY A 70 28.80 25.08 -16.38
C GLY A 70 29.17 26.58 -16.44
N THR A 71 29.57 27.14 -15.29
CA THR A 71 29.77 28.57 -15.15
C THR A 71 30.77 28.84 -14.04
N GLY A 72 31.28 27.76 -13.42
CA GLY A 72 32.11 27.82 -12.23
C GLY A 72 31.36 28.46 -11.06
N ILE A 73 32.00 28.46 -9.88
CA ILE A 73 31.32 28.92 -8.67
C ILE A 73 32.23 29.93 -7.95
N GLY A 74 31.59 30.80 -7.15
CA GLY A 74 32.29 31.77 -6.33
C GLY A 74 33.10 32.74 -7.19
N GLY A 75 34.39 32.90 -6.86
CA GLY A 75 35.33 33.72 -7.61
C GLY A 75 35.40 33.32 -9.08
N ASP A 76 35.39 32.01 -9.35
CA ASP A 76 35.62 31.45 -10.68
C ASP A 76 34.34 31.45 -11.51
N PHE A 77 33.33 32.21 -11.07
CA PHE A 77 32.08 32.24 -11.80
C PHE A 77 32.14 33.25 -12.95
N ASP A 78 31.95 32.74 -14.17
CA ASP A 78 31.93 33.52 -15.41
C ASP A 78 30.62 33.28 -16.14
N LEU A 79 29.81 34.34 -16.31
CA LEU A 79 28.51 34.20 -16.96
C LEU A 79 28.66 33.59 -18.35
N ALA A 80 29.71 34.01 -19.08
CA ALA A 80 29.89 33.68 -20.49
C ALA A 80 29.70 32.18 -20.76
N LYS A 81 30.04 31.33 -19.78
CA LYS A 81 30.03 29.89 -20.04
C LYS A 81 28.64 29.26 -19.82
N ALA A 82 27.66 30.05 -19.34
CA ALA A 82 26.33 29.56 -18.96
C ALA A 82 25.68 28.77 -20.11
N ARG A 83 25.27 27.53 -19.83
CA ARG A 83 24.75 26.64 -20.85
C ARG A 83 23.23 26.76 -21.03
N TYR A 84 22.58 27.52 -20.14
CA TYR A 84 21.15 27.81 -20.28
C TYR A 84 20.88 29.25 -19.83
N HIS A 85 20.00 29.94 -20.58
CA HIS A 85 19.61 31.30 -20.31
C HIS A 85 18.41 31.37 -19.37
N LYS A 86 17.69 30.24 -19.23
CA LYS A 86 16.58 30.12 -18.29
C LYS A 86 16.82 28.92 -17.37
N ILE A 87 16.97 29.18 -16.06
CA ILE A 87 17.09 28.13 -15.05
C ILE A 87 15.83 28.19 -14.20
N VAL A 88 15.05 27.09 -14.20
CA VAL A 88 13.71 27.08 -13.65
C VAL A 88 13.66 26.20 -12.40
N ILE A 89 13.08 26.76 -11.33
CA ILE A 89 12.81 26.04 -10.09
C ILE A 89 11.38 25.50 -10.11
N MET A 90 11.25 24.18 -10.26
CA MET A 90 9.97 23.52 -10.38
C MET A 90 9.81 22.57 -9.20
N THR A 91 8.99 23.02 -8.23
CA THR A 91 8.73 22.28 -7.00
C THR A 91 7.22 22.17 -6.82
N ASP A 92 6.81 21.30 -5.89
CA ASP A 92 5.42 21.12 -5.51
C ASP A 92 4.90 22.43 -4.93
N ALA A 93 3.57 22.56 -4.95
CA ALA A 93 2.87 23.69 -4.37
C ALA A 93 2.55 23.41 -2.90
N ASP A 94 3.46 22.73 -2.18
CA ASP A 94 3.26 22.41 -0.77
C ASP A 94 4.33 23.13 0.05
N VAL A 95 4.32 22.93 1.36
CA VAL A 95 5.28 23.60 2.24
C VAL A 95 6.69 23.05 2.03
N ASP A 96 6.78 21.75 1.71
CA ASP A 96 8.05 21.12 1.42
C ASP A 96 8.64 21.65 0.12
N GLY A 97 7.80 21.77 -0.92
CA GLY A 97 8.24 22.36 -2.17
C GLY A 97 8.69 23.82 -2.00
N ALA A 98 8.19 24.50 -0.96
CA ALA A 98 8.62 25.87 -0.66
C ALA A 98 9.94 25.86 0.09
N HIS A 99 10.15 24.84 0.94
CA HIS A 99 11.42 24.60 1.62
C HIS A 99 12.55 24.41 0.61
N ILE A 100 12.36 23.48 -0.34
CA ILE A 100 13.32 23.19 -1.39
C ILE A 100 13.55 24.43 -2.23
N ARG A 101 12.52 25.26 -2.38
CA ARG A 101 12.66 26.51 -3.12
C ARG A 101 13.65 27.44 -2.41
N THR A 102 13.50 27.59 -1.08
CA THR A 102 14.36 28.46 -0.28
C THR A 102 15.78 27.90 -0.20
N LEU A 103 15.90 26.57 -0.31
CA LEU A 103 17.21 25.95 -0.32
C LEU A 103 17.93 26.34 -1.60
N LEU A 104 17.27 26.19 -2.76
CA LEU A 104 17.95 26.42 -4.01
C LEU A 104 18.37 27.88 -4.13
N LEU A 105 17.52 28.77 -3.62
CA LEU A 105 17.85 30.19 -3.70
C LEU A 105 19.01 30.53 -2.75
N THR A 106 19.13 29.80 -1.64
CA THR A 106 20.28 30.01 -0.76
C THR A 106 21.57 29.70 -1.53
N PHE A 107 21.58 28.54 -2.19
CA PHE A 107 22.70 28.10 -2.99
C PHE A 107 23.00 29.13 -4.09
N PHE A 108 22.01 29.49 -4.89
CA PHE A 108 22.20 30.52 -5.90
C PHE A 108 22.80 31.76 -5.27
N TYR A 109 22.17 32.27 -4.21
CA TYR A 109 22.59 33.55 -3.68
C TYR A 109 24.03 33.49 -3.16
N ARG A 110 24.47 32.33 -2.65
CA ARG A 110 25.77 32.30 -2.00
C ARG A 110 26.88 31.86 -2.94
N PHE A 111 26.54 31.39 -4.16
CA PHE A 111 27.53 30.76 -5.01
C PHE A 111 27.47 31.25 -6.44
N MET A 112 26.27 31.57 -6.88
CA MET A 112 26.06 32.02 -8.25
C MET A 112 25.31 33.33 -8.22
N ARG A 113 25.58 34.14 -7.21
CA ARG A 113 24.93 35.44 -7.04
C ARG A 113 24.89 36.19 -8.36
N PRO A 114 26.02 36.32 -9.11
CA PRO A 114 26.02 36.92 -10.45
C PRO A 114 24.81 36.53 -11.30
N LEU A 115 24.44 35.23 -11.28
CA LEU A 115 23.38 34.66 -12.11
C LEU A 115 21.99 35.26 -11.80
N ILE A 116 21.72 35.57 -10.53
CA ILE A 116 20.44 36.15 -10.15
C ILE A 116 20.24 37.53 -10.78
N GLU A 117 21.28 38.39 -10.69
CA GLU A 117 21.25 39.71 -11.31
C GLU A 117 20.85 39.58 -12.78
N ALA A 118 21.56 38.70 -13.49
CA ALA A 118 21.34 38.41 -14.90
C ALA A 118 19.94 37.84 -15.12
N GLY A 119 19.24 37.50 -14.03
CA GLY A 119 17.84 37.08 -14.07
C GLY A 119 17.62 35.89 -15.02
N TYR A 120 18.52 34.92 -14.97
CA TYR A 120 18.33 33.66 -15.70
C TYR A 120 17.55 32.67 -14.82
N VAL A 121 17.29 33.09 -13.57
CA VAL A 121 16.77 32.23 -12.54
C VAL A 121 15.29 32.53 -12.35
N TYR A 122 14.46 31.47 -12.46
CA TYR A 122 13.01 31.58 -12.52
C TYR A 122 12.38 30.56 -11.57
N ILE A 123 11.09 30.79 -11.23
CA ILE A 123 10.27 29.92 -10.40
C ILE A 123 8.96 29.60 -11.12
N ALA A 124 8.77 28.30 -11.41
CA ALA A 124 7.61 27.77 -12.13
C ALA A 124 6.35 28.06 -11.31
N GLN A 125 5.19 28.12 -11.99
CA GLN A 125 3.91 28.18 -11.30
C GLN A 125 3.15 26.90 -11.64
N PRO A 126 3.31 25.82 -10.86
CA PRO A 126 2.59 24.57 -11.16
C PRO A 126 1.11 24.74 -10.78
N PRO A 127 0.19 23.84 -11.17
CA PRO A 127 -1.17 23.89 -10.61
C PRO A 127 -1.13 23.88 -9.08
N THR A 128 -1.66 24.96 -8.47
CA THR A 128 -1.89 25.01 -7.02
C THR A 128 -3.05 24.08 -6.66
N GLY A 129 -2.81 22.78 -6.88
CA GLY A 129 -3.77 21.76 -6.54
C GLY A 129 -3.53 21.25 -5.11
N TYR A 130 -4.19 20.13 -4.81
CA TYR A 130 -3.90 19.25 -3.68
C TYR A 130 -2.89 18.20 -4.15
N LYS A 131 -2.90 17.93 -5.47
CA LYS A 131 -2.00 17.03 -6.18
C LYS A 131 -0.57 17.61 -6.21
N GLY A 132 0.44 16.76 -6.41
CA GLY A 132 1.82 17.22 -6.56
C GLY A 132 2.35 16.87 -7.94
N LEU A 133 3.58 17.32 -8.22
CA LEU A 133 4.14 17.22 -9.56
C LEU A 133 4.35 15.77 -9.97
N GLY A 134 4.41 14.88 -9.00
CA GLY A 134 4.66 13.49 -9.33
C GLY A 134 3.39 12.67 -9.61
N GLU A 135 2.23 13.33 -9.50
CA GLU A 135 0.95 12.66 -9.60
C GLU A 135 0.20 13.15 -10.84
N MET A 136 0.85 14.04 -11.60
CA MET A 136 0.26 14.61 -12.79
C MET A 136 0.67 13.85 -14.05
N ASN A 137 0.00 14.15 -15.19
CA ASN A 137 0.33 13.56 -16.48
C ASN A 137 1.43 14.39 -17.14
N ALA A 138 2.09 13.84 -18.16
CA ALA A 138 3.12 14.60 -18.84
C ALA A 138 2.48 15.73 -19.65
N ASP A 139 1.32 15.45 -20.27
CA ASP A 139 0.58 16.46 -21.01
C ASP A 139 -0.04 17.49 -20.06
N GLN A 140 -0.41 17.06 -18.84
CA GLN A 140 -0.87 17.99 -17.82
C GLN A 140 0.29 18.87 -17.37
N LEU A 141 1.49 18.27 -17.18
CA LEU A 141 2.67 19.02 -16.81
C LEU A 141 3.15 19.93 -17.93
N TRP A 142 2.99 19.47 -19.18
CA TRP A 142 3.45 20.18 -20.37
C TRP A 142 2.74 21.53 -20.50
N GLU A 143 1.40 21.49 -20.60
CA GLU A 143 0.65 22.67 -20.97
C GLU A 143 0.28 23.53 -19.76
N THR A 144 0.65 23.10 -18.56
CA THR A 144 0.36 23.89 -17.38
C THR A 144 1.60 24.60 -16.87
N THR A 145 2.78 23.99 -17.04
CA THR A 145 3.96 24.49 -16.39
C THR A 145 5.12 24.69 -17.36
N MET A 146 5.03 24.15 -18.58
CA MET A 146 6.23 24.01 -19.40
C MET A 146 6.07 24.65 -20.78
N ASN A 147 4.89 24.46 -21.38
CA ASN A 147 4.61 25.00 -22.71
C ASN A 147 4.90 26.50 -22.69
N PRO A 148 5.94 26.96 -23.43
CA PRO A 148 6.38 28.35 -23.40
C PRO A 148 5.23 29.33 -23.67
N GLU A 149 4.18 28.84 -24.37
CA GLU A 149 2.98 29.60 -24.68
C GLU A 149 2.17 29.91 -23.41
N HIS A 150 1.36 28.95 -22.96
CA HIS A 150 0.45 29.13 -21.82
C HIS A 150 1.12 28.74 -20.49
N ARG A 151 2.24 29.39 -20.15
CA ARG A 151 2.88 29.24 -18.85
C ARG A 151 3.20 30.62 -18.29
N ALA A 152 3.33 30.71 -16.96
CA ALA A 152 3.68 31.95 -16.31
C ALA A 152 4.84 31.66 -15.37
N LEU A 153 5.84 32.56 -15.40
CA LEU A 153 7.07 32.38 -14.65
C LEU A 153 7.29 33.59 -13.75
N LEU A 154 7.80 33.34 -12.55
CA LEU A 154 8.30 34.41 -11.72
C LEU A 154 9.82 34.49 -11.88
N GLN A 155 10.28 35.57 -12.49
CA GLN A 155 11.71 35.85 -12.58
C GLN A 155 12.20 36.41 -11.25
N VAL A 156 13.23 35.77 -10.69
CA VAL A 156 13.74 36.11 -9.38
C VAL A 156 14.58 37.38 -9.50
N LYS A 157 14.30 38.35 -8.62
CA LYS A 157 14.99 39.63 -8.67
C LYS A 157 15.53 40.02 -7.30
N LEU A 158 16.84 40.31 -7.24
CA LEU A 158 17.51 40.86 -6.06
C LEU A 158 17.61 42.37 -6.22
N GLU A 159 17.29 43.10 -5.14
CA GLU A 159 17.28 44.56 -5.21
C GLU A 159 17.79 45.22 -3.93
N ASP A 160 18.43 44.43 -3.07
CA ASP A 160 19.17 44.97 -1.93
C ASP A 160 19.94 43.83 -1.27
N ALA A 161 21.27 43.83 -1.48
CA ALA A 161 22.18 42.79 -1.02
C ALA A 161 22.33 42.81 0.50
N ILE A 162 22.43 44.00 1.10
CA ILE A 162 22.53 44.10 2.55
C ILE A 162 21.29 43.47 3.22
N GLU A 163 20.11 43.72 2.64
CA GLU A 163 18.86 43.12 3.10
C GLU A 163 18.93 41.61 2.86
N ALA A 164 19.49 41.19 1.71
CA ALA A 164 19.53 39.78 1.34
C ALA A 164 20.53 39.01 2.20
N ASP A 165 21.64 39.67 2.57
CA ASP A 165 22.67 39.09 3.40
C ASP A 165 22.10 38.74 4.78
N GLN A 166 21.45 39.71 5.43
CA GLN A 166 20.93 39.51 6.78
C GLN A 166 19.86 38.42 6.73
N THR A 167 19.05 38.40 5.66
CA THR A 167 17.91 37.49 5.59
C THR A 167 18.39 36.05 5.41
N PHE A 168 19.29 35.81 4.46
CA PHE A 168 19.75 34.45 4.23
C PHE A 168 20.45 33.89 5.46
N GLU A 169 21.11 34.76 6.24
CA GLU A 169 21.83 34.32 7.43
C GLU A 169 20.86 34.02 8.58
N MET A 170 19.81 34.83 8.72
CA MET A 170 18.81 34.63 9.78
C MET A 170 17.97 33.38 9.50
N LEU A 171 17.46 33.22 8.28
CA LEU A 171 16.62 32.08 7.97
C LEU A 171 17.44 30.80 7.87
N MET A 172 18.53 30.81 7.09
CA MET A 172 19.17 29.55 6.75
C MET A 172 20.45 29.33 7.54
N GLY A 173 20.73 30.25 8.49
CA GLY A 173 21.97 30.22 9.25
C GLY A 173 21.89 29.21 10.38
N ASP A 174 23.02 29.06 11.09
CA ASP A 174 23.22 28.00 12.07
C ASP A 174 22.72 28.41 13.46
N VAL A 175 22.63 29.72 13.70
CA VAL A 175 22.08 30.21 14.96
C VAL A 175 20.58 29.97 14.94
N VAL A 176 20.09 29.11 15.84
CA VAL A 176 18.67 28.78 15.84
C VAL A 176 17.90 29.95 16.45
N GLU A 177 18.47 30.57 17.46
CA GLU A 177 17.80 31.61 18.21
C GLU A 177 17.16 32.68 17.32
N ASN A 178 17.91 33.28 16.39
CA ASN A 178 17.37 34.35 15.57
C ASN A 178 16.24 33.83 14.70
N ARG A 179 16.40 32.59 14.22
CA ARG A 179 15.38 31.94 13.40
C ARG A 179 14.13 31.72 14.23
N ARG A 180 14.30 31.34 15.50
CA ARG A 180 13.17 31.13 16.38
C ARG A 180 12.40 32.43 16.57
N GLN A 181 13.13 33.56 16.62
CA GLN A 181 12.55 34.86 16.87
C GLN A 181 11.79 35.39 15.64
N PHE A 182 12.29 35.12 14.43
CA PHE A 182 11.58 35.59 13.24
C PHE A 182 10.26 34.84 13.07
N ILE A 183 10.26 33.57 13.49
CA ILE A 183 9.04 32.76 13.54
C ILE A 183 8.10 33.37 14.58
N GLU A 184 8.64 33.65 15.77
CA GLU A 184 7.83 34.18 16.85
C GLU A 184 7.18 35.48 16.44
N ASP A 185 7.87 36.27 15.63
CA ASP A 185 7.43 37.63 15.39
C ASP A 185 6.50 37.72 14.19
N ASN A 186 6.65 36.84 13.20
CA ASN A 186 5.86 37.01 11.99
C ASN A 186 4.79 35.94 11.81
N ALA A 187 4.82 34.92 12.67
CA ALA A 187 3.92 33.79 12.51
C ALA A 187 2.54 34.25 12.92
N VAL A 188 1.57 34.02 12.03
CA VAL A 188 0.18 34.27 12.39
C VAL A 188 -0.57 32.94 12.26
N TYR A 189 -1.09 32.51 13.41
CA TYR A 189 -1.79 31.25 13.63
C TYR A 189 -3.32 31.48 13.49
N ILE B 8 4.16 37.50 -17.66
CA ILE B 8 4.74 36.48 -16.70
C ILE B 8 4.98 37.09 -15.31
N ASN B 9 5.47 38.35 -15.26
CA ASN B 9 5.61 39.10 -14.00
C ASN B 9 6.89 38.65 -13.27
N GLU B 10 7.34 39.45 -12.28
CA GLU B 10 8.60 39.23 -11.56
C GLU B 10 8.35 38.72 -10.14
N ARG B 11 9.39 38.76 -9.28
CA ARG B 11 9.31 38.39 -7.86
C ARG B 11 10.60 38.74 -7.12
N ASN B 12 10.48 39.33 -5.91
CA ASN B 12 11.61 39.74 -5.07
C ASN B 12 12.19 38.51 -4.36
N ILE B 13 13.51 38.51 -4.08
CA ILE B 13 14.18 37.35 -3.51
C ILE B 13 14.16 37.38 -1.97
N THR B 14 14.23 38.58 -1.38
CA THR B 14 14.14 38.72 0.06
C THR B 14 12.72 38.40 0.52
N SER B 15 11.74 38.82 -0.29
CA SER B 15 10.33 38.58 0.00
C SER B 15 9.99 37.11 -0.24
N GLU B 16 10.58 36.49 -1.26
CA GLU B 16 10.36 35.09 -1.54
C GLU B 16 10.89 34.24 -0.38
N MET B 17 12.08 34.58 0.11
CA MET B 17 12.73 33.81 1.15
C MET B 17 11.90 33.87 2.42
N ARG B 18 11.47 35.06 2.82
CA ARG B 18 10.75 35.21 4.07
C ARG B 18 9.41 34.49 4.01
N GLU B 19 8.65 34.68 2.92
CA GLU B 19 7.32 34.10 2.81
C GLU B 19 7.40 32.59 2.74
N SER B 20 8.20 32.08 1.79
CA SER B 20 8.28 30.64 1.57
C SER B 20 8.88 29.95 2.79
N PHE B 21 9.75 30.63 3.54
CA PHE B 21 10.38 30.00 4.69
C PHE B 21 9.42 29.99 5.86
N LEU B 22 8.62 31.06 6.01
CA LEU B 22 7.68 31.14 7.11
C LEU B 22 6.56 30.14 6.96
N ASP B 23 6.19 29.80 5.71
CA ASP B 23 5.18 28.79 5.47
C ASP B 23 5.66 27.41 5.89
N TYR B 24 6.88 27.05 5.49
CA TYR B 24 7.44 25.78 5.87
C TYR B 24 7.53 25.67 7.39
N ALA B 25 8.08 26.72 8.03
CA ALA B 25 8.36 26.70 9.46
C ALA B 25 7.09 26.47 10.29
N MET B 26 6.05 27.31 10.08
CA MET B 26 4.82 27.22 10.86
C MET B 26 4.25 25.83 10.65
N SER B 27 4.23 25.39 9.41
CA SER B 27 3.71 24.08 9.08
C SER B 27 4.39 22.98 9.89
N VAL B 28 5.73 22.97 9.88
CA VAL B 28 6.48 21.97 10.64
C VAL B 28 6.14 22.11 12.12
N ILE B 29 6.03 23.36 12.59
CA ILE B 29 5.76 23.63 14.00
C ILE B 29 4.37 23.11 14.38
N VAL B 30 3.33 23.57 13.67
CA VAL B 30 1.97 23.35 14.12
C VAL B 30 1.36 22.14 13.44
N ALA B 31 2.02 21.52 12.46
CA ALA B 31 1.32 20.48 11.72
C ALA B 31 2.25 19.38 11.24
N ARG B 32 3.16 18.92 12.09
CA ARG B 32 4.08 17.85 11.73
C ARG B 32 4.90 17.43 12.94
N ALA B 33 5.67 18.37 13.53
CA ALA B 33 6.72 17.96 14.45
C ALA B 33 6.32 17.98 15.92
N LEU B 34 5.34 18.82 16.30
CA LEU B 34 5.03 19.00 17.71
C LEU B 34 3.68 18.38 18.09
N PRO B 35 3.56 17.84 19.32
CA PRO B 35 2.29 17.28 19.81
C PRO B 35 1.41 18.35 20.42
N ASP B 36 0.09 18.15 20.34
CA ASP B 36 -0.88 19.00 21.02
C ASP B 36 -0.85 18.61 22.49
N VAL B 37 -0.96 19.60 23.36
CA VAL B 37 -0.88 19.38 24.79
C VAL B 37 -1.99 18.46 25.31
N ARG B 38 -3.11 18.39 24.57
CA ARG B 38 -4.33 17.73 25.04
C ARG B 38 -4.29 16.23 24.81
N ASP B 39 -3.93 15.78 23.60
CA ASP B 39 -3.92 14.35 23.35
C ASP B 39 -2.49 13.86 23.18
N GLY B 40 -1.55 14.81 23.18
CA GLY B 40 -0.12 14.50 23.10
C GLY B 40 0.23 13.82 21.78
N LEU B 41 -0.48 14.14 20.70
CA LEU B 41 -0.25 13.49 19.43
C LEU B 41 0.24 14.51 18.42
N LYS B 42 1.21 14.08 17.59
CA LYS B 42 1.50 14.77 16.35
C LYS B 42 0.46 14.38 15.31
N PRO B 43 0.31 15.17 14.24
CA PRO B 43 -0.65 14.85 13.17
C PRO B 43 -0.63 13.43 12.60
N VAL B 44 0.56 12.91 12.28
CA VAL B 44 0.65 11.59 11.68
C VAL B 44 0.09 10.57 12.68
N HIS B 45 0.30 10.80 13.98
CA HIS B 45 -0.14 9.85 14.99
C HIS B 45 -1.66 9.86 15.06
N ARG B 46 -2.20 11.09 15.13
CA ARG B 46 -3.63 11.30 15.31
C ARG B 46 -4.35 10.63 14.15
N ARG B 47 -3.78 10.74 12.96
CA ARG B 47 -4.41 10.29 11.71
C ARG B 47 -4.39 8.78 11.66
N ILE B 48 -3.31 8.18 12.13
CA ILE B 48 -3.22 6.74 12.07
C ILE B 48 -4.26 6.18 13.02
N LEU B 49 -4.35 6.70 14.23
CA LEU B 49 -5.25 6.09 15.19
C LEU B 49 -6.68 6.33 14.70
N TYR B 50 -6.92 7.53 14.16
CA TYR B 50 -8.26 7.81 13.70
C TYR B 50 -8.60 6.90 12.53
N GLY B 51 -7.61 6.67 11.67
CA GLY B 51 -7.73 5.74 10.56
C GLY B 51 -8.07 4.35 11.04
N LEU B 52 -7.32 3.85 12.01
CA LEU B 52 -7.66 2.56 12.57
C LEU B 52 -9.08 2.53 13.14
N ASN B 53 -9.56 3.69 13.61
CA ASN B 53 -10.89 3.77 14.20
C ASN B 53 -11.92 3.75 13.09
N GLU B 54 -11.69 4.49 12.01
CA GLU B 54 -12.63 4.58 10.90
C GLU B 54 -12.61 3.32 10.04
N GLN B 55 -11.68 2.40 10.28
CA GLN B 55 -11.66 1.16 9.53
C GLN B 55 -12.18 -0.01 10.39
N GLY B 56 -12.60 0.26 11.63
CA GLY B 56 -13.09 -0.75 12.55
C GLY B 56 -12.02 -1.73 13.03
N MET B 57 -10.81 -1.20 13.19
CA MET B 57 -9.66 -1.98 13.60
C MET B 57 -9.50 -1.91 15.12
N THR B 58 -10.50 -2.42 15.83
CA THR B 58 -10.47 -2.39 17.29
C THR B 58 -9.94 -3.73 17.78
N PRO B 59 -9.53 -3.79 19.06
CA PRO B 59 -8.92 -5.01 19.61
C PRO B 59 -9.63 -6.32 19.38
N ASP B 60 -10.97 -6.30 19.42
CA ASP B 60 -11.78 -7.51 19.21
C ASP B 60 -11.66 -8.01 17.76
N LYS B 61 -11.54 -7.05 16.83
CA LYS B 61 -11.50 -7.37 15.42
C LYS B 61 -10.15 -7.98 15.05
N SER B 62 -10.15 -8.70 13.93
CA SER B 62 -8.99 -9.37 13.40
C SER B 62 -7.93 -8.37 12.94
N TYR B 63 -6.70 -8.84 12.76
CA TYR B 63 -5.64 -7.97 12.29
C TYR B 63 -5.84 -7.62 10.81
N LYS B 64 -5.39 -6.42 10.38
CA LYS B 64 -5.46 -6.02 8.98
C LYS B 64 -4.05 -5.77 8.45
N LYS B 65 -3.84 -6.11 7.17
CA LYS B 65 -2.55 -5.89 6.52
C LYS B 65 -2.10 -4.44 6.71
N SER B 66 -0.83 -4.23 7.08
CA SER B 66 -0.39 -2.87 7.33
C SER B 66 -0.42 -2.06 6.04
N ALA B 67 -0.23 -2.73 4.89
CA ALA B 67 -0.24 -2.09 3.58
C ALA B 67 -1.51 -1.25 3.39
N ARG B 68 -2.66 -1.82 3.77
CA ARG B 68 -3.98 -1.27 3.59
C ARG B 68 -4.28 -0.20 4.65
N ILE B 69 -3.79 -0.41 5.86
CA ILE B 69 -3.91 0.65 6.86
C ILE B 69 -3.22 1.92 6.37
N VAL B 70 -1.96 1.77 5.96
CA VAL B 70 -1.15 2.91 5.59
C VAL B 70 -1.74 3.59 4.36
N GLY B 71 -2.21 2.77 3.41
CA GLY B 71 -2.78 3.21 2.14
C GLY B 71 -4.07 4.01 2.35
N ASP B 72 -4.87 3.56 3.34
CA ASP B 72 -6.07 4.27 3.73
C ASP B 72 -5.71 5.63 4.33
N VAL B 73 -4.81 5.62 5.32
CA VAL B 73 -4.43 6.84 6.00
C VAL B 73 -3.76 7.79 5.00
N MET B 74 -2.98 7.24 4.07
CA MET B 74 -2.29 8.03 3.08
C MET B 74 -3.28 8.79 2.18
N GLY B 75 -4.14 8.06 1.47
CA GLY B 75 -5.06 8.67 0.49
C GLY B 75 -6.17 9.53 1.10
N LYS B 76 -6.49 9.30 2.39
CA LYS B 76 -7.61 9.93 3.09
C LYS B 76 -7.19 11.17 3.88
N TYR B 77 -6.19 11.04 4.75
CA TYR B 77 -5.89 12.14 5.65
C TYR B 77 -4.45 12.63 5.53
N HIS B 78 -3.52 11.77 5.09
CA HIS B 78 -2.11 12.11 5.25
C HIS B 78 -1.37 12.04 3.93
N PRO B 79 -1.25 13.19 3.23
CA PRO B 79 -0.71 13.24 1.87
C PRO B 79 0.81 13.35 1.86
N HIS B 80 1.47 12.37 2.49
CA HIS B 80 2.92 12.32 2.60
C HIS B 80 3.41 10.93 2.19
N GLY B 81 4.74 10.76 2.14
CA GLY B 81 5.35 9.48 1.83
C GLY B 81 4.95 8.39 2.81
N ASP B 82 4.94 7.14 2.36
CA ASP B 82 4.28 6.07 3.08
C ASP B 82 5.12 5.58 4.26
N SER B 83 6.44 5.67 4.13
CA SER B 83 7.35 5.28 5.19
C SER B 83 7.25 6.21 6.41
N SER B 84 6.98 7.51 6.18
CA SER B 84 6.66 8.42 7.28
C SER B 84 5.45 7.91 8.07
N ILE B 85 4.46 7.32 7.39
CA ILE B 85 3.31 6.78 8.09
C ILE B 85 3.71 5.48 8.76
N TYR B 86 4.14 4.51 7.96
CA TYR B 86 4.35 3.16 8.46
C TYR B 86 5.28 3.14 9.67
N GLU B 87 6.37 3.93 9.64
CA GLU B 87 7.40 3.93 10.67
C GLU B 87 6.87 4.45 12.01
N ALA B 88 6.06 5.52 11.94
CA ALA B 88 5.37 6.07 13.09
C ALA B 88 4.43 5.02 13.70
N MET B 89 3.73 4.29 12.82
CA MET B 89 2.83 3.24 13.26
C MET B 89 3.63 2.10 13.88
N VAL B 90 4.84 1.84 13.37
CA VAL B 90 5.68 0.80 13.95
C VAL B 90 6.23 1.25 15.31
N ARG B 91 6.51 2.55 15.49
CA ARG B 91 6.97 3.04 16.77
C ARG B 91 5.88 2.80 17.80
N MET B 92 4.65 3.15 17.45
CA MET B 92 3.54 3.02 18.37
C MET B 92 3.30 1.57 18.80
N ALA B 93 3.90 0.61 18.08
CA ALA B 93 3.61 -0.80 18.29
C ALA B 93 4.70 -1.47 19.12
N GLN B 94 5.81 -0.77 19.43
CA GLN B 94 6.94 -1.35 20.13
C GLN B 94 6.88 -0.98 21.60
N ASP B 95 7.03 -1.99 22.48
CA ASP B 95 7.00 -1.81 23.92
C ASP B 95 8.33 -1.28 24.48
N PHE B 96 9.33 -1.07 23.63
CA PHE B 96 10.55 -0.43 24.10
C PHE B 96 10.56 1.02 23.65
N SER B 97 9.51 1.41 22.90
CA SER B 97 9.38 2.78 22.42
C SER B 97 8.29 3.51 23.17
N TYR B 98 7.13 2.85 23.30
CA TYR B 98 5.93 3.42 23.89
C TYR B 98 5.72 2.84 25.28
N ARG B 99 5.68 3.72 26.28
CA ARG B 99 5.42 3.30 27.65
C ARG B 99 4.02 2.68 27.73
N TYR B 100 3.10 3.22 26.92
CA TYR B 100 1.78 2.62 26.73
C TYR B 100 1.54 2.48 25.24
N PRO B 101 1.92 1.32 24.65
CA PRO B 101 1.74 1.10 23.21
C PRO B 101 0.31 1.34 22.73
N LEU B 102 0.21 1.98 21.57
CA LEU B 102 -1.06 2.38 20.98
C LEU B 102 -1.44 1.46 19.82
N VAL B 103 -0.49 0.69 19.29
CA VAL B 103 -0.79 -0.23 18.21
C VAL B 103 -0.46 -1.66 18.59
N ASP B 104 -1.32 -2.58 18.14
CA ASP B 104 -1.13 -4.00 18.35
C ASP B 104 -0.69 -4.62 17.01
N GLY B 105 0.61 -4.92 16.86
CA GLY B 105 1.16 -5.37 15.58
C GLY B 105 1.40 -6.87 15.55
N GLN B 106 1.25 -7.49 14.37
CA GLN B 106 1.52 -8.91 14.22
C GLN B 106 2.50 -9.11 13.07
N GLY B 107 3.52 -9.91 13.32
CA GLY B 107 4.67 -9.97 12.42
C GLY B 107 5.89 -9.34 13.09
N ASN B 108 6.93 -9.06 12.31
CA ASN B 108 8.17 -8.51 12.84
C ASN B 108 8.10 -6.97 12.91
N PHE B 109 8.23 -6.43 14.12
CA PHE B 109 8.11 -5.00 14.30
C PHE B 109 9.33 -4.39 14.97
N GLY B 110 10.45 -5.14 14.94
CA GLY B 110 11.80 -4.69 15.30
C GLY B 110 12.26 -5.21 16.67
N SER B 111 13.30 -4.56 17.19
CA SER B 111 13.88 -4.89 18.48
C SER B 111 14.70 -3.70 18.95
N MET B 112 15.26 -3.84 20.17
CA MET B 112 16.09 -2.81 20.77
C MET B 112 17.45 -2.72 20.08
N ASP B 113 17.80 -3.74 19.29
CA ASP B 113 19.06 -3.78 18.55
C ASP B 113 19.01 -2.87 17.32
N GLY B 114 17.88 -2.17 17.13
CA GLY B 114 17.72 -1.18 16.08
C GLY B 114 17.33 -1.75 14.71
N ASP B 115 17.25 -3.10 14.62
CA ASP B 115 16.72 -3.82 13.46
C ASP B 115 15.32 -3.28 13.22
N GLY B 116 15.05 -2.85 11.99
CA GLY B 116 13.74 -2.28 11.69
C GLY B 116 12.61 -3.31 11.67
N ALA B 117 11.39 -2.81 11.43
CA ALA B 117 10.29 -3.71 11.11
C ALA B 117 10.38 -4.16 9.65
N ALA B 118 9.83 -5.36 9.36
CA ALA B 118 9.69 -5.83 8.01
C ALA B 118 8.86 -4.81 7.22
N ALA B 119 8.98 -4.81 5.89
CA ALA B 119 8.15 -3.90 5.12
C ALA B 119 6.67 -4.19 5.35
N MET B 120 5.82 -3.18 5.10
CA MET B 120 4.43 -3.24 5.53
C MET B 120 3.61 -4.36 4.88
N ARG B 121 4.12 -5.00 3.80
CA ARG B 121 3.36 -6.08 3.17
C ARG B 121 3.54 -7.38 3.95
N TYR B 122 4.48 -7.38 4.90
CA TYR B 122 4.73 -8.55 5.71
C TYR B 122 4.05 -8.43 7.07
N THR B 123 3.43 -7.29 7.40
CA THR B 123 2.91 -7.08 8.75
C THR B 123 1.39 -6.77 8.74
N GLU B 124 0.77 -6.96 9.91
CA GLU B 124 -0.62 -6.58 10.15
C GLU B 124 -0.71 -5.80 11.46
N ALA B 125 -1.83 -5.12 11.70
CA ALA B 125 -1.99 -4.32 12.89
C ALA B 125 -3.46 -4.21 13.31
N ARG B 126 -3.68 -3.67 14.53
CA ARG B 126 -4.97 -3.17 14.99
C ARG B 126 -4.73 -2.32 16.22
N MET B 127 -5.78 -1.73 16.80
CA MET B 127 -5.60 -0.91 17.98
C MET B 127 -5.19 -1.75 19.18
N THR B 128 -4.65 -1.09 20.21
CA THR B 128 -4.53 -1.71 21.53
C THR B 128 -5.78 -1.32 22.32
N LYS B 129 -6.01 -2.02 23.43
CA LYS B 129 -7.17 -1.67 24.22
C LYS B 129 -7.01 -0.27 24.84
N ILE B 130 -5.77 0.15 25.17
CA ILE B 130 -5.63 1.47 25.78
C ILE B 130 -5.93 2.57 24.75
N THR B 131 -5.80 2.24 23.45
CA THR B 131 -6.03 3.23 22.40
C THR B 131 -7.50 3.65 22.37
N LEU B 132 -8.38 2.67 22.59
CA LEU B 132 -9.82 2.93 22.61
C LEU B 132 -10.15 4.05 23.58
N GLU B 133 -9.35 4.17 24.65
CA GLU B 133 -9.54 5.25 25.60
C GLU B 133 -9.22 6.59 24.97
N LEU B 134 -8.31 6.60 23.97
CA LEU B 134 -7.98 7.83 23.29
C LEU B 134 -9.13 8.26 22.37
N LEU B 135 -9.84 7.24 21.87
CA LEU B 135 -10.89 7.48 20.90
C LEU B 135 -12.25 7.51 21.57
N ARG B 136 -12.38 7.12 22.84
CA ARG B 136 -13.66 6.99 23.53
C ARG B 136 -14.52 8.25 23.39
N ASP B 137 -15.74 8.07 22.86
CA ASP B 137 -16.75 9.12 22.82
C ASP B 137 -16.43 10.14 21.73
N ILE B 138 -15.62 9.75 20.74
CA ILE B 138 -15.20 10.69 19.70
C ILE B 138 -16.42 11.05 18.85
N ASN B 139 -17.43 10.18 18.90
CA ASN B 139 -18.59 10.32 18.03
C ASN B 139 -19.75 10.96 18.77
N LYS B 140 -19.46 11.59 19.91
CA LYS B 140 -20.51 12.20 20.71
C LYS B 140 -20.31 13.71 20.77
N ASP B 141 -19.93 14.33 19.65
CA ASP B 141 -19.66 15.77 19.55
C ASP B 141 -18.71 16.23 20.68
N THR B 142 -17.65 15.47 20.93
CA THR B 142 -16.80 15.79 22.06
C THR B 142 -15.66 16.71 21.63
N ILE B 143 -15.15 16.54 20.40
CA ILE B 143 -14.00 17.26 19.89
C ILE B 143 -14.37 17.87 18.53
N ASP B 144 -13.60 18.86 18.06
CA ASP B 144 -13.97 19.55 16.83
C ASP B 144 -13.31 18.91 15.62
N PHE B 145 -14.15 18.46 14.67
CA PHE B 145 -13.66 17.93 13.41
C PHE B 145 -13.35 19.07 12.46
N ILE B 146 -12.61 18.74 11.38
CA ILE B 146 -12.27 19.68 10.34
C ILE B 146 -12.27 18.92 9.04
N ASP B 147 -12.21 19.66 7.95
CA ASP B 147 -12.03 19.09 6.63
C ASP B 147 -10.60 18.59 6.44
N ASN B 148 -10.45 17.48 5.70
CA ASN B 148 -9.15 16.96 5.32
C ASN B 148 -8.56 17.85 4.21
N TYR B 149 -7.43 17.41 3.62
CA TYR B 149 -6.70 18.18 2.62
C TYR B 149 -7.54 18.36 1.35
N ASP B 150 -7.93 17.24 0.70
CA ASP B 150 -8.63 17.26 -0.57
C ASP B 150 -10.10 17.64 -0.37
N GLY B 151 -10.40 18.30 0.77
CA GLY B 151 -11.77 18.64 1.14
C GLY B 151 -12.79 17.50 0.95
N ASN B 152 -12.31 16.26 0.85
CA ASN B 152 -13.13 15.09 0.58
C ASN B 152 -13.52 14.35 1.85
N GLU B 153 -12.81 14.58 2.97
CA GLU B 153 -13.08 13.83 4.19
C GLU B 153 -13.10 14.76 5.39
N ARG B 154 -13.52 14.20 6.52
CA ARG B 154 -13.47 14.92 7.78
C ARG B 154 -12.48 14.19 8.70
N GLU B 155 -11.66 14.96 9.43
CA GLU B 155 -10.74 14.35 10.38
C GLU B 155 -10.76 15.18 11.66
N PRO B 156 -10.47 14.55 12.84
CA PRO B 156 -10.48 15.28 14.10
C PRO B 156 -9.28 16.21 14.31
N SER B 157 -9.57 17.35 14.96
CA SER B 157 -8.57 18.33 15.38
C SER B 157 -7.79 17.85 16.59
N VAL B 158 -8.40 16.92 17.35
CA VAL B 158 -7.82 16.39 18.57
C VAL B 158 -8.60 15.14 18.94
N LEU B 159 -8.00 14.23 19.69
CA LEU B 159 -8.82 13.13 20.19
C LEU B 159 -9.32 13.43 21.61
N PRO B 160 -10.45 12.82 22.03
CA PRO B 160 -10.93 12.95 23.40
C PRO B 160 -9.85 12.58 24.42
N ALA B 161 -9.06 11.55 24.14
CA ALA B 161 -7.90 11.32 24.99
C ALA B 161 -8.31 11.21 26.45
N ARG B 162 -8.97 10.11 26.77
CA ARG B 162 -9.48 9.93 28.11
C ARG B 162 -8.34 9.67 29.11
N PHE B 163 -7.10 9.44 28.67
CA PHE B 163 -6.00 9.47 29.64
C PHE B 163 -4.93 10.48 29.21
N PRO B 164 -4.08 10.99 30.14
CA PRO B 164 -3.12 12.07 29.87
C PRO B 164 -1.90 11.61 29.05
N ASN B 165 -2.05 11.65 27.74
CA ASN B 165 -1.22 10.83 26.89
C ASN B 165 0.08 11.54 26.57
N LEU B 166 0.09 12.88 26.64
CA LEU B 166 1.31 13.62 26.36
C LEU B 166 2.42 13.20 27.32
N LEU B 167 2.09 13.19 28.62
CA LEU B 167 3.10 12.78 29.57
C LEU B 167 3.24 11.26 29.63
N ALA B 168 2.18 10.53 29.26
CA ALA B 168 2.17 9.08 29.39
C ALA B 168 3.24 8.47 28.50
N ASN B 169 3.22 8.80 27.20
CA ASN B 169 4.14 8.23 26.23
C ASN B 169 5.30 9.18 25.93
N GLY B 170 5.09 10.49 26.19
CA GLY B 170 6.15 11.47 25.97
C GLY B 170 6.31 11.80 24.50
N ALA B 171 7.22 12.71 24.16
CA ALA B 171 7.40 13.13 22.77
C ALA B 171 8.85 13.50 22.52
N SER B 172 9.29 13.25 21.29
CA SER B 172 10.52 13.77 20.72
C SER B 172 10.12 14.26 19.35
N GLY B 173 10.59 15.44 18.97
CA GLY B 173 10.26 15.97 17.66
C GLY B 173 11.07 17.22 17.34
N ILE B 174 11.64 17.23 16.14
CA ILE B 174 12.47 18.33 15.69
C ILE B 174 11.66 19.23 14.75
N ALA B 175 11.38 20.44 15.20
CA ALA B 175 10.62 21.35 14.37
C ALA B 175 11.56 22.24 13.56
N VAL B 176 11.21 23.53 13.45
CA VAL B 176 12.08 24.54 12.89
C VAL B 176 12.13 25.66 13.91
N GLY B 177 13.34 26.03 14.36
CA GLY B 177 13.47 27.08 15.36
C GLY B 177 13.19 26.56 16.78
N MET B 178 12.68 25.34 16.87
CA MET B 178 12.54 24.71 18.17
C MET B 178 12.37 23.20 18.00
N ALA B 179 12.62 22.47 19.07
CA ALA B 179 12.37 21.04 19.14
C ALA B 179 11.71 20.69 20.47
N THR B 180 11.44 19.40 20.68
CA THR B 180 10.74 19.02 21.90
C THR B 180 11.35 17.70 22.37
N ASN B 181 11.23 17.48 23.69
CA ASN B 181 11.66 16.23 24.29
C ASN B 181 10.94 16.04 25.63
N ILE B 182 9.95 15.14 25.67
CA ILE B 182 9.18 14.93 26.88
C ILE B 182 9.26 13.45 27.22
N PRO B 183 9.73 13.05 28.44
CA PRO B 183 9.91 11.64 28.75
C PRO B 183 8.60 10.94 29.13
N PRO B 184 8.45 9.61 28.88
CA PRO B 184 7.21 8.92 29.26
C PRO B 184 7.07 8.84 30.78
N HIS B 185 5.82 8.64 31.27
CA HIS B 185 5.53 8.55 32.69
C HIS B 185 4.71 7.30 33.03
N ASN B 186 4.60 7.01 34.32
CA ASN B 186 3.74 5.96 34.81
C ASN B 186 2.29 6.46 34.81
N LEU B 187 1.40 5.70 34.18
CA LEU B 187 0.04 6.17 33.99
C LEU B 187 -0.66 6.26 35.36
N THR B 188 -0.37 5.33 36.27
CA THR B 188 -1.01 5.39 37.58
C THR B 188 -0.66 6.71 38.26
N GLU B 189 0.64 7.08 38.28
CA GLU B 189 1.13 8.26 38.98
C GLU B 189 0.57 9.49 38.28
N LEU B 190 0.53 9.43 36.96
CA LEU B 190 0.02 10.56 36.20
C LEU B 190 -1.45 10.86 36.55
N ILE B 191 -2.30 9.84 36.66
CA ILE B 191 -3.72 10.09 36.86
C ILE B 191 -3.93 10.58 38.27
N ASN B 192 -3.22 9.96 39.22
CA ASN B 192 -3.23 10.39 40.61
C ASN B 192 -2.92 11.89 40.69
N GLY B 193 -1.93 12.34 39.89
CA GLY B 193 -1.59 13.74 39.81
C GLY B 193 -2.80 14.59 39.43
N VAL B 194 -3.52 14.14 38.41
CA VAL B 194 -4.68 14.85 37.86
C VAL B 194 -5.79 14.93 38.92
N LEU B 195 -6.06 13.80 39.59
CA LEU B 195 -6.99 13.71 40.72
C LEU B 195 -6.62 14.66 41.86
N SER B 196 -5.33 14.79 42.17
CA SER B 196 -4.91 15.76 43.17
C SER B 196 -5.18 17.19 42.70
N LEU B 197 -4.80 17.48 41.45
CA LEU B 197 -4.94 18.83 40.91
C LEU B 197 -6.42 19.23 40.83
N SER B 198 -7.28 18.23 40.58
CA SER B 198 -8.70 18.44 40.38
C SER B 198 -9.37 18.89 41.68
N LYS B 199 -8.82 18.44 42.80
CA LYS B 199 -9.35 18.81 44.10
C LYS B 199 -8.47 19.88 44.74
N ASN B 200 -7.78 20.70 43.91
CA ASN B 200 -6.91 21.76 44.39
C ASN B 200 -6.26 22.48 43.21
N PRO B 201 -6.80 23.63 42.74
CA PRO B 201 -6.24 24.32 41.59
C PRO B 201 -4.89 24.98 41.90
N ASP B 202 -4.46 24.98 43.18
CA ASP B 202 -3.32 25.78 43.58
C ASP B 202 -2.21 24.88 44.06
N ILE B 203 -2.28 23.59 43.70
CA ILE B 203 -1.26 22.64 44.10
C ILE B 203 0.09 23.07 43.53
N SER B 204 1.17 22.89 44.30
CA SER B 204 2.51 23.22 43.82
C SER B 204 3.13 22.02 43.10
N ILE B 205 4.16 22.26 42.28
CA ILE B 205 4.90 21.17 41.65
C ILE B 205 5.44 20.24 42.73
N ALA B 206 5.84 20.83 43.87
CA ALA B 206 6.39 20.07 44.98
C ALA B 206 5.39 19.01 45.43
N GLU B 207 4.11 19.42 45.51
CA GLU B 207 3.04 18.52 45.92
C GLU B 207 2.77 17.51 44.83
N LEU B 208 2.68 18.00 43.59
CA LEU B 208 2.39 17.13 42.46
C LEU B 208 3.44 16.01 42.37
N MET B 209 4.66 16.27 42.87
CA MET B 209 5.76 15.32 42.75
C MET B 209 5.57 14.15 43.72
N GLU B 210 4.60 14.29 44.66
CA GLU B 210 4.31 13.25 45.61
C GLU B 210 3.43 12.19 44.99
N ASP B 211 2.82 12.53 43.85
CA ASP B 211 2.19 11.53 42.99
C ASP B 211 3.18 11.11 41.91
N ILE B 212 3.66 12.09 41.13
CA ILE B 212 4.52 11.79 40.01
C ILE B 212 5.98 11.87 40.45
N GLU B 213 6.61 10.72 40.64
CA GLU B 213 7.98 10.70 41.12
C GLU B 213 8.92 11.19 40.02
N GLY B 214 8.59 10.90 38.76
CA GLY B 214 9.44 11.33 37.66
C GLY B 214 9.23 10.44 36.45
N PRO B 215 10.06 10.53 35.39
CA PRO B 215 9.87 9.72 34.21
C PRO B 215 9.72 8.23 34.57
N ASP B 216 9.14 7.47 33.64
CA ASP B 216 9.07 6.03 33.78
C ASP B 216 9.23 5.44 32.39
N PHE B 217 10.45 5.01 32.08
CA PHE B 217 10.75 4.62 30.70
C PHE B 217 10.26 3.20 30.41
N PRO B 218 9.81 2.89 29.18
CA PRO B 218 9.46 1.49 28.87
C PRO B 218 10.63 0.55 29.07
N THR B 219 11.85 1.03 28.79
CA THR B 219 13.03 0.19 28.88
C THR B 219 13.56 0.10 30.31
N ALA B 220 12.87 0.74 31.28
CA ALA B 220 13.21 0.74 32.71
C ALA B 220 14.57 1.39 32.97
N GLY B 221 15.38 0.76 33.82
CA GLY B 221 16.69 1.29 34.19
C GLY B 221 16.62 2.18 35.44
N LEU B 222 17.65 2.99 35.66
CA LEU B 222 17.75 3.84 36.84
C LEU B 222 17.80 5.29 36.40
N ILE B 223 17.44 6.19 37.31
CA ILE B 223 17.63 7.62 37.19
C ILE B 223 18.33 8.05 38.45
N LEU B 224 19.51 8.73 38.32
CA LEU B 224 20.29 9.27 39.42
C LEU B 224 19.80 10.66 39.84
N GLY B 225 19.26 10.77 41.06
CA GLY B 225 18.92 12.04 41.70
C GLY B 225 17.53 12.57 41.29
N LYS B 226 16.88 13.29 42.22
CA LYS B 226 15.56 13.89 41.99
C LYS B 226 15.67 15.35 41.53
N SER B 227 16.92 15.84 41.42
CA SER B 227 17.20 17.25 41.19
C SER B 227 16.99 17.62 39.72
N GLY B 228 17.48 16.77 38.80
CA GLY B 228 17.26 16.98 37.38
C GLY B 228 15.78 16.97 37.05
N ILE B 229 15.03 16.08 37.74
CA ILE B 229 13.60 15.93 37.56
C ILE B 229 12.88 17.18 38.06
N ARG B 230 13.32 17.72 39.21
CA ARG B 230 12.65 18.87 39.77
C ARG B 230 12.78 20.08 38.85
N ARG B 231 14.00 20.27 38.32
CA ARG B 231 14.26 21.38 37.40
C ARG B 231 13.38 21.24 36.15
N ALA B 232 13.19 19.99 35.69
CA ALA B 232 12.37 19.69 34.51
C ALA B 232 10.93 20.08 34.80
N TYR B 233 10.46 19.73 36.00
CA TYR B 233 9.05 19.84 36.31
C TYR B 233 8.66 21.27 36.62
N GLU B 234 9.61 22.09 37.07
CA GLU B 234 9.26 23.45 37.42
C GLU B 234 9.44 24.41 36.26
N THR B 235 10.32 24.10 35.30
CA THR B 235 10.64 25.07 34.26
C THR B 235 10.36 24.53 32.86
N GLY B 236 10.29 23.21 32.71
CA GLY B 236 10.02 22.61 31.41
C GLY B 236 11.30 22.11 30.76
N ARG B 237 12.42 22.36 31.43
CA ARG B 237 13.71 22.04 30.87
C ARG B 237 14.61 21.58 32.01
N GLY B 238 15.39 20.53 31.75
CA GLY B 238 16.33 20.01 32.72
C GLY B 238 16.94 18.71 32.19
N SER B 239 18.18 18.42 32.62
CA SER B 239 18.81 17.20 32.17
C SER B 239 18.61 16.09 33.22
N ILE B 240 18.26 14.88 32.75
CA ILE B 240 17.96 13.75 33.62
C ILE B 240 18.91 12.61 33.32
N GLN B 241 19.48 11.98 34.36
CA GLN B 241 20.55 11.01 34.22
C GLN B 241 20.07 9.55 34.24
N MET B 242 20.15 8.89 33.06
CA MET B 242 19.68 7.53 32.87
C MET B 242 20.84 6.56 32.94
N ARG B 243 20.77 5.63 33.89
CA ARG B 243 21.82 4.62 34.03
C ARG B 243 21.23 3.22 33.82
N SER B 244 21.97 2.35 33.12
CA SER B 244 21.60 0.97 32.89
C SER B 244 21.59 0.21 34.20
N ARG B 245 20.86 -0.91 34.20
CA ARG B 245 20.86 -1.79 35.35
C ARG B 245 21.91 -2.87 35.13
N ALA B 246 23.02 -2.69 35.86
CA ALA B 246 24.09 -3.67 35.75
C ALA B 246 24.50 -4.09 37.16
N VAL B 247 24.92 -5.35 37.31
CA VAL B 247 25.45 -5.89 38.55
C VAL B 247 26.76 -6.63 38.28
N ILE B 248 27.48 -6.91 39.36
CA ILE B 248 28.73 -7.67 39.34
C ILE B 248 28.44 -8.99 40.03
N GLU B 249 28.82 -10.08 39.36
CA GLU B 249 28.63 -11.42 39.92
C GLU B 249 29.85 -12.26 39.58
N GLU B 250 29.99 -13.41 40.27
CA GLU B 250 31.07 -14.32 40.00
C GLU B 250 30.78 -15.18 38.78
N ARG B 251 31.85 -15.63 38.14
CA ARG B 251 31.71 -16.50 37.00
C ARG B 251 32.45 -17.81 37.27
N GLY B 252 33.03 -17.92 38.46
CA GLY B 252 33.80 -19.10 38.83
C GLY B 252 35.30 -18.90 38.60
N GLY B 253 36.11 -19.55 39.46
CA GLY B 253 37.56 -19.46 39.42
C GLY B 253 38.07 -18.13 39.97
N GLY B 254 37.24 -17.52 40.82
CA GLY B 254 37.57 -16.26 41.48
C GLY B 254 37.49 -15.05 40.56
N ARG B 255 36.94 -15.24 39.34
CA ARG B 255 36.81 -14.16 38.35
C ARG B 255 35.40 -13.58 38.43
N GLN B 256 35.15 -12.46 37.75
CA GLN B 256 33.84 -11.80 37.84
C GLN B 256 33.40 -11.26 36.48
N ARG B 257 32.09 -11.00 36.37
CA ARG B 257 31.58 -10.34 35.18
C ARG B 257 30.57 -9.26 35.58
N ILE B 258 30.36 -8.33 34.65
CA ILE B 258 29.28 -7.37 34.74
C ILE B 258 28.11 -7.88 33.88
N VAL B 259 26.87 -7.82 34.43
CA VAL B 259 25.68 -8.27 33.73
C VAL B 259 24.67 -7.11 33.59
N VAL B 260 24.44 -6.67 32.34
CA VAL B 260 23.57 -5.56 32.07
C VAL B 260 22.24 -6.13 31.61
N THR B 261 21.15 -5.71 32.26
CA THR B 261 19.80 -6.22 31.99
C THR B 261 18.84 -5.14 31.53
N GLU B 262 19.02 -3.89 31.94
CA GLU B 262 18.18 -2.81 31.43
C GLU B 262 19.07 -1.70 30.92
N ILE B 263 18.93 -1.36 29.64
CA ILE B 263 19.71 -0.28 29.06
C ILE B 263 18.84 0.97 28.94
N PRO B 264 19.45 2.19 28.88
CA PRO B 264 18.71 3.46 28.89
C PRO B 264 17.74 3.65 27.72
N PHE B 265 16.89 4.68 27.82
CA PHE B 265 15.81 4.88 26.86
C PHE B 265 16.39 5.40 25.56
N GLN B 266 15.80 4.94 24.45
CA GLN B 266 16.11 5.37 23.09
C GLN B 266 17.56 5.03 22.69
N VAL B 267 18.27 4.24 23.51
CA VAL B 267 19.61 3.78 23.20
C VAL B 267 19.47 2.46 22.45
N ASN B 268 20.08 2.42 21.26
CA ASN B 268 20.12 1.22 20.45
C ASN B 268 21.09 0.24 21.11
N LYS B 269 20.66 -0.99 21.34
CA LYS B 269 21.46 -1.92 22.11
C LYS B 269 22.69 -2.32 21.31
N ALA B 270 22.47 -2.63 20.03
CA ALA B 270 23.50 -3.14 19.14
C ALA B 270 24.64 -2.15 19.11
N ARG B 271 24.31 -0.91 18.76
CA ARG B 271 25.27 0.16 18.63
C ARG B 271 26.02 0.31 19.95
N MET B 272 25.29 0.32 21.06
CA MET B 272 25.89 0.52 22.36
C MET B 272 26.91 -0.56 22.67
N ILE B 273 26.66 -1.81 22.23
CA ILE B 273 27.62 -2.88 22.48
C ILE B 273 28.85 -2.68 21.59
N GLU B 274 28.65 -2.26 20.34
CA GLU B 274 29.73 -2.08 19.38
C GLU B 274 30.69 -0.99 19.88
N LYS B 275 30.16 -0.05 20.69
CA LYS B 275 30.90 1.08 21.25
C LYS B 275 31.85 0.55 22.32
N ILE B 276 31.30 -0.26 23.23
CA ILE B 276 32.09 -0.92 24.26
C ILE B 276 33.22 -1.75 23.63
N ALA B 277 32.94 -2.42 22.49
CA ALA B 277 33.92 -3.23 21.78
C ALA B 277 35.07 -2.36 21.27
N GLU B 278 34.67 -1.21 20.73
CA GLU B 278 35.61 -0.24 20.18
C GLU B 278 36.59 0.20 21.26
N LEU B 279 36.09 0.56 22.45
CA LEU B 279 36.92 1.03 23.56
C LEU B 279 37.94 -0.03 23.97
N VAL B 280 37.67 -1.30 23.62
CA VAL B 280 38.53 -2.42 23.98
C VAL B 280 39.65 -2.62 22.95
N ARG B 281 39.30 -2.60 21.65
CA ARG B 281 40.30 -2.66 20.58
C ARG B 281 41.23 -1.45 20.72
N ASP B 282 40.63 -0.27 20.81
CA ASP B 282 41.33 1.00 20.94
C ASP B 282 42.06 1.09 22.29
N LYS B 283 41.95 0.06 23.14
CA LYS B 283 42.70 0.03 24.38
C LYS B 283 42.35 1.24 25.26
N LYS B 284 41.16 1.82 25.07
CA LYS B 284 40.79 3.04 25.78
C LYS B 284 40.09 2.74 27.12
N ILE B 285 39.96 1.46 27.50
CA ILE B 285 39.48 1.02 28.81
C ILE B 285 40.13 -0.33 29.10
N ASP B 286 40.42 -0.60 30.38
CA ASP B 286 41.17 -1.81 30.68
C ASP B 286 40.39 -2.77 31.57
N GLY B 287 40.59 -4.07 31.30
CA GLY B 287 40.15 -5.13 32.18
C GLY B 287 39.02 -5.97 31.60
N ILE B 288 38.65 -5.72 30.35
CA ILE B 288 37.57 -6.48 29.74
C ILE B 288 38.14 -7.58 28.84
N THR B 289 37.74 -8.84 29.08
CA THR B 289 38.20 -10.00 28.33
C THR B 289 37.15 -10.52 27.33
N ASP B 290 35.86 -10.37 27.63
CA ASP B 290 34.83 -10.80 26.71
C ASP B 290 33.61 -9.90 26.77
N LEU B 291 32.96 -9.73 25.61
CA LEU B 291 31.71 -9.01 25.51
C LEU B 291 30.72 -9.91 24.78
N ARG B 292 29.66 -10.33 25.47
CA ARG B 292 28.69 -11.24 24.90
C ARG B 292 27.27 -10.71 25.14
N ASP B 293 26.49 -10.68 24.05
CA ASP B 293 25.07 -10.39 24.13
C ASP B 293 24.34 -11.72 24.28
N GLU B 294 23.86 -11.97 25.51
CA GLU B 294 23.16 -13.20 25.81
C GLU B 294 21.64 -12.96 25.85
N THR B 295 21.19 -11.79 25.38
CA THR B 295 19.78 -11.45 25.31
C THR B 295 19.03 -12.49 24.47
N SER B 296 17.95 -13.03 25.04
CA SER B 296 17.00 -13.85 24.29
C SER B 296 15.56 -13.41 24.58
N LEU B 297 14.62 -13.94 23.81
CA LEU B 297 13.22 -13.59 24.03
C LEU B 297 12.74 -14.15 25.38
N ARG B 298 13.47 -15.11 25.93
CA ARG B 298 13.09 -15.74 27.19
C ARG B 298 13.95 -15.21 28.34
N THR B 299 15.20 -14.82 28.06
CA THR B 299 16.00 -14.23 29.12
C THR B 299 15.67 -12.74 29.27
N GLY B 300 15.33 -12.08 28.16
CA GLY B 300 15.26 -10.63 28.12
C GLY B 300 16.66 -10.03 27.94
N VAL B 301 16.81 -8.75 28.25
CA VAL B 301 18.09 -8.15 27.94
C VAL B 301 19.15 -8.65 28.92
N ARG B 302 20.31 -9.01 28.36
CA ARG B 302 21.43 -9.51 29.15
C ARG B 302 22.70 -9.33 28.32
N VAL B 303 23.38 -8.21 28.56
CA VAL B 303 24.75 -8.03 28.07
C VAL B 303 25.74 -8.44 29.17
N VAL B 304 26.72 -9.26 28.80
CA VAL B 304 27.68 -9.78 29.77
C VAL B 304 29.07 -9.27 29.41
N ILE B 305 29.78 -8.75 30.41
CA ILE B 305 31.12 -8.21 30.22
C ILE B 305 32.00 -8.92 31.23
N ASP B 306 32.86 -9.84 30.74
CA ASP B 306 33.74 -10.65 31.58
C ASP B 306 34.98 -9.83 31.95
N VAL B 307 35.20 -9.61 33.24
CA VAL B 307 36.33 -8.84 33.72
C VAL B 307 37.51 -9.78 33.98
N ARG B 308 38.74 -9.30 33.64
CA ARG B 308 39.97 -10.06 33.84
C ARG B 308 40.16 -10.28 35.33
N LYS B 309 40.79 -11.41 35.70
CA LYS B 309 40.89 -11.75 37.11
C LYS B 309 41.72 -10.68 37.81
N ASP B 310 41.31 -10.33 39.04
CA ASP B 310 41.99 -9.36 39.87
C ASP B 310 41.99 -7.98 39.23
N ALA B 311 40.95 -7.69 38.47
CA ALA B 311 40.63 -6.33 38.11
C ALA B 311 39.38 -5.93 38.88
N ASN B 312 39.29 -4.66 39.24
CA ASN B 312 38.19 -4.19 40.06
C ASN B 312 36.98 -4.00 39.15
N ALA B 313 35.93 -4.80 39.33
CA ALA B 313 34.83 -4.72 38.37
C ALA B 313 34.09 -3.39 38.54
N SER B 314 33.82 -3.00 39.79
CA SER B 314 33.13 -1.75 40.13
C SER B 314 33.80 -0.54 39.48
N VAL B 315 35.12 -0.60 39.30
CA VAL B 315 35.84 0.48 38.67
C VAL B 315 35.67 0.40 37.15
N ILE B 316 35.74 -0.82 36.59
CA ILE B 316 35.44 -0.98 35.18
C ILE B 316 34.01 -0.52 34.88
N LEU B 317 33.10 -0.69 35.84
CA LEU B 317 31.71 -0.34 35.63
C LEU B 317 31.57 1.16 35.59
N ASN B 318 32.16 1.88 36.56
CA ASN B 318 32.00 3.33 36.63
C ASN B 318 32.61 3.98 35.40
N ASN B 319 33.57 3.31 34.77
CA ASN B 319 34.17 3.87 33.57
C ASN B 319 33.29 3.62 32.35
N LEU B 320 32.62 2.47 32.31
CA LEU B 320 31.67 2.23 31.22
C LEU B 320 30.52 3.23 31.25
N TYR B 321 30.14 3.68 32.46
CA TYR B 321 29.13 4.71 32.57
C TYR B 321 29.66 5.99 31.95
N LYS B 322 30.89 6.36 32.31
CA LYS B 322 31.41 7.63 31.87
C LYS B 322 31.74 7.59 30.38
N GLN B 323 31.93 6.40 29.81
CA GLN B 323 32.57 6.34 28.52
C GLN B 323 31.68 5.75 27.42
N THR B 324 30.54 5.17 27.79
CA THR B 324 29.65 4.61 26.78
C THR B 324 28.22 5.04 27.02
N PRO B 325 27.29 4.79 26.09
CA PRO B 325 25.88 5.12 26.32
C PRO B 325 25.25 4.22 27.39
N LEU B 326 26.06 3.47 28.13
CA LEU B 326 25.54 2.68 29.24
C LEU B 326 24.90 3.62 30.24
N GLN B 327 25.40 4.85 30.32
CA GLN B 327 24.71 5.94 30.98
C GLN B 327 24.51 7.07 29.98
N THR B 328 23.33 7.71 30.02
CA THR B 328 22.88 8.64 29.00
C THR B 328 22.05 9.72 29.69
N SER B 329 21.90 10.86 29.01
CA SER B 329 21.11 11.97 29.50
C SER B 329 19.80 12.03 28.74
N PHE B 330 18.71 12.41 29.42
CA PHE B 330 17.48 12.75 28.73
C PHE B 330 17.27 14.24 28.91
N GLY B 331 17.43 14.98 27.80
CA GLY B 331 17.33 16.43 27.82
C GLY B 331 15.88 16.89 27.77
N VAL B 332 15.26 17.13 28.93
CA VAL B 332 13.86 17.47 28.95
C VAL B 332 13.66 18.88 28.36
N ASN B 333 12.73 19.00 27.41
CA ASN B 333 12.40 20.25 26.73
C ASN B 333 10.91 20.17 26.36
N MET B 334 10.04 20.57 27.29
CA MET B 334 8.61 20.27 27.14
C MET B 334 7.89 21.35 26.34
N ILE B 335 7.95 21.20 25.01
CA ILE B 335 7.21 22.07 24.13
C ILE B 335 6.08 21.25 23.52
N ALA B 336 4.86 21.81 23.60
CA ALA B 336 3.67 21.27 22.96
C ALA B 336 2.87 22.40 22.35
N LEU B 337 1.93 22.04 21.46
CA LEU B 337 0.96 23.00 20.96
C LEU B 337 -0.12 23.28 22.01
N VAL B 338 -0.21 24.55 22.44
CA VAL B 338 -1.20 25.02 23.40
C VAL B 338 -2.03 26.08 22.69
N ASN B 339 -3.28 25.73 22.38
CA ASN B 339 -4.14 26.60 21.60
C ASN B 339 -3.47 26.89 20.27
N GLY B 340 -3.00 25.79 19.63
CA GLY B 340 -2.42 25.80 18.29
C GLY B 340 -1.18 26.70 18.20
N ARG B 341 -0.50 26.89 19.34
CA ARG B 341 0.71 27.68 19.43
C ARG B 341 1.71 26.87 20.25
N PRO B 342 3.03 26.92 19.94
CA PRO B 342 4.04 26.25 20.75
C PRO B 342 4.34 27.06 22.02
N LYS B 343 4.28 26.38 23.16
CA LYS B 343 4.51 26.98 24.46
C LYS B 343 5.44 26.05 25.25
N LEU B 344 6.42 26.58 25.98
CA LEU B 344 7.22 25.73 26.85
C LEU B 344 6.50 25.60 28.18
N ILE B 345 6.00 24.40 28.47
CA ILE B 345 5.15 24.22 29.64
C ILE B 345 5.89 23.42 30.72
N ASN B 346 5.47 23.62 31.96
CA ASN B 346 5.97 22.84 33.08
C ASN B 346 4.94 21.75 33.35
N LEU B 347 5.22 20.90 34.35
CA LEU B 347 4.42 19.76 34.71
C LEU B 347 2.98 20.20 34.95
N LYS B 348 2.76 21.18 35.83
CA LYS B 348 1.40 21.60 36.17
C LYS B 348 0.69 22.22 34.97
N GLU B 349 1.40 23.00 34.16
CA GLU B 349 0.78 23.57 32.98
C GLU B 349 0.25 22.44 32.11
N ALA B 350 1.05 21.37 31.97
CA ALA B 350 0.64 20.26 31.13
C ALA B 350 -0.59 19.62 31.74
N LEU B 351 -0.58 19.41 33.06
CA LEU B 351 -1.67 18.67 33.66
C LEU B 351 -2.90 19.56 33.59
N VAL B 352 -2.71 20.88 33.61
CA VAL B 352 -3.86 21.77 33.65
C VAL B 352 -4.58 21.72 32.31
N HIS B 353 -3.81 21.86 31.22
CA HIS B 353 -4.37 21.88 29.87
C HIS B 353 -5.09 20.56 29.61
N TYR B 354 -4.69 19.50 30.32
CA TYR B 354 -5.26 18.19 30.10
C TYR B 354 -6.59 18.05 30.81
N LEU B 355 -6.61 18.36 32.12
CA LEU B 355 -7.84 18.25 32.91
C LEU B 355 -8.92 19.17 32.32
N GLU B 356 -8.54 20.38 31.90
CA GLU B 356 -9.49 21.28 31.25
C GLU B 356 -10.14 20.59 30.06
N HIS B 357 -9.30 19.90 29.30
CA HIS B 357 -9.77 19.19 28.13
C HIS B 357 -10.80 18.15 28.54
N GLN B 358 -10.54 17.43 29.62
CA GLN B 358 -11.47 16.39 30.04
C GLN B 358 -12.81 17.01 30.42
N LYS B 359 -12.76 18.14 31.14
CA LYS B 359 -14.00 18.81 31.55
C LYS B 359 -14.80 19.14 30.30
N THR B 360 -14.13 19.67 29.27
CA THR B 360 -14.79 20.03 28.02
C THR B 360 -15.33 18.78 27.33
N VAL B 361 -14.50 17.73 27.23
CA VAL B 361 -14.91 16.51 26.59
C VAL B 361 -16.17 15.95 27.27
N VAL B 362 -16.14 15.86 28.61
CA VAL B 362 -17.26 15.28 29.32
C VAL B 362 -18.47 16.21 29.28
N ARG B 363 -18.23 17.52 29.31
CA ARG B 363 -19.36 18.44 29.23
C ARG B 363 -20.08 18.27 27.90
N ARG B 364 -19.29 18.30 26.82
CA ARG B 364 -19.80 18.16 25.46
C ARG B 364 -20.52 16.83 25.26
N ARG B 365 -19.94 15.75 25.82
CA ARG B 365 -20.57 14.45 25.67
C ARG B 365 -21.93 14.45 26.38
N THR B 366 -21.98 15.00 27.60
CA THR B 366 -23.23 15.00 28.33
C THR B 366 -24.27 15.85 27.60
N GLN B 367 -23.83 16.96 27.02
CA GLN B 367 -24.70 17.84 26.26
C GLN B 367 -25.29 17.09 25.04
N TYR B 368 -24.39 16.41 24.30
CA TYR B 368 -24.75 15.69 23.09
C TYR B 368 -25.74 14.60 23.45
N ASN B 369 -25.49 13.89 24.54
CA ASN B 369 -26.36 12.80 24.98
C ASN B 369 -27.76 13.35 25.30
N LEU B 370 -27.81 14.57 25.86
CA LEU B 370 -29.08 15.20 26.22
C LEU B 370 -29.85 15.58 24.94
N ARG B 371 -29.18 16.13 23.93
CA ARG B 371 -29.86 16.40 22.67
C ARG B 371 -30.47 15.14 22.10
N LYS B 372 -29.75 14.01 22.17
CA LYS B 372 -30.22 12.79 21.54
C LYS B 372 -31.37 12.17 22.33
N ALA B 373 -31.26 12.21 23.66
CA ALA B 373 -32.34 11.71 24.52
C ALA B 373 -33.59 12.58 24.36
N LYS B 374 -33.43 13.90 24.35
CA LYS B 374 -34.58 14.77 24.25
C LYS B 374 -35.26 14.59 22.89
N ASP B 375 -34.45 14.28 21.88
CA ASP B 375 -34.97 14.11 20.54
C ASP B 375 -35.67 12.77 20.41
N ARG B 376 -35.12 11.77 21.10
CA ARG B 376 -35.69 10.46 21.05
C ARG B 376 -36.98 10.44 21.86
N ALA B 377 -37.00 11.08 23.03
CA ALA B 377 -38.22 11.12 23.83
C ALA B 377 -39.38 11.74 23.04
N HIS B 378 -39.09 12.82 22.31
CA HIS B 378 -40.06 13.48 21.44
C HIS B 378 -40.69 12.50 20.46
N ILE B 379 -39.87 11.65 19.83
CA ILE B 379 -40.45 10.66 18.93
C ILE B 379 -41.35 9.71 19.69
N LEU B 380 -40.91 9.31 20.88
CA LEU B 380 -41.64 8.28 21.59
C LEU B 380 -43.01 8.77 22.05
N GLU B 381 -43.10 10.05 22.41
CA GLU B 381 -44.40 10.65 22.71
C GLU B 381 -45.33 10.53 21.51
N GLY B 382 -44.81 10.88 20.33
CA GLY B 382 -45.60 10.75 19.11
C GLY B 382 -45.99 9.30 18.84
N LEU B 383 -45.09 8.37 19.13
CA LEU B 383 -45.45 6.99 18.87
C LEU B 383 -46.52 6.54 19.86
N ARG B 384 -46.43 7.04 21.10
CA ARG B 384 -47.44 6.69 22.09
C ARG B 384 -48.81 7.11 21.59
N ILE B 385 -48.91 8.39 21.23
CA ILE B 385 -50.13 8.96 20.69
C ILE B 385 -50.66 8.09 19.56
N ALA B 386 -49.78 7.69 18.64
CA ALA B 386 -50.19 6.95 17.45
C ALA B 386 -50.76 5.60 17.86
N LEU B 387 -50.12 4.94 18.81
CA LEU B 387 -50.58 3.61 19.19
C LEU B 387 -51.89 3.72 19.94
N ASP B 388 -52.11 4.84 20.62
CA ASP B 388 -53.33 5.04 21.37
C ASP B 388 -54.51 5.33 20.44
N HIS B 389 -54.23 5.99 19.32
CA HIS B 389 -55.28 6.35 18.39
C HIS B 389 -55.06 5.65 17.05
N ILE B 390 -54.67 4.37 17.07
CA ILE B 390 -54.17 3.69 15.88
C ILE B 390 -55.21 3.61 14.75
N ASP B 391 -56.49 3.39 15.08
CA ASP B 391 -57.45 3.12 14.01
C ASP B 391 -57.70 4.39 13.21
N GLU B 392 -57.69 5.54 13.89
CA GLU B 392 -57.85 6.80 13.18
C GLU B 392 -56.59 7.07 12.35
N ILE B 393 -55.42 6.76 12.92
CA ILE B 393 -54.12 6.98 12.31
C ILE B 393 -54.11 6.27 10.96
N ILE B 394 -54.42 4.98 10.98
CA ILE B 394 -54.43 4.17 9.77
C ILE B 394 -55.43 4.71 8.75
N SER B 395 -56.69 4.92 9.13
CA SER B 395 -57.68 5.53 8.28
C SER B 395 -57.15 6.77 7.58
N THR B 396 -56.65 7.74 8.37
CA THR B 396 -56.10 9.00 7.87
C THR B 396 -55.09 8.72 6.75
N ILE B 397 -54.22 7.72 6.94
CA ILE B 397 -53.15 7.52 5.98
C ILE B 397 -53.74 7.00 4.69
N ARG B 398 -54.62 6.00 4.76
CA ARG B 398 -55.19 5.36 3.59
C ARG B 398 -56.04 6.35 2.79
N GLU B 399 -56.69 7.26 3.51
CA GLU B 399 -57.48 8.35 2.93
C GLU B 399 -56.57 9.25 2.12
N SER B 400 -55.31 9.42 2.53
CA SER B 400 -54.40 10.34 1.86
C SER B 400 -53.87 9.74 0.56
N ASP B 401 -53.59 10.62 -0.41
CA ASP B 401 -52.99 10.24 -1.68
C ASP B 401 -51.47 10.38 -1.66
N THR B 402 -50.93 11.30 -0.84
CA THR B 402 -49.50 11.53 -0.76
C THR B 402 -49.03 11.50 0.71
N ASP B 403 -47.71 11.46 0.92
CA ASP B 403 -47.11 11.64 2.24
C ASP B 403 -47.54 12.99 2.81
N LYS B 404 -47.37 14.02 1.95
CA LYS B 404 -47.59 15.43 2.22
C LYS B 404 -48.95 15.57 2.88
N VAL B 405 -49.98 14.95 2.29
CA VAL B 405 -51.36 15.05 2.74
C VAL B 405 -51.54 14.31 4.06
N ALA B 406 -50.99 13.09 4.14
CA ALA B 406 -51.09 12.27 5.34
C ALA B 406 -50.38 12.97 6.50
N MET B 407 -49.21 13.54 6.22
CA MET B 407 -48.47 14.29 7.22
C MET B 407 -49.39 15.37 7.79
N GLU B 408 -49.96 16.15 6.88
CA GLU B 408 -50.75 17.31 7.24
C GLU B 408 -51.90 16.90 8.15
N SER B 409 -52.68 15.88 7.76
CA SER B 409 -53.84 15.46 8.52
C SER B 409 -53.42 15.02 9.90
N LEU B 410 -52.44 14.11 9.99
CA LEU B 410 -51.98 13.60 11.26
C LEU B 410 -51.61 14.75 12.19
N GLN B 411 -51.02 15.80 11.61
CA GLN B 411 -50.51 16.89 12.41
C GLN B 411 -51.68 17.70 12.92
N GLN B 412 -52.74 17.80 12.11
CA GLN B 412 -53.92 18.58 12.52
C GLN B 412 -54.77 17.83 13.54
N ARG B 413 -55.07 16.55 13.26
CA ARG B 413 -55.93 15.77 14.12
C ARG B 413 -55.31 15.59 15.51
N PHE B 414 -54.01 15.29 15.62
CA PHE B 414 -53.46 14.90 16.92
C PHE B 414 -52.51 15.95 17.47
N LYS B 415 -52.23 16.98 16.68
CA LYS B 415 -51.33 18.01 17.18
C LYS B 415 -49.90 17.45 17.25
N LEU B 416 -49.47 16.68 16.23
CA LEU B 416 -48.12 16.11 16.18
C LEU B 416 -47.18 17.05 15.45
N SER B 417 -45.93 17.08 15.92
CA SER B 417 -44.86 17.82 15.26
C SER B 417 -44.60 17.18 13.90
N GLU B 418 -43.90 17.94 13.05
CA GLU B 418 -43.53 17.40 11.74
C GLU B 418 -42.69 16.13 11.91
N LYS B 419 -41.77 16.09 12.88
CA LYS B 419 -40.86 14.97 13.06
C LYS B 419 -41.60 13.76 13.64
N GLN B 420 -42.56 14.05 14.54
CA GLN B 420 -43.39 13.02 15.16
C GLN B 420 -44.23 12.31 14.11
N ALA B 421 -44.83 13.07 13.19
CA ALA B 421 -45.68 12.51 12.15
C ALA B 421 -44.84 11.64 11.23
N GLN B 422 -43.67 12.17 10.86
CA GLN B 422 -42.74 11.46 10.00
C GLN B 422 -42.39 10.10 10.60
N ALA B 423 -42.15 10.09 11.91
CA ALA B 423 -41.82 8.86 12.60
C ALA B 423 -43.00 7.86 12.57
N ILE B 424 -44.24 8.36 12.52
CA ILE B 424 -45.41 7.50 12.52
C ILE B 424 -45.53 6.81 11.16
N LEU B 425 -45.38 7.59 10.10
CA LEU B 425 -45.47 7.01 8.78
C LEU B 425 -44.39 5.97 8.54
N ASP B 426 -43.21 6.11 9.18
CA ASP B 426 -42.08 5.20 9.00
C ASP B 426 -42.23 3.91 9.81
N MET B 427 -43.24 3.85 10.69
CA MET B 427 -43.48 2.75 11.61
C MET B 427 -43.83 1.48 10.85
N ARG B 428 -43.26 0.34 11.25
CA ARG B 428 -43.55 -0.94 10.62
C ARG B 428 -44.79 -1.55 11.30
N LEU B 429 -45.58 -2.36 10.57
CA LEU B 429 -46.79 -2.95 11.13
C LEU B 429 -46.43 -3.75 12.37
N ARG B 430 -45.24 -4.33 12.44
CA ARG B 430 -45.00 -5.32 13.47
C ARG B 430 -45.00 -4.66 14.83
N ARG B 431 -44.91 -3.32 14.83
CA ARG B 431 -44.87 -2.54 16.07
C ARG B 431 -46.27 -2.37 16.63
N LEU B 432 -47.26 -3.07 16.07
CA LEU B 432 -48.63 -2.88 16.48
C LEU B 432 -49.05 -4.01 17.42
N THR B 433 -48.23 -5.06 17.55
CA THR B 433 -48.55 -6.17 18.43
C THR B 433 -48.55 -5.70 19.89
N GLY B 434 -49.24 -6.44 20.77
CA GLY B 434 -49.52 -5.95 22.12
C GLY B 434 -48.25 -5.75 22.94
N LEU B 435 -47.30 -6.68 22.76
CA LEU B 435 -46.05 -6.69 23.48
C LEU B 435 -45.29 -5.41 23.18
N GLU B 436 -45.26 -5.02 21.92
CA GLU B 436 -44.46 -3.89 21.43
C GLU B 436 -44.84 -2.58 22.13
N ARG B 437 -46.15 -2.33 22.31
CA ARG B 437 -46.61 -1.10 22.94
C ARG B 437 -45.98 -0.93 24.32
N ASP B 438 -45.94 -2.01 25.11
CA ASP B 438 -45.42 -1.94 26.47
C ASP B 438 -43.93 -1.60 26.48
N LYS B 439 -43.17 -2.07 25.48
CA LYS B 439 -41.75 -1.79 25.35
C LYS B 439 -41.56 -0.29 25.23
N ILE B 440 -42.40 0.35 24.39
CA ILE B 440 -42.29 1.78 24.19
C ILE B 440 -42.44 2.52 25.51
N GLU B 441 -43.31 2.02 26.40
CA GLU B 441 -43.56 2.68 27.68
C GLU B 441 -42.27 2.67 28.52
N ALA B 442 -41.59 1.52 28.52
CA ALA B 442 -40.42 1.29 29.34
C ALA B 442 -39.34 2.23 28.88
N GLU B 443 -39.12 2.25 27.56
CA GLU B 443 -38.06 3.03 26.94
C GLU B 443 -38.26 4.50 27.28
N TYR B 444 -39.53 4.93 27.26
CA TYR B 444 -39.86 6.31 27.57
C TYR B 444 -39.53 6.62 29.03
N ASN B 445 -39.85 5.67 29.92
CA ASN B 445 -39.62 5.84 31.35
C ASN B 445 -38.13 5.91 31.63
N GLU B 446 -37.37 4.95 31.09
CA GLU B 446 -35.92 4.91 31.23
C GLU B 446 -35.32 6.21 30.69
N LEU B 447 -35.81 6.67 29.53
CA LEU B 447 -35.23 7.86 28.93
C LEU B 447 -35.40 9.06 29.84
N LEU B 448 -36.60 9.17 30.45
CA LEU B 448 -36.94 10.32 31.26
C LEU B 448 -36.01 10.39 32.46
N ASN B 449 -35.72 9.22 33.05
CA ASN B 449 -34.73 9.11 34.11
C ASN B 449 -33.41 9.64 33.58
N TYR B 450 -33.05 9.16 32.39
CA TYR B 450 -31.75 9.46 31.85
C TYR B 450 -31.60 10.96 31.66
N ILE B 451 -32.66 11.59 31.13
CA ILE B 451 -32.64 13.00 30.81
C ILE B 451 -32.42 13.77 32.10
N SER B 452 -33.02 13.27 33.18
CA SER B 452 -32.93 13.93 34.46
C SER B 452 -31.51 13.92 35.03
N GLU B 453 -30.89 12.73 35.03
CA GLU B 453 -29.49 12.52 35.39
C GLU B 453 -28.59 13.46 34.60
N LEU B 454 -28.88 13.61 33.30
CA LEU B 454 -28.02 14.39 32.41
C LEU B 454 -28.14 15.86 32.76
N GLU B 455 -29.35 16.28 33.15
CA GLU B 455 -29.57 17.68 33.47
C GLU B 455 -28.88 18.03 34.79
N THR B 456 -28.75 17.03 35.66
CA THR B 456 -28.09 17.20 36.95
C THR B 456 -26.65 17.59 36.71
N ILE B 457 -26.01 16.89 35.75
CA ILE B 457 -24.59 17.00 35.49
C ILE B 457 -24.30 18.39 34.94
N LEU B 458 -25.10 18.82 33.98
CA LEU B 458 -24.92 20.14 33.40
C LEU B 458 -25.25 21.29 34.37
N ALA B 459 -26.13 21.05 35.37
CA ALA B 459 -26.63 22.07 36.29
C ALA B 459 -25.57 22.50 37.30
N ASP B 460 -24.63 21.59 37.61
CA ASP B 460 -23.62 21.80 38.64
C ASP B 460 -22.23 21.47 38.09
N GLU B 461 -21.31 22.46 38.14
CA GLU B 461 -19.95 22.26 37.64
C GLU B 461 -19.26 21.19 38.50
N GLU B 462 -19.63 21.12 39.78
CA GLU B 462 -19.00 20.19 40.72
C GLU B 462 -19.32 18.74 40.36
N VAL B 463 -20.58 18.49 40.02
CA VAL B 463 -20.99 17.14 39.66
C VAL B 463 -20.30 16.66 38.39
N LEU B 464 -20.21 17.53 37.39
CA LEU B 464 -19.55 17.18 36.14
C LEU B 464 -18.12 16.79 36.47
N LEU B 465 -17.46 17.55 37.36
CA LEU B 465 -16.04 17.34 37.59
C LEU B 465 -15.83 16.01 38.31
N GLN B 466 -16.75 15.67 39.22
CA GLN B 466 -16.65 14.40 39.93
C GLN B 466 -16.75 13.26 38.93
N LEU B 467 -17.59 13.43 37.90
CA LEU B 467 -17.73 12.40 36.89
C LEU B 467 -16.41 12.23 36.13
N VAL B 468 -15.70 13.33 35.88
CA VAL B 468 -14.41 13.25 35.22
C VAL B 468 -13.47 12.46 36.11
N ARG B 469 -13.43 12.81 37.40
CA ARG B 469 -12.65 12.11 38.40
C ARG B 469 -12.93 10.60 38.38
N ASP B 470 -14.22 10.22 38.33
CA ASP B 470 -14.67 8.85 38.42
C ASP B 470 -14.25 8.06 37.18
N GLU B 471 -14.36 8.67 35.99
CA GLU B 471 -13.98 8.01 34.75
C GLU B 471 -12.46 7.88 34.64
N LEU B 472 -11.70 8.87 35.16
CA LEU B 472 -10.24 8.77 35.23
C LEU B 472 -9.85 7.63 36.16
N THR B 473 -10.56 7.51 37.29
CA THR B 473 -10.23 6.50 38.29
C THR B 473 -10.41 5.09 37.73
N GLU B 474 -11.22 4.96 36.67
CA GLU B 474 -11.52 3.65 36.15
C GLU B 474 -10.37 3.24 35.24
N ILE B 475 -9.90 4.20 34.43
CA ILE B 475 -8.76 3.94 33.57
C ILE B 475 -7.54 3.52 34.39
N ARG B 476 -7.30 4.23 35.51
CA ARG B 476 -6.16 3.96 36.38
C ARG B 476 -6.26 2.56 36.92
N ASP B 477 -7.49 2.11 37.17
CA ASP B 477 -7.71 0.82 37.78
C ASP B 477 -7.53 -0.28 36.74
N ARG B 478 -7.84 0.04 35.48
CA ARG B 478 -7.85 -0.98 34.44
C ARG B 478 -6.50 -1.03 33.74
N PHE B 479 -5.86 0.12 33.58
CA PHE B 479 -4.68 0.23 32.75
C PHE B 479 -3.42 0.67 33.49
N GLY B 480 -3.56 1.20 34.70
CA GLY B 480 -2.38 1.62 35.43
C GLY B 480 -1.53 0.42 35.85
N ASP B 481 -0.21 0.56 35.79
CA ASP B 481 0.73 -0.51 36.04
C ASP B 481 1.77 -0.05 37.06
N ASP B 482 2.72 -0.92 37.37
CA ASP B 482 3.81 -0.59 38.25
C ASP B 482 4.88 0.24 37.54
N ARG B 483 5.58 1.05 38.32
CA ARG B 483 6.69 1.85 37.81
C ARG B 483 7.79 0.90 37.38
N ARG B 484 8.38 1.16 36.22
CA ARG B 484 9.46 0.33 35.73
C ARG B 484 10.82 0.90 36.13
N THR B 485 10.99 2.21 36.03
CA THR B 485 12.29 2.84 36.23
C THR B 485 12.49 3.21 37.71
N GLU B 486 13.61 2.79 38.31
CA GLU B 486 13.90 3.12 39.68
C GLU B 486 14.56 4.48 39.73
N ILE B 487 14.14 5.30 40.68
CA ILE B 487 14.74 6.61 40.83
C ILE B 487 15.57 6.58 42.10
N GLN B 488 16.90 6.68 41.94
CA GLN B 488 17.83 6.52 43.05
C GLN B 488 18.39 7.87 43.50
N LEU B 489 18.76 7.99 44.78
CA LEU B 489 19.19 9.29 45.30
C LEU B 489 20.71 9.36 45.42
N LYS C 1 22.99 -11.69 4.77
CA LYS C 1 24.21 -11.71 5.63
C LYS C 1 24.02 -12.73 6.76
N LEU C 2 25.00 -13.64 6.92
CA LEU C 2 24.96 -14.70 7.94
C LEU C 2 25.13 -14.09 9.33
N ALA C 3 24.25 -14.51 10.25
CA ALA C 3 24.41 -14.18 11.65
C ALA C 3 24.84 -15.46 12.37
N ASP C 4 26.12 -15.53 12.75
CA ASP C 4 26.67 -16.74 13.35
C ASP C 4 26.19 -16.90 14.80
N CYS C 5 26.49 -18.08 15.40
CA CYS C 5 26.14 -18.42 16.77
C CYS C 5 27.34 -18.19 17.70
N SER C 6 27.22 -18.60 18.96
CA SER C 6 28.28 -18.44 19.94
C SER C 6 29.31 -19.55 19.83
N SER C 7 28.95 -20.78 20.23
CA SER C 7 29.84 -21.93 20.18
C SER C 7 30.37 -22.18 18.77
N LYS C 8 31.69 -22.36 18.66
CA LYS C 8 32.33 -22.66 17.39
C LYS C 8 32.39 -24.17 17.15
N SER C 9 31.77 -24.93 18.07
CA SER C 9 31.70 -26.38 18.05
C SER C 9 30.70 -26.84 16.98
N PRO C 10 31.18 -27.43 15.86
CA PRO C 10 30.27 -27.86 14.79
C PRO C 10 29.26 -28.91 15.29
N GLU C 11 29.77 -29.81 16.14
CA GLU C 11 29.05 -30.93 16.71
C GLU C 11 27.73 -30.49 17.33
N GLU C 12 27.69 -29.31 17.96
CA GLU C 12 26.53 -28.86 18.72
C GLU C 12 25.73 -27.76 18.00
N CYS C 13 26.13 -27.38 16.78
CA CYS C 13 25.54 -26.20 16.13
C CYS C 13 24.67 -26.58 14.94
N GLU C 14 23.85 -25.62 14.46
CA GLU C 14 22.98 -25.82 13.31
C GLU C 14 22.75 -24.50 12.56
N ILE C 15 22.66 -24.61 11.22
CA ILE C 15 22.52 -23.47 10.32
C ILE C 15 21.15 -23.53 9.64
N PHE C 16 20.47 -22.38 9.63
CA PHE C 16 19.17 -22.26 9.03
C PHE C 16 19.28 -21.43 7.76
N LEU C 17 18.98 -22.06 6.61
CA LEU C 17 18.87 -21.39 5.32
C LEU C 17 17.44 -20.88 5.17
N VAL C 18 17.25 -19.56 5.35
CA VAL C 18 15.91 -19.00 5.46
C VAL C 18 15.57 -18.29 4.16
N GLU C 19 14.29 -18.35 3.79
CA GLU C 19 13.82 -17.69 2.59
C GLU C 19 13.35 -16.27 2.92
N GLY C 20 14.05 -15.27 2.39
CA GLY C 20 13.60 -13.89 2.47
C GLY C 20 14.25 -13.12 3.62
N ASP C 21 14.35 -11.80 3.46
CA ASP C 21 15.05 -10.98 4.44
C ASP C 21 14.13 -10.72 5.62
N SER C 22 12.84 -10.60 5.35
CA SER C 22 11.95 -10.35 6.47
C SER C 22 11.95 -11.55 7.40
N ALA C 23 12.03 -12.76 6.84
CA ALA C 23 12.15 -13.95 7.67
C ALA C 23 13.55 -14.04 8.25
N GLY C 24 14.56 -13.52 7.54
CA GLY C 24 15.90 -13.41 8.11
C GLY C 24 15.90 -12.66 9.45
N GLY C 25 15.32 -11.45 9.44
CA GLY C 25 15.20 -10.58 10.60
C GLY C 25 14.45 -11.25 11.76
N SER C 26 13.30 -11.86 11.44
CA SER C 26 12.45 -12.54 12.41
C SER C 26 13.21 -13.69 13.07
N THR C 27 13.96 -14.46 12.25
CA THR C 27 14.65 -15.67 12.68
C THR C 27 15.75 -15.35 13.70
N LYS C 28 16.46 -14.23 13.47
CA LYS C 28 17.62 -13.86 14.26
C LYS C 28 17.23 -13.48 15.69
N SER C 29 16.04 -12.90 15.88
CA SER C 29 15.56 -12.59 17.22
C SER C 29 15.09 -13.85 17.94
N GLY C 30 14.34 -14.70 17.24
CA GLY C 30 13.67 -15.82 17.88
C GLY C 30 14.60 -16.97 18.25
N ARG C 31 15.75 -17.05 17.58
CA ARG C 31 16.67 -18.17 17.69
C ARG C 31 17.25 -18.27 19.10
N ASP C 32 17.96 -19.37 19.34
CA ASP C 32 18.94 -19.39 20.42
C ASP C 32 20.31 -19.04 19.84
N SER C 33 20.79 -17.83 20.12
CA SER C 33 21.98 -17.28 19.47
C SER C 33 23.23 -18.10 19.80
N ARG C 34 23.16 -18.96 20.82
CA ARG C 34 24.32 -19.72 21.26
C ARG C 34 24.51 -21.00 20.43
N THR C 35 23.54 -21.37 19.59
CA THR C 35 23.62 -22.65 18.91
C THR C 35 22.98 -22.62 17.52
N GLN C 36 22.39 -21.49 17.13
CA GLN C 36 21.66 -21.44 15.88
C GLN C 36 22.15 -20.26 15.04
N ALA C 37 22.71 -20.59 13.86
CA ALA C 37 23.17 -19.60 12.90
C ALA C 37 22.20 -19.53 11.72
N ILE C 38 22.00 -18.31 11.19
CA ILE C 38 20.98 -18.03 10.19
C ILE C 38 21.62 -17.37 8.97
N LEU C 39 21.42 -17.98 7.78
CA LEU C 39 21.89 -17.41 6.53
C LEU C 39 20.69 -17.19 5.60
N PRO C 40 20.16 -15.95 5.49
CA PRO C 40 19.09 -15.61 4.56
C PRO C 40 19.40 -15.99 3.12
N LEU C 41 18.35 -16.32 2.35
CA LEU C 41 18.42 -16.53 0.92
C LEU C 41 17.42 -15.58 0.29
N ARG C 42 17.91 -14.78 -0.67
CA ARG C 42 17.09 -13.75 -1.27
C ARG C 42 16.47 -14.35 -2.53
N GLY C 43 15.30 -14.97 -2.36
CA GLY C 43 14.46 -15.43 -3.46
C GLY C 43 14.97 -16.71 -4.12
N LYS C 44 14.58 -16.90 -5.39
CA LYS C 44 15.01 -18.06 -6.16
C LYS C 44 16.52 -17.98 -6.33
N ILE C 45 17.18 -19.12 -6.17
CA ILE C 45 18.62 -19.18 -6.27
C ILE C 45 18.97 -19.89 -7.58
N LEU C 46 20.21 -19.69 -8.08
CA LEU C 46 20.74 -20.22 -9.34
C LEU C 46 20.38 -21.71 -9.47
N ASN C 47 19.90 -22.08 -10.66
CA ASN C 47 19.66 -23.49 -10.92
C ASN C 47 20.94 -24.04 -11.51
N VAL C 48 21.66 -24.84 -10.71
CA VAL C 48 23.04 -25.19 -11.06
C VAL C 48 23.03 -26.22 -12.18
N GLU C 49 21.95 -26.99 -12.27
CA GLU C 49 21.82 -28.03 -13.27
C GLU C 49 21.74 -27.44 -14.69
N LYS C 50 21.29 -26.18 -14.79
CA LYS C 50 21.18 -25.50 -16.07
C LYS C 50 22.38 -24.57 -16.31
N ALA C 51 23.18 -24.24 -15.29
CA ALA C 51 24.13 -23.16 -15.46
C ALA C 51 25.54 -23.65 -15.80
N ARG C 52 26.42 -22.72 -16.19
CA ARG C 52 27.82 -22.97 -16.49
C ARG C 52 28.67 -22.76 -15.22
N LEU C 53 29.70 -23.59 -15.04
CA LEU C 53 30.44 -23.66 -13.79
C LEU C 53 31.06 -22.31 -13.38
N ASP C 54 31.57 -21.53 -14.36
CA ASP C 54 32.17 -20.23 -14.09
C ASP C 54 31.16 -19.31 -13.40
N ARG C 55 29.87 -19.44 -13.79
CA ARG C 55 28.73 -18.70 -13.29
C ARG C 55 28.31 -19.26 -11.93
N ILE C 56 28.21 -20.59 -11.86
CA ILE C 56 27.85 -21.31 -10.65
C ILE C 56 28.78 -20.92 -9.49
N LEU C 57 30.01 -20.49 -9.82
CA LEU C 57 31.06 -20.28 -8.83
C LEU C 57 31.14 -18.82 -8.42
N ASN C 58 30.83 -17.90 -9.34
CA ASN C 58 30.95 -16.48 -9.07
C ASN C 58 29.60 -15.89 -8.61
N ASN C 59 28.62 -16.75 -8.27
CA ASN C 59 27.29 -16.35 -7.82
C ASN C 59 27.31 -16.08 -6.32
N ASN C 60 26.88 -14.87 -5.93
CA ASN C 60 26.83 -14.42 -4.55
C ASN C 60 26.18 -15.46 -3.65
N GLU C 61 24.94 -15.83 -3.98
CA GLU C 61 24.15 -16.75 -3.18
C GLU C 61 24.86 -18.09 -3.04
N ILE C 62 25.32 -18.65 -4.18
CA ILE C 62 25.95 -19.96 -4.20
C ILE C 62 27.26 -19.91 -3.43
N ARG C 63 28.01 -18.81 -3.61
CA ARG C 63 29.27 -18.64 -2.93
C ARG C 63 29.06 -18.53 -1.42
N GLN C 64 28.23 -17.56 -1.01
CA GLN C 64 28.05 -17.29 0.40
C GLN C 64 27.83 -18.57 1.19
N MET C 65 27.28 -19.60 0.54
CA MET C 65 27.06 -20.84 1.25
C MET C 65 28.37 -21.63 1.43
N ILE C 66 29.21 -21.67 0.39
CA ILE C 66 30.52 -22.28 0.49
C ILE C 66 31.26 -21.72 1.71
N THR C 67 31.47 -20.39 1.75
CA THR C 67 32.07 -19.73 2.91
C THR C 67 31.46 -20.27 4.21
N ALA C 68 30.14 -20.06 4.37
CA ALA C 68 29.43 -20.38 5.60
C ALA C 68 29.61 -21.85 5.99
N PHE C 69 29.36 -22.76 5.06
CA PHE C 69 29.56 -24.19 5.29
C PHE C 69 31.04 -24.46 5.49
N GLY C 70 31.89 -23.76 4.73
CA GLY C 70 33.35 -23.91 4.70
C GLY C 70 33.79 -25.37 4.59
N THR C 71 33.69 -25.94 3.38
CA THR C 71 34.01 -27.35 3.20
C THR C 71 34.57 -27.57 1.78
N GLY C 72 34.69 -26.49 1.02
CA GLY C 72 35.00 -26.60 -0.40
C GLY C 72 33.93 -27.41 -1.12
N ILE C 73 34.04 -27.48 -2.47
CA ILE C 73 33.00 -28.13 -3.25
C ILE C 73 33.64 -29.01 -4.31
N GLY C 74 32.79 -29.86 -4.91
CA GLY C 74 33.15 -30.70 -6.05
C GLY C 74 34.16 -31.77 -5.66
N GLY C 75 35.31 -31.77 -6.36
CA GLY C 75 36.40 -32.67 -6.03
C GLY C 75 37.02 -32.32 -4.69
N ASP C 76 36.94 -31.04 -4.29
CA ASP C 76 37.67 -30.51 -3.15
C ASP C 76 36.86 -30.51 -1.86
N PHE C 77 35.79 -31.31 -1.82
CA PHE C 77 34.89 -31.31 -0.68
C PHE C 77 35.54 -32.08 0.48
N ASP C 78 35.58 -31.45 1.67
CA ASP C 78 36.07 -32.08 2.88
C ASP C 78 34.95 -32.23 3.92
N LEU C 79 34.41 -33.45 3.97
CA LEU C 79 33.32 -33.88 4.83
C LEU C 79 33.50 -33.35 6.26
N ALA C 80 34.76 -33.01 6.61
CA ALA C 80 35.14 -32.77 7.98
C ALA C 80 35.44 -31.29 8.24
N LYS C 81 35.46 -30.46 7.20
CA LYS C 81 35.66 -29.03 7.41
C LYS C 81 34.32 -28.38 7.80
N ALA C 82 33.23 -29.17 7.75
CA ALA C 82 31.86 -28.69 7.97
C ALA C 82 31.77 -27.91 9.28
N ARG C 83 31.07 -26.76 9.26
CA ARG C 83 31.03 -25.90 10.44
C ARG C 83 29.69 -26.04 11.14
N TYR C 84 28.84 -26.92 10.61
CA TYR C 84 27.54 -27.18 11.20
C TYR C 84 27.19 -28.63 10.94
N HIS C 85 26.70 -29.30 11.99
CA HIS C 85 26.28 -30.70 11.94
C HIS C 85 24.82 -30.82 11.47
N LYS C 86 24.10 -29.69 11.47
CA LYS C 86 22.73 -29.59 11.00
C LYS C 86 22.60 -28.45 10.00
N ILE C 87 22.32 -28.78 8.72
CA ILE C 87 22.05 -27.82 7.68
C ILE C 87 20.56 -27.90 7.41
N VAL C 88 19.83 -26.86 7.84
CA VAL C 88 18.37 -26.84 7.79
C VAL C 88 17.89 -25.89 6.70
N ILE C 89 17.04 -26.40 5.81
CA ILE C 89 16.40 -25.56 4.82
C ILE C 89 15.08 -25.08 5.41
N MET C 90 14.90 -23.76 5.56
CA MET C 90 13.67 -23.19 6.09
C MET C 90 13.00 -22.27 5.06
N THR C 91 11.97 -22.82 4.39
CA THR C 91 11.22 -22.11 3.35
C THR C 91 9.74 -22.06 3.71
N ASP C 92 9.01 -21.10 3.11
CA ASP C 92 7.57 -20.93 3.26
C ASP C 92 6.87 -22.26 3.01
N ALA C 93 5.69 -22.48 3.63
CA ALA C 93 4.87 -23.64 3.29
C ALA C 93 3.94 -23.31 2.13
N ASP C 94 4.51 -22.95 0.96
CA ASP C 94 3.78 -22.62 -0.26
C ASP C 94 4.59 -23.15 -1.44
N VAL C 95 4.13 -22.91 -2.67
CA VAL C 95 4.78 -23.52 -3.82
C VAL C 95 6.14 -22.88 -4.11
N ASP C 96 6.26 -21.58 -3.85
CA ASP C 96 7.50 -20.88 -4.12
C ASP C 96 8.56 -21.31 -3.12
N GLY C 97 8.16 -21.51 -1.86
CA GLY C 97 9.08 -22.08 -0.89
C GLY C 97 9.54 -23.48 -1.27
N ALA C 98 8.63 -24.24 -1.88
CA ALA C 98 8.95 -25.59 -2.31
C ALA C 98 9.86 -25.60 -3.55
N HIS C 99 9.78 -24.55 -4.38
CA HIS C 99 10.66 -24.42 -5.53
C HIS C 99 12.07 -24.12 -5.05
N ILE C 100 12.19 -23.17 -4.10
CA ILE C 100 13.48 -22.83 -3.56
C ILE C 100 14.13 -24.07 -2.96
N ARG C 101 13.29 -24.98 -2.43
CA ARG C 101 13.82 -26.25 -1.94
C ARG C 101 14.47 -27.02 -3.09
N THR C 102 13.66 -27.36 -4.11
CA THR C 102 14.19 -28.12 -5.22
C THR C 102 15.46 -27.49 -5.76
N LEU C 103 15.57 -26.15 -5.70
CA LEU C 103 16.78 -25.47 -6.16
C LEU C 103 17.97 -25.73 -5.24
N LEU C 104 17.76 -25.68 -3.91
CA LEU C 104 18.84 -25.92 -2.97
C LEU C 104 19.26 -27.37 -3.05
N LEU C 105 18.30 -28.29 -3.08
CA LEU C 105 18.67 -29.70 -3.12
C LEU C 105 19.41 -30.01 -4.41
N THR C 106 19.10 -29.29 -5.49
CA THR C 106 19.87 -29.49 -6.72
C THR C 106 21.32 -29.10 -6.48
N PHE C 107 21.50 -27.94 -5.82
CA PHE C 107 22.81 -27.39 -5.54
C PHE C 107 23.62 -28.38 -4.73
N PHE C 108 23.05 -28.89 -3.63
CA PHE C 108 23.77 -29.77 -2.73
C PHE C 108 24.18 -31.07 -3.41
N TYR C 109 23.18 -31.76 -4.01
CA TYR C 109 23.39 -33.06 -4.62
C TYR C 109 24.50 -33.01 -5.67
N ARG C 110 24.76 -31.82 -6.22
CA ARG C 110 25.76 -31.68 -7.27
C ARG C 110 27.11 -31.20 -6.73
N PHE C 111 27.12 -30.41 -5.64
CA PHE C 111 28.36 -29.76 -5.20
C PHE C 111 28.80 -30.15 -3.79
N MET C 112 27.87 -30.71 -3.02
CA MET C 112 28.19 -31.12 -1.66
C MET C 112 27.51 -32.46 -1.33
N ARG C 113 27.49 -33.39 -2.29
CA ARG C 113 26.76 -34.66 -2.20
C ARG C 113 27.11 -35.46 -0.94
N PRO C 114 28.43 -35.55 -0.57
CA PRO C 114 28.82 -36.22 0.67
C PRO C 114 28.02 -35.72 1.88
N LEU C 115 27.67 -34.42 1.88
CA LEU C 115 26.99 -33.78 3.01
C LEU C 115 25.62 -34.42 3.29
N ILE C 116 24.86 -34.70 2.23
CA ILE C 116 23.57 -35.35 2.39
C ILE C 116 23.77 -36.75 2.94
N GLU C 117 24.66 -37.54 2.30
CA GLU C 117 24.90 -38.92 2.69
C GLU C 117 25.29 -38.94 4.17
N ALA C 118 25.96 -37.87 4.63
CA ALA C 118 26.31 -37.73 6.03
C ALA C 118 25.07 -37.53 6.87
N GLY C 119 23.97 -37.08 6.23
CA GLY C 119 22.73 -36.76 6.93
C GLY C 119 22.85 -35.45 7.72
N TYR C 120 23.51 -34.47 7.13
CA TYR C 120 23.70 -33.15 7.71
C TYR C 120 22.62 -32.20 7.20
N VAL C 121 21.81 -32.67 6.24
CA VAL C 121 20.83 -31.82 5.59
C VAL C 121 19.42 -32.17 6.07
N TYR C 122 18.67 -31.14 6.48
CA TYR C 122 17.37 -31.32 7.10
C TYR C 122 16.39 -30.27 6.57
N ILE C 123 15.12 -30.66 6.44
CA ILE C 123 14.05 -29.78 5.98
C ILE C 123 13.13 -29.47 7.17
N ALA C 124 13.04 -28.17 7.53
CA ALA C 124 12.21 -27.71 8.62
C ALA C 124 10.76 -27.91 8.21
N GLN C 125 9.81 -27.62 9.10
CA GLN C 125 8.43 -27.63 8.65
C GLN C 125 7.66 -26.54 9.37
N PRO C 126 7.64 -25.31 8.84
CA PRO C 126 6.97 -24.20 9.52
C PRO C 126 5.46 -24.41 9.48
N PRO C 127 4.69 -23.71 10.35
CA PRO C 127 3.24 -23.92 10.39
C PRO C 127 2.61 -23.78 9.01
N THR C 128 1.73 -24.74 8.68
CA THR C 128 1.04 -24.83 7.41
C THR C 128 -0.08 -23.82 7.38
N GLY C 129 -0.14 -23.08 6.29
CA GLY C 129 -1.23 -22.14 6.14
C GLY C 129 -0.91 -21.13 5.07
N TYR C 130 -1.56 -19.98 5.20
CA TYR C 130 -1.53 -18.94 4.20
C TYR C 130 -0.53 -17.86 4.64
N LYS C 131 0.02 -17.98 5.86
CA LYS C 131 1.01 -17.04 6.36
C LYS C 131 2.39 -17.52 5.94
N GLY C 132 3.18 -16.66 5.28
CA GLY C 132 4.59 -16.93 5.01
C GLY C 132 5.49 -16.80 6.24
N LEU C 133 6.78 -17.09 6.09
CA LEU C 133 7.69 -16.99 7.21
C LEU C 133 7.92 -15.54 7.60
N GLY C 134 7.94 -14.66 6.61
CA GLY C 134 8.20 -13.25 6.84
C GLY C 134 7.12 -12.58 7.69
N GLU C 135 5.91 -13.17 7.65
CA GLU C 135 4.71 -12.58 8.19
C GLU C 135 4.49 -12.97 9.66
N MET C 136 5.33 -13.87 10.17
CA MET C 136 5.17 -14.42 11.52
C MET C 136 6.04 -13.64 12.51
N ASN C 137 5.76 -13.84 13.82
CA ASN C 137 6.52 -13.27 14.92
C ASN C 137 7.78 -14.12 15.15
N ALA C 138 8.71 -13.56 15.91
CA ALA C 138 9.93 -14.27 16.18
C ALA C 138 9.68 -15.38 17.21
N ASP C 139 8.73 -15.14 18.12
CA ASP C 139 8.41 -16.11 19.16
C ASP C 139 7.65 -17.30 18.56
N GLN C 140 6.77 -17.04 17.57
CA GLN C 140 6.03 -18.12 16.91
C GLN C 140 6.92 -18.92 15.95
N LEU C 141 7.94 -18.28 15.36
CA LEU C 141 8.88 -18.99 14.50
C LEU C 141 9.76 -19.92 15.33
N TRP C 142 10.09 -19.51 16.57
CA TRP C 142 10.92 -20.30 17.47
C TRP C 142 10.16 -21.52 17.95
N GLU C 143 8.97 -21.28 18.52
CA GLU C 143 8.25 -22.27 19.30
C GLU C 143 7.66 -23.35 18.37
N THR C 144 7.77 -23.13 17.04
CA THR C 144 7.10 -24.02 16.10
C THR C 144 8.06 -24.60 15.06
N THR C 145 9.26 -24.04 14.89
CA THR C 145 10.08 -24.47 13.76
C THR C 145 11.54 -24.69 14.15
N MET C 146 11.99 -23.98 15.20
CA MET C 146 13.41 -23.89 15.50
C MET C 146 13.77 -24.53 16.84
N ASN C 147 12.85 -24.46 17.80
CA ASN C 147 13.02 -24.98 19.15
C ASN C 147 13.20 -26.49 19.13
N PRO C 148 14.34 -27.03 19.62
CA PRO C 148 14.55 -28.48 19.63
C PRO C 148 13.43 -29.26 20.30
N GLU C 149 12.76 -28.66 21.29
CA GLU C 149 11.80 -29.35 22.14
C GLU C 149 10.43 -29.53 21.48
N HIS C 150 10.16 -28.84 20.36
CA HIS C 150 8.89 -29.03 19.67
C HIS C 150 9.02 -28.84 18.16
N ARG C 151 10.04 -29.46 17.55
CA ARG C 151 10.22 -29.31 16.11
C ARG C 151 10.30 -30.69 15.46
N ALA C 152 10.03 -30.74 14.15
CA ALA C 152 9.79 -31.99 13.47
C ALA C 152 10.58 -32.05 12.17
N LEU C 153 11.91 -31.89 12.28
CA LEU C 153 12.76 -31.75 11.11
C LEU C 153 12.78 -33.08 10.37
N LEU C 154 12.91 -33.02 9.03
CA LEU C 154 12.95 -34.19 8.19
C LEU C 154 14.35 -34.33 7.62
N GLN C 155 15.10 -35.35 8.07
CA GLN C 155 16.45 -35.57 7.59
C GLN C 155 16.40 -36.11 6.15
N VAL C 156 17.29 -35.61 5.28
CA VAL C 156 17.30 -36.03 3.89
C VAL C 156 18.25 -37.22 3.71
N LYS C 157 17.76 -38.23 2.97
CA LYS C 157 18.48 -39.45 2.66
C LYS C 157 18.47 -39.66 1.15
N LEU C 158 19.45 -40.44 0.66
CA LEU C 158 19.39 -40.95 -0.70
C LEU C 158 19.71 -42.44 -0.68
N GLU C 159 18.69 -43.25 -0.99
CA GLU C 159 18.89 -44.68 -1.13
C GLU C 159 19.62 -44.95 -2.44
N ASP C 160 19.21 -44.27 -3.52
CA ASP C 160 19.75 -44.54 -4.84
C ASP C 160 20.39 -43.30 -5.43
N ALA C 161 21.63 -43.43 -5.98
CA ALA C 161 22.30 -42.34 -6.68
C ALA C 161 22.00 -42.33 -8.19
N ILE C 162 21.61 -43.48 -8.77
CA ILE C 162 21.36 -43.61 -10.20
C ILE C 162 19.98 -43.02 -10.57
N GLU C 163 18.95 -43.41 -9.81
CA GLU C 163 17.60 -42.86 -9.98
C GLU C 163 17.59 -41.38 -9.59
N ALA C 164 18.44 -41.00 -8.62
CA ALA C 164 18.57 -39.61 -8.15
C ALA C 164 19.25 -38.73 -9.19
N ASP C 165 20.11 -39.34 -10.02
CA ASP C 165 20.75 -38.62 -11.11
C ASP C 165 19.76 -38.33 -12.24
N GLN C 166 18.94 -39.32 -12.59
CA GLN C 166 17.98 -39.15 -13.67
C GLN C 166 16.86 -38.21 -13.24
N THR C 167 16.62 -38.11 -11.91
CA THR C 167 15.61 -37.25 -11.33
C THR C 167 16.05 -35.80 -11.39
N PHE C 168 17.26 -35.50 -10.91
CA PHE C 168 17.76 -34.14 -10.95
C PHE C 168 17.95 -33.65 -12.37
N GLU C 169 18.15 -34.58 -13.30
CA GLU C 169 18.41 -34.26 -14.70
C GLU C 169 17.11 -34.03 -15.45
N MET C 170 16.08 -34.83 -15.14
CA MET C 170 14.76 -34.64 -15.71
C MET C 170 14.03 -33.42 -15.15
N LEU C 171 14.14 -33.14 -13.84
CA LEU C 171 13.39 -32.02 -13.30
C LEU C 171 14.12 -30.69 -13.47
N MET C 172 15.45 -30.69 -13.36
CA MET C 172 16.18 -29.44 -13.26
C MET C 172 17.09 -29.23 -14.46
N GLY C 173 17.12 -30.22 -15.36
CA GLY C 173 17.92 -30.16 -16.57
C GLY C 173 17.42 -29.09 -17.54
N ASP C 174 18.15 -28.90 -18.64
CA ASP C 174 17.76 -27.86 -19.59
C ASP C 174 16.92 -28.47 -20.72
N VAL C 175 16.77 -29.79 -20.72
CA VAL C 175 15.83 -30.41 -21.64
C VAL C 175 14.41 -30.28 -21.09
N VAL C 176 13.63 -29.36 -21.70
CA VAL C 176 12.32 -29.05 -21.21
C VAL C 176 11.39 -30.23 -21.46
N GLU C 177 11.59 -30.95 -22.55
CA GLU C 177 10.68 -32.01 -22.95
C GLU C 177 10.51 -33.08 -21.86
N ASN C 178 11.61 -33.54 -21.26
CA ASN C 178 11.52 -34.54 -20.20
C ASN C 178 10.72 -34.00 -19.03
N ARG C 179 10.87 -32.69 -18.79
CA ARG C 179 10.18 -32.06 -17.69
C ARG C 179 8.69 -31.97 -17.99
N ARG C 180 8.34 -31.62 -19.24
CA ARG C 180 6.95 -31.46 -19.63
C ARG C 180 6.21 -32.79 -19.56
N GLN C 181 6.91 -33.87 -19.93
CA GLN C 181 6.29 -35.18 -19.90
C GLN C 181 5.98 -35.60 -18.47
N PHE C 182 6.87 -35.29 -17.52
CA PHE C 182 6.70 -35.72 -16.14
C PHE C 182 5.43 -35.13 -15.55
N ILE C 183 5.08 -33.91 -15.98
CA ILE C 183 3.90 -33.20 -15.48
C ILE C 183 2.65 -33.92 -15.96
N GLU C 184 2.52 -33.99 -17.28
CA GLU C 184 1.43 -34.69 -17.94
C GLU C 184 1.27 -36.13 -17.44
N ASP C 185 2.35 -36.77 -17.00
CA ASP C 185 2.22 -38.11 -16.43
C ASP C 185 1.71 -38.04 -15.00
N ASN C 186 1.90 -36.92 -14.29
CA ASN C 186 1.69 -36.93 -12.85
C ASN C 186 0.65 -35.92 -12.36
N ALA C 187 0.15 -35.06 -13.23
CA ALA C 187 -0.64 -33.93 -12.78
C ALA C 187 -2.08 -34.34 -12.46
N VAL C 188 -2.58 -33.89 -11.30
CA VAL C 188 -3.93 -34.13 -10.81
C VAL C 188 -4.61 -32.75 -10.68
N TYR C 189 -5.45 -32.41 -11.65
CA TYR C 189 -6.14 -31.13 -11.60
C TYR C 189 -7.39 -31.24 -10.68
N ASN D 9 11.01 -36.84 11.39
CA ASN D 9 11.04 -38.10 10.60
C ASN D 9 12.02 -37.94 9.42
N GLU D 10 12.26 -39.02 8.67
CA GLU D 10 13.30 -39.07 7.63
C GLU D 10 12.67 -39.11 6.24
N ARG D 11 13.33 -38.51 5.23
CA ARG D 11 12.68 -38.32 3.94
C ARG D 11 13.67 -38.49 2.78
N ASN D 12 13.20 -39.23 1.76
CA ASN D 12 13.95 -39.64 0.58
C ASN D 12 14.02 -38.50 -0.43
N ILE D 13 15.22 -38.21 -0.96
CA ILE D 13 15.44 -36.98 -1.72
C ILE D 13 14.76 -37.05 -3.09
N THR D 14 14.76 -38.24 -3.69
CA THR D 14 14.13 -38.42 -4.99
C THR D 14 12.63 -38.23 -4.90
N SER D 15 12.02 -38.61 -3.75
CA SER D 15 10.58 -38.45 -3.51
C SER D 15 10.26 -36.98 -3.21
N GLU D 16 11.12 -36.34 -2.42
CA GLU D 16 10.93 -34.95 -2.06
C GLU D 16 11.09 -34.09 -3.30
N MET D 17 12.06 -34.42 -4.17
CA MET D 17 12.33 -33.61 -5.35
C MET D 17 11.15 -33.69 -6.31
N ARG D 18 10.61 -34.89 -6.47
CA ARG D 18 9.54 -35.14 -7.43
C ARG D 18 8.25 -34.45 -6.98
N GLU D 19 7.98 -34.41 -5.67
CA GLU D 19 6.71 -33.90 -5.17
C GLU D 19 6.77 -32.39 -5.01
N SER D 20 7.92 -31.85 -4.60
CA SER D 20 8.10 -30.42 -4.44
C SER D 20 7.96 -29.74 -5.79
N PHE D 21 8.56 -30.35 -6.82
CA PHE D 21 8.67 -29.76 -8.14
C PHE D 21 7.31 -29.81 -8.83
N LEU D 22 6.59 -30.93 -8.60
CA LEU D 22 5.27 -31.12 -9.19
C LEU D 22 4.28 -30.14 -8.56
N ASP D 23 4.38 -29.90 -7.23
CA ASP D 23 3.55 -28.91 -6.56
C ASP D 23 3.72 -27.55 -7.24
N TYR D 24 4.98 -27.21 -7.57
CA TYR D 24 5.29 -25.91 -8.08
C TYR D 24 4.85 -25.82 -9.54
N ALA D 25 5.22 -26.83 -10.32
CA ALA D 25 4.99 -26.82 -11.75
C ALA D 25 3.50 -26.68 -12.04
N MET D 26 2.68 -27.47 -11.32
CA MET D 26 1.24 -27.45 -11.51
C MET D 26 0.66 -26.06 -11.19
N SER D 27 1.20 -25.45 -10.13
CA SER D 27 0.68 -24.19 -9.64
C SER D 27 0.94 -23.07 -10.65
N VAL D 28 2.19 -22.97 -11.14
CA VAL D 28 2.58 -21.96 -12.11
C VAL D 28 1.68 -22.09 -13.33
N ILE D 29 1.37 -23.33 -13.72
CA ILE D 29 0.59 -23.63 -14.91
C ILE D 29 -0.86 -23.14 -14.72
N VAL D 30 -1.55 -23.65 -13.70
CA VAL D 30 -2.99 -23.40 -13.59
C VAL D 30 -3.33 -22.17 -12.73
N ALA D 31 -2.31 -21.46 -12.22
CA ALA D 31 -2.59 -20.38 -11.31
C ALA D 31 -1.46 -19.35 -11.32
N ARG D 32 -1.00 -18.96 -12.51
CA ARG D 32 -0.02 -17.88 -12.59
C ARG D 32 0.27 -17.48 -14.02
N ALA D 33 0.90 -18.37 -14.80
CA ALA D 33 1.55 -18.03 -16.07
C ALA D 33 0.65 -18.13 -17.31
N LEU D 34 -0.39 -18.99 -17.29
CA LEU D 34 -1.22 -19.21 -18.47
C LEU D 34 -2.59 -18.61 -18.27
N PRO D 35 -3.20 -18.10 -19.36
CA PRO D 35 -4.49 -17.43 -19.29
C PRO D 35 -5.58 -18.51 -19.43
N ASP D 36 -6.78 -18.20 -18.92
CA ASP D 36 -7.94 -19.08 -19.13
C ASP D 36 -8.55 -18.68 -20.45
N VAL D 37 -8.98 -19.71 -21.19
CA VAL D 37 -9.40 -19.55 -22.57
C VAL D 37 -10.72 -18.76 -22.67
N ARG D 38 -11.46 -18.63 -21.56
CA ARG D 38 -12.75 -17.96 -21.55
C ARG D 38 -12.62 -16.43 -21.42
N ASP D 39 -11.86 -15.95 -20.44
CA ASP D 39 -11.76 -14.52 -20.21
C ASP D 39 -10.37 -14.01 -20.54
N GLY D 40 -9.49 -14.92 -20.96
CA GLY D 40 -8.17 -14.54 -21.42
C GLY D 40 -7.27 -14.01 -20.29
N LEU D 41 -7.61 -14.32 -19.03
CA LEU D 41 -6.92 -13.70 -17.91
C LEU D 41 -6.10 -14.73 -17.15
N LYS D 42 -4.96 -14.24 -16.65
CA LYS D 42 -4.21 -14.98 -15.64
C LYS D 42 -4.73 -14.50 -14.29
N PRO D 43 -4.55 -15.29 -13.22
CA PRO D 43 -5.00 -14.89 -11.88
C PRO D 43 -4.70 -13.44 -11.49
N VAL D 44 -3.48 -12.95 -11.70
CA VAL D 44 -3.16 -11.63 -11.19
C VAL D 44 -4.02 -10.59 -11.90
N HIS D 45 -4.30 -10.79 -13.19
CA HIS D 45 -5.09 -9.80 -13.91
C HIS D 45 -6.53 -9.84 -13.42
N ARG D 46 -7.06 -11.07 -13.26
CA ARG D 46 -8.45 -11.29 -12.92
C ARG D 46 -8.72 -10.56 -11.63
N ARG D 47 -7.71 -10.57 -10.77
CA ARG D 47 -7.86 -10.05 -9.44
C ARG D 47 -7.77 -8.54 -9.45
N ILE D 48 -6.84 -7.96 -10.22
CA ILE D 48 -6.80 -6.53 -10.34
C ILE D 48 -8.15 -6.00 -10.86
N LEU D 49 -8.80 -6.75 -11.75
CA LEU D 49 -10.05 -6.27 -12.33
C LEU D 49 -11.21 -6.48 -11.36
N TYR D 50 -11.22 -7.65 -10.75
CA TYR D 50 -12.26 -7.93 -9.78
C TYR D 50 -12.12 -6.97 -8.61
N GLY D 51 -10.88 -6.55 -8.32
CA GLY D 51 -10.61 -5.61 -7.25
C GLY D 51 -11.22 -4.24 -7.57
N LEU D 52 -10.93 -3.79 -8.79
CA LEU D 52 -11.40 -2.50 -9.25
C LEU D 52 -12.92 -2.49 -9.14
N ASN D 53 -13.53 -3.64 -9.44
CA ASN D 53 -14.96 -3.87 -9.37
C ASN D 53 -15.43 -3.72 -7.92
N GLU D 54 -14.93 -4.57 -7.02
CA GLU D 54 -15.37 -4.54 -5.64
C GLU D 54 -15.12 -3.19 -5.00
N GLN D 55 -14.07 -2.46 -5.40
CA GLN D 55 -13.79 -1.18 -4.76
C GLN D 55 -14.53 -0.02 -5.43
N GLY D 56 -15.41 -0.35 -6.39
CA GLY D 56 -16.23 0.61 -7.11
C GLY D 56 -15.42 1.61 -7.93
N MET D 57 -14.42 1.10 -8.66
CA MET D 57 -13.50 1.94 -9.42
C MET D 57 -13.98 2.01 -10.87
N THR D 58 -15.17 2.56 -11.06
CA THR D 58 -15.80 2.49 -12.37
C THR D 58 -15.44 3.74 -13.16
N PRO D 59 -15.50 3.71 -14.51
CA PRO D 59 -15.02 4.81 -15.34
C PRO D 59 -15.60 6.20 -15.02
N ASP D 60 -16.80 6.25 -14.41
CA ASP D 60 -17.47 7.51 -14.08
C ASP D 60 -16.84 8.09 -12.82
N LYS D 61 -16.67 7.24 -11.78
CA LYS D 61 -16.00 7.60 -10.54
C LYS D 61 -14.57 8.02 -10.83
N SER D 62 -14.05 8.89 -9.95
CA SER D 62 -12.73 9.47 -10.11
C SER D 62 -11.68 8.47 -9.70
N TYR D 63 -10.46 8.82 -10.12
CA TYR D 63 -9.32 7.93 -10.07
C TYR D 63 -8.89 7.73 -8.63
N LYS D 64 -8.41 6.52 -8.32
CA LYS D 64 -8.00 6.16 -6.97
C LYS D 64 -6.49 5.86 -6.95
N LYS D 65 -5.86 6.22 -5.83
CA LYS D 65 -4.46 5.93 -5.62
C LYS D 65 -4.17 4.46 -5.91
N SER D 66 -3.13 4.22 -6.73
CA SER D 66 -2.73 2.88 -7.17
C SER D 66 -2.34 2.01 -5.97
N ALA D 67 -1.65 2.63 -5.00
CA ALA D 67 -1.18 1.97 -3.78
C ALA D 67 -2.35 1.26 -3.07
N ARG D 68 -3.47 1.97 -2.92
CA ARG D 68 -4.64 1.47 -2.21
C ARG D 68 -5.31 0.35 -3.00
N ILE D 69 -5.32 0.49 -4.33
CA ILE D 69 -5.85 -0.57 -5.18
C ILE D 69 -5.02 -1.85 -5.01
N VAL D 70 -3.68 -1.72 -5.12
CA VAL D 70 -2.71 -2.81 -5.06
C VAL D 70 -2.81 -3.49 -3.69
N GLY D 71 -2.85 -2.65 -2.66
CA GLY D 71 -2.97 -3.10 -1.28
C GLY D 71 -4.23 -3.94 -1.03
N ASP D 72 -5.36 -3.52 -1.61
CA ASP D 72 -6.59 -4.26 -1.41
C ASP D 72 -6.53 -5.60 -2.18
N VAL D 73 -5.91 -5.59 -3.36
CA VAL D 73 -5.86 -6.80 -4.18
C VAL D 73 -4.90 -7.77 -3.52
N MET D 74 -3.87 -7.22 -2.87
CA MET D 74 -2.87 -8.01 -2.16
C MET D 74 -3.42 -8.59 -0.85
N GLY D 75 -4.25 -7.81 -0.13
CA GLY D 75 -4.82 -8.21 1.16
C GLY D 75 -5.98 -9.21 1.04
N LYS D 76 -6.69 -9.13 -0.08
CA LYS D 76 -7.93 -9.86 -0.23
C LYS D 76 -7.77 -11.07 -1.15
N TYR D 77 -7.01 -10.96 -2.26
CA TYR D 77 -7.03 -12.02 -3.27
C TYR D 77 -5.66 -12.58 -3.61
N HIS D 78 -4.67 -11.69 -3.77
CA HIS D 78 -3.40 -11.99 -4.40
C HIS D 78 -2.26 -11.83 -3.42
N PRO D 79 -1.93 -12.89 -2.67
CA PRO D 79 -0.98 -12.78 -1.55
C PRO D 79 0.47 -12.90 -2.02
N HIS D 80 0.89 -11.98 -2.89
CA HIS D 80 2.21 -12.00 -3.48
C HIS D 80 2.82 -10.61 -3.47
N GLY D 81 4.07 -10.51 -3.95
CA GLY D 81 4.80 -9.26 -3.94
C GLY D 81 3.97 -8.13 -4.52
N ASP D 82 4.14 -6.92 -3.97
CA ASP D 82 3.33 -5.79 -4.38
C ASP D 82 3.70 -5.40 -5.81
N SER D 83 5.00 -5.56 -6.14
CA SER D 83 5.56 -5.16 -7.42
C SER D 83 5.00 -6.03 -8.56
N SER D 84 4.80 -7.32 -8.30
CA SER D 84 4.25 -8.19 -9.33
C SER D 84 2.80 -7.81 -9.65
N ILE D 85 2.15 -7.12 -8.70
CA ILE D 85 0.75 -6.74 -8.83
C ILE D 85 0.69 -5.42 -9.59
N TYR D 86 1.56 -4.50 -9.19
CA TYR D 86 1.47 -3.17 -9.77
C TYR D 86 1.89 -3.20 -11.24
N GLU D 87 2.91 -4.01 -11.60
CA GLU D 87 3.48 -3.94 -12.93
C GLU D 87 2.54 -4.57 -13.93
N ALA D 88 1.85 -5.63 -13.51
CA ALA D 88 0.77 -6.17 -14.30
C ALA D 88 -0.36 -5.15 -14.56
N MET D 89 -0.76 -4.38 -13.54
CA MET D 89 -1.78 -3.36 -13.71
C MET D 89 -1.30 -2.25 -14.65
N VAL D 90 -0.02 -1.86 -14.50
CA VAL D 90 0.57 -0.85 -15.36
C VAL D 90 0.49 -1.30 -16.82
N ARG D 91 0.84 -2.56 -17.08
CA ARG D 91 0.76 -3.07 -18.44
C ARG D 91 -0.67 -2.87 -18.98
N MET D 92 -1.68 -3.16 -18.14
CA MET D 92 -3.06 -3.11 -18.57
C MET D 92 -3.51 -1.68 -18.86
N ALA D 93 -2.68 -0.69 -18.51
CA ALA D 93 -3.04 0.68 -18.80
C ALA D 93 -2.29 1.26 -20.00
N GLN D 94 -1.36 0.51 -20.59
CA GLN D 94 -0.56 1.06 -21.67
C GLN D 94 -1.19 0.73 -23.01
N ASP D 95 -1.37 1.77 -23.82
CA ASP D 95 -1.97 1.63 -25.14
C ASP D 95 -0.95 1.06 -26.12
N PHE D 96 0.33 0.96 -25.75
CA PHE D 96 1.30 0.28 -26.62
C PHE D 96 1.44 -1.19 -26.24
N SER D 97 0.75 -1.63 -25.17
CA SER D 97 0.86 -2.99 -24.67
C SER D 97 -0.41 -3.76 -24.96
N TYR D 98 -1.55 -3.18 -24.54
CA TYR D 98 -2.85 -3.80 -24.71
C TYR D 98 -3.55 -3.22 -25.92
N ARG D 99 -3.96 -4.11 -26.84
CA ARG D 99 -4.74 -3.72 -28.01
C ARG D 99 -6.04 -3.03 -27.58
N TYR D 100 -6.64 -3.50 -26.48
CA TYR D 100 -7.79 -2.83 -25.88
C TYR D 100 -7.49 -2.72 -24.39
N PRO D 101 -6.84 -1.63 -23.93
CA PRO D 101 -6.45 -1.47 -22.52
C PRO D 101 -7.61 -1.62 -21.52
N LEU D 102 -7.32 -2.30 -20.42
CA LEU D 102 -8.30 -2.63 -19.39
C LEU D 102 -8.23 -1.65 -18.22
N VAL D 103 -7.10 -0.94 -18.02
CA VAL D 103 -7.03 -0.02 -16.92
C VAL D 103 -6.85 1.38 -17.44
N ASP D 104 -7.51 2.32 -16.78
CA ASP D 104 -7.42 3.70 -17.18
C ASP D 104 -6.57 4.39 -16.11
N GLY D 105 -5.33 4.73 -16.48
CA GLY D 105 -4.40 5.24 -15.48
C GLY D 105 -4.20 6.74 -15.57
N GLN D 106 -4.08 7.37 -14.41
CA GLN D 106 -3.67 8.76 -14.41
C GLN D 106 -2.32 8.89 -13.72
N GLY D 107 -1.44 9.69 -14.32
CA GLY D 107 -0.06 9.86 -13.85
C GLY D 107 0.92 9.32 -14.90
N ASN D 108 2.15 9.04 -14.49
CA ASN D 108 3.10 8.48 -15.43
C ASN D 108 2.94 6.95 -15.50
N PHE D 109 2.59 6.41 -16.67
CA PHE D 109 2.43 4.96 -16.80
C PHE D 109 3.41 4.34 -17.78
N GLY D 110 4.48 5.09 -18.11
CA GLY D 110 5.57 4.61 -18.93
C GLY D 110 5.38 4.95 -20.41
N SER D 111 6.30 4.46 -21.23
CA SER D 111 6.22 4.71 -22.65
C SER D 111 6.98 3.60 -23.37
N MET D 112 7.13 3.77 -24.67
CA MET D 112 7.65 2.73 -25.54
C MET D 112 9.14 2.56 -25.33
N ASP D 113 9.75 3.58 -24.68
CA ASP D 113 11.19 3.66 -24.50
C ASP D 113 11.62 2.81 -23.31
N GLY D 114 10.71 1.98 -22.80
CA GLY D 114 10.96 1.10 -21.68
C GLY D 114 11.17 1.81 -20.33
N ASP D 115 10.95 3.13 -20.28
CA ASP D 115 10.84 3.91 -19.05
C ASP D 115 9.65 3.36 -18.27
N GLY D 116 9.87 2.92 -17.04
CA GLY D 116 8.82 2.24 -16.29
C GLY D 116 7.72 3.25 -15.93
N ALA D 117 6.75 2.82 -15.10
CA ALA D 117 5.81 3.75 -14.51
C ALA D 117 6.36 4.30 -13.19
N ALA D 118 5.98 5.53 -12.86
CA ALA D 118 6.20 6.03 -11.52
C ALA D 118 5.70 5.02 -10.47
N ALA D 119 6.27 5.07 -9.26
CA ALA D 119 5.84 4.15 -8.21
C ALA D 119 4.33 4.31 -7.95
N MET D 120 3.70 3.26 -7.39
CA MET D 120 2.26 3.25 -7.19
C MET D 120 1.74 4.34 -6.24
N ARG D 121 2.64 4.93 -5.43
CA ARG D 121 2.29 6.04 -4.55
C ARG D 121 1.90 7.24 -5.40
N TYR D 122 2.45 7.33 -6.61
CA TYR D 122 2.32 8.50 -7.44
C TYR D 122 1.42 8.29 -8.66
N THR D 123 0.57 7.25 -8.66
CA THR D 123 -0.30 7.00 -9.80
C THR D 123 -1.71 6.65 -9.34
N GLU D 124 -2.69 6.99 -10.18
CA GLU D 124 -4.08 6.69 -9.88
C GLU D 124 -4.72 5.95 -11.06
N ALA D 125 -5.68 5.08 -10.79
CA ALA D 125 -6.29 4.29 -11.86
C ALA D 125 -7.79 4.13 -11.62
N ARG D 126 -8.50 3.75 -12.68
CA ARG D 126 -9.82 3.17 -12.59
C ARG D 126 -9.92 2.25 -13.80
N MET D 127 -11.09 1.64 -14.00
CA MET D 127 -11.20 0.68 -15.10
C MET D 127 -11.62 1.42 -16.34
N THR D 128 -11.37 0.81 -17.49
CA THR D 128 -11.86 1.40 -18.72
C THR D 128 -13.30 0.95 -18.98
N LYS D 129 -13.94 1.65 -19.92
CA LYS D 129 -15.28 1.34 -20.34
C LYS D 129 -15.35 -0.11 -20.86
N ILE D 130 -14.29 -0.58 -21.50
CA ILE D 130 -14.36 -1.91 -22.05
C ILE D 130 -14.26 -2.94 -20.93
N THR D 131 -13.66 -2.54 -19.80
CA THR D 131 -13.51 -3.51 -18.72
C THR D 131 -14.86 -3.79 -18.06
N LEU D 132 -15.76 -2.81 -18.15
CA LEU D 132 -17.11 -3.00 -17.67
C LEU D 132 -17.71 -4.19 -18.37
N GLU D 133 -17.35 -4.34 -19.66
CA GLU D 133 -17.83 -5.45 -20.48
C GLU D 133 -17.24 -6.77 -20.00
N LEU D 134 -16.09 -6.76 -19.32
CA LEU D 134 -15.54 -8.01 -18.82
C LEU D 134 -16.30 -8.44 -17.57
N LEU D 135 -16.75 -7.46 -16.78
CA LEU D 135 -17.41 -7.74 -15.53
C LEU D 135 -18.95 -7.64 -15.65
N ARG D 136 -19.48 -7.53 -16.87
CA ARG D 136 -20.92 -7.34 -17.03
C ARG D 136 -21.67 -8.58 -16.55
N ASP D 137 -22.56 -8.36 -15.59
CA ASP D 137 -23.47 -9.38 -15.08
C ASP D 137 -22.71 -10.33 -14.14
N ILE D 138 -21.61 -9.86 -13.54
CA ILE D 138 -20.82 -10.65 -12.60
C ILE D 138 -21.69 -11.08 -11.41
N ASN D 139 -22.67 -10.24 -11.02
CA ASN D 139 -23.36 -10.51 -9.77
C ASN D 139 -24.74 -11.10 -10.01
N LYS D 140 -24.87 -11.84 -11.12
CA LYS D 140 -26.10 -12.47 -11.55
C LYS D 140 -25.90 -13.98 -11.73
N ASP D 141 -25.16 -14.60 -10.81
CA ASP D 141 -24.89 -16.03 -10.84
C ASP D 141 -24.42 -16.49 -12.22
N THR D 142 -23.56 -15.70 -12.87
CA THR D 142 -23.14 -16.03 -14.20
C THR D 142 -21.88 -16.88 -14.17
N ILE D 143 -21.10 -16.72 -13.11
CA ILE D 143 -19.84 -17.42 -13.07
C ILE D 143 -19.70 -17.91 -11.64
N ASP D 144 -19.05 -19.07 -11.46
CA ASP D 144 -18.82 -19.63 -10.14
C ASP D 144 -17.75 -18.86 -9.35
N PHE D 145 -18.11 -18.44 -8.15
CA PHE D 145 -17.15 -17.89 -7.21
C PHE D 145 -16.46 -19.01 -6.44
N ILE D 146 -15.38 -18.66 -5.72
CA ILE D 146 -14.62 -19.61 -4.93
C ILE D 146 -14.09 -18.89 -3.71
N ASP D 147 -13.77 -19.69 -2.68
CA ASP D 147 -12.99 -19.21 -1.54
C ASP D 147 -11.61 -18.73 -1.98
N ASN D 148 -11.13 -17.68 -1.31
CA ASN D 148 -9.81 -17.14 -1.57
C ASN D 148 -8.77 -17.91 -0.74
N TYR D 149 -7.60 -17.29 -0.49
CA TYR D 149 -6.53 -17.93 0.26
C TYR D 149 -6.81 -17.90 1.76
N ASP D 150 -7.33 -16.80 2.31
CA ASP D 150 -7.52 -16.71 3.76
C ASP D 150 -8.92 -17.18 4.14
N GLY D 151 -9.66 -17.78 3.19
CA GLY D 151 -11.06 -18.18 3.35
C GLY D 151 -12.02 -17.06 3.79
N ASN D 152 -11.61 -15.80 3.61
CA ASN D 152 -12.36 -14.65 4.10
C ASN D 152 -13.00 -13.88 2.96
N GLU D 153 -12.70 -14.25 1.72
CA GLU D 153 -13.28 -13.57 0.58
C GLU D 153 -13.73 -14.59 -0.45
N ARG D 154 -14.69 -14.15 -1.26
CA ARG D 154 -15.06 -14.90 -2.43
C ARG D 154 -14.37 -14.22 -3.61
N GLU D 155 -13.91 -15.02 -4.59
CA GLU D 155 -13.35 -14.45 -5.80
C GLU D 155 -13.88 -15.23 -6.99
N PRO D 156 -14.06 -14.57 -8.16
CA PRO D 156 -14.51 -15.25 -9.37
C PRO D 156 -13.47 -16.20 -9.89
N SER D 157 -13.90 -17.43 -10.19
CA SER D 157 -13.06 -18.40 -10.88
C SER D 157 -12.69 -17.90 -12.28
N VAL D 158 -13.65 -17.23 -12.94
CA VAL D 158 -13.49 -16.68 -14.28
C VAL D 158 -14.37 -15.45 -14.42
N LEU D 159 -14.11 -14.54 -15.36
CA LEU D 159 -15.00 -13.40 -15.54
C LEU D 159 -16.02 -13.67 -16.65
N PRO D 160 -17.21 -13.03 -16.63
CA PRO D 160 -18.20 -13.21 -17.68
C PRO D 160 -17.63 -12.92 -19.07
N ALA D 161 -16.79 -11.89 -19.19
CA ALA D 161 -16.04 -11.60 -20.41
C ALA D 161 -16.95 -11.49 -21.62
N ARG D 162 -17.70 -10.40 -21.71
CA ARG D 162 -18.68 -10.29 -22.77
C ARG D 162 -18.05 -9.89 -24.11
N PHE D 163 -16.71 -9.79 -24.20
CA PHE D 163 -16.04 -9.85 -25.50
C PHE D 163 -14.90 -10.84 -25.46
N PRO D 164 -14.44 -11.41 -26.61
CA PRO D 164 -13.41 -12.46 -26.61
C PRO D 164 -11.97 -12.00 -26.30
N ASN D 165 -11.67 -11.80 -25.02
CA ASN D 165 -10.52 -11.03 -24.56
C ASN D 165 -9.18 -11.74 -24.78
N LEU D 166 -9.17 -13.08 -24.75
CA LEU D 166 -7.96 -13.85 -24.96
C LEU D 166 -7.32 -13.49 -26.30
N LEU D 167 -8.11 -13.37 -27.37
CA LEU D 167 -7.48 -13.08 -28.65
C LEU D 167 -7.34 -11.57 -28.86
N ALA D 168 -8.23 -10.81 -28.22
CA ALA D 168 -8.25 -9.38 -28.44
C ALA D 168 -6.95 -8.75 -27.93
N ASN D 169 -6.62 -9.06 -26.67
CA ASN D 169 -5.47 -8.45 -26.05
C ASN D 169 -4.27 -9.38 -26.14
N GLY D 170 -4.51 -10.67 -26.44
CA GLY D 170 -3.43 -11.62 -26.63
C GLY D 170 -2.95 -12.06 -25.27
N ALA D 171 -1.86 -12.82 -25.22
CA ALA D 171 -1.36 -13.32 -23.95
C ALA D 171 0.06 -13.78 -24.14
N SER D 172 0.94 -13.46 -23.19
CA SER D 172 2.25 -14.09 -23.21
C SER D 172 2.63 -14.48 -21.80
N GLY D 173 3.10 -15.71 -21.58
CA GLY D 173 3.53 -16.07 -20.24
C GLY D 173 4.48 -17.26 -20.22
N ILE D 174 5.46 -17.25 -19.31
CA ILE D 174 6.38 -18.37 -19.22
C ILE D 174 5.96 -19.20 -18.04
N ALA D 175 5.65 -20.47 -18.30
CA ALA D 175 5.19 -21.37 -17.25
C ALA D 175 6.36 -22.26 -16.88
N VAL D 176 6.09 -23.53 -16.54
CA VAL D 176 7.10 -24.54 -16.32
C VAL D 176 6.73 -25.74 -17.19
N GLY D 177 7.70 -26.24 -17.97
CA GLY D 177 7.36 -27.29 -18.93
C GLY D 177 6.63 -26.79 -20.16
N MET D 178 6.20 -25.52 -20.13
CA MET D 178 5.61 -24.89 -21.30
C MET D 178 5.65 -23.37 -21.15
N ALA D 179 5.28 -22.67 -22.21
CA ALA D 179 5.00 -21.24 -22.16
C ALA D 179 3.94 -20.92 -23.22
N THR D 180 3.37 -19.71 -23.19
CA THR D 180 2.35 -19.37 -24.17
C THR D 180 2.70 -18.04 -24.85
N ASN D 181 2.17 -17.81 -26.06
CA ASN D 181 2.41 -16.56 -26.74
C ASN D 181 1.35 -16.39 -27.80
N ILE D 182 0.33 -15.60 -27.45
CA ILE D 182 -0.83 -15.36 -28.28
C ILE D 182 -0.84 -13.89 -28.66
N PRO D 183 -0.91 -13.53 -29.97
CA PRO D 183 -0.90 -12.12 -30.37
C PRO D 183 -2.27 -11.43 -30.26
N PRO D 184 -2.34 -10.07 -30.12
CA PRO D 184 -3.62 -9.39 -30.08
C PRO D 184 -4.31 -9.38 -31.43
N HIS D 185 -5.61 -9.09 -31.44
CA HIS D 185 -6.33 -9.07 -32.70
C HIS D 185 -7.25 -7.88 -32.76
N ASN D 186 -7.87 -7.69 -33.91
CA ASN D 186 -8.83 -6.60 -34.02
C ASN D 186 -10.18 -7.06 -33.49
N LEU D 187 -10.78 -6.31 -32.56
CA LEU D 187 -12.01 -6.73 -31.91
C LEU D 187 -13.17 -6.85 -32.91
N THR D 188 -13.26 -5.93 -33.89
CA THR D 188 -14.28 -6.01 -34.93
C THR D 188 -14.19 -7.32 -35.69
N GLU D 189 -12.97 -7.75 -36.05
CA GLU D 189 -12.80 -8.97 -36.82
C GLU D 189 -13.10 -10.21 -35.98
N LEU D 190 -12.69 -10.23 -34.70
CA LEU D 190 -12.98 -11.37 -33.83
C LEU D 190 -14.48 -11.56 -33.67
N ILE D 191 -15.21 -10.46 -33.42
CA ILE D 191 -16.62 -10.59 -33.14
C ILE D 191 -17.36 -11.06 -34.39
N ASN D 192 -16.94 -10.54 -35.56
CA ASN D 192 -17.48 -10.95 -36.84
C ASN D 192 -17.23 -12.44 -37.06
N GLY D 193 -16.15 -12.96 -36.46
CA GLY D 193 -15.79 -14.35 -36.58
C GLY D 193 -16.58 -15.22 -35.62
N VAL D 194 -16.94 -14.68 -34.47
CA VAL D 194 -17.73 -15.41 -33.51
C VAL D 194 -19.18 -15.52 -33.98
N LEU D 195 -19.69 -14.45 -34.58
CA LEU D 195 -21.00 -14.44 -35.18
C LEU D 195 -21.06 -15.44 -36.35
N SER D 196 -20.00 -15.45 -37.18
CA SER D 196 -19.85 -16.42 -38.26
C SER D 196 -19.91 -17.84 -37.70
N LEU D 197 -19.16 -18.06 -36.63
CA LEU D 197 -19.09 -19.36 -35.97
C LEU D 197 -20.47 -19.75 -35.40
N SER D 198 -21.18 -18.76 -34.83
CA SER D 198 -22.44 -19.00 -34.15
C SER D 198 -23.50 -19.46 -35.15
N LYS D 199 -23.31 -19.16 -36.43
CA LYS D 199 -24.27 -19.57 -37.44
C LYS D 199 -23.75 -20.74 -38.29
N ASN D 200 -22.67 -21.38 -37.85
CA ASN D 200 -22.12 -22.47 -38.63
C ASN D 200 -21.10 -23.20 -37.76
N PRO D 201 -21.56 -24.17 -36.94
CA PRO D 201 -20.63 -24.99 -36.16
C PRO D 201 -19.47 -25.68 -36.89
N ASP D 202 -19.61 -25.91 -38.20
CA ASP D 202 -18.63 -26.70 -38.93
C ASP D 202 -17.65 -25.85 -39.76
N ILE D 203 -17.61 -24.53 -39.49
CA ILE D 203 -16.84 -23.55 -40.26
C ILE D 203 -15.36 -23.90 -40.21
N SER D 204 -14.65 -23.76 -41.33
CA SER D 204 -13.22 -24.05 -41.35
C SER D 204 -12.41 -22.85 -40.87
N ILE D 205 -11.14 -23.07 -40.50
CA ILE D 205 -10.22 -21.98 -40.18
C ILE D 205 -10.15 -21.00 -41.35
N ALA D 206 -10.04 -21.56 -42.56
CA ALA D 206 -9.95 -20.78 -43.78
C ALA D 206 -11.11 -19.79 -43.90
N GLU D 207 -12.36 -20.23 -43.61
N GLU D 207 -12.33 -20.24 -43.59
CA GLU D 207 -13.52 -19.35 -43.70
CA GLU D 207 -13.52 -19.41 -43.68
C GLU D 207 -13.49 -18.33 -42.57
C GLU D 207 -13.52 -18.37 -42.55
N LEU D 208 -12.93 -18.72 -41.42
CA LEU D 208 -12.88 -17.80 -40.29
C LEU D 208 -11.88 -16.71 -40.58
N MET D 209 -10.84 -17.06 -41.35
CA MET D 209 -9.81 -16.11 -41.70
C MET D 209 -10.31 -15.09 -42.72
N GLU D 210 -11.56 -15.26 -43.18
CA GLU D 210 -12.16 -14.24 -44.03
C GLU D 210 -12.65 -13.10 -43.16
N ASP D 211 -12.78 -13.35 -41.85
CA ASP D 211 -13.16 -12.34 -40.89
C ASP D 211 -11.94 -11.86 -40.13
N ILE D 212 -11.18 -12.82 -39.61
CA ILE D 212 -9.96 -12.54 -38.87
C ILE D 212 -8.78 -12.70 -39.82
N GLU D 213 -8.30 -11.59 -40.38
CA GLU D 213 -7.18 -11.59 -41.31
C GLU D 213 -5.87 -12.11 -40.69
N GLY D 214 -5.49 -11.54 -39.56
CA GLY D 214 -4.30 -11.93 -38.84
C GLY D 214 -4.27 -11.20 -37.52
N PRO D 215 -3.12 -11.16 -36.80
CA PRO D 215 -2.99 -10.35 -35.58
C PRO D 215 -3.22 -8.86 -35.82
N ASP D 216 -3.51 -8.09 -34.77
CA ASP D 216 -3.56 -6.65 -34.94
C ASP D 216 -2.86 -5.98 -33.77
N PHE D 217 -1.58 -5.68 -33.92
CA PHE D 217 -0.79 -5.24 -32.78
C PHE D 217 -1.17 -3.80 -32.44
N PRO D 218 -1.21 -3.41 -31.14
CA PRO D 218 -1.53 -2.03 -30.78
C PRO D 218 -0.52 -1.09 -31.41
N THR D 219 0.69 -1.61 -31.65
CA THR D 219 1.79 -0.81 -32.17
C THR D 219 1.77 -0.74 -33.70
N ALA D 220 0.67 -1.21 -34.29
CA ALA D 220 0.51 -1.20 -35.74
C ALA D 220 1.64 -2.02 -36.38
N GLY D 221 2.26 -1.50 -37.44
CA GLY D 221 3.36 -2.18 -38.10
C GLY D 221 2.92 -2.91 -39.37
N LEU D 222 3.84 -3.72 -39.92
CA LEU D 222 3.55 -4.56 -41.07
C LEU D 222 3.84 -6.00 -40.71
N ILE D 223 2.94 -6.90 -41.11
CA ILE D 223 3.21 -8.33 -41.11
C ILE D 223 3.51 -8.70 -42.56
N LEU D 224 4.67 -9.34 -42.76
CA LEU D 224 5.11 -9.89 -44.03
C LEU D 224 4.52 -11.27 -44.25
N GLY D 225 3.68 -11.39 -45.27
CA GLY D 225 3.13 -12.68 -45.62
C GLY D 225 1.99 -13.11 -44.70
N LYS D 226 1.20 -14.07 -45.21
CA LYS D 226 0.01 -14.66 -44.62
C LYS D 226 0.28 -16.09 -44.15
N SER D 227 1.40 -16.68 -44.56
CA SER D 227 1.58 -18.10 -44.35
C SER D 227 1.91 -18.44 -42.89
N GLY D 228 2.60 -17.54 -42.17
CA GLY D 228 2.88 -17.78 -40.76
C GLY D 228 1.59 -17.74 -39.94
N ILE D 229 0.70 -16.81 -40.32
CA ILE D 229 -0.58 -16.61 -39.66
C ILE D 229 -1.45 -17.85 -39.90
N ARG D 230 -1.42 -18.40 -41.13
CA ARG D 230 -2.22 -19.56 -41.48
C ARG D 230 -1.78 -20.75 -40.65
N ARG D 231 -0.47 -20.97 -40.56
CA ARG D 231 0.05 -22.07 -39.77
C ARG D 231 -0.32 -21.89 -38.29
N ALA D 232 -0.29 -20.64 -37.79
CA ALA D 232 -0.63 -20.42 -36.39
C ALA D 232 -2.13 -20.65 -36.14
N TYR D 233 -2.99 -20.18 -37.05
CA TYR D 233 -4.41 -20.30 -36.82
C TYR D 233 -4.85 -21.75 -36.97
N GLU D 234 -4.03 -22.55 -37.67
CA GLU D 234 -4.39 -23.92 -37.96
C GLU D 234 -3.74 -24.91 -37.00
N THR D 235 -2.49 -24.68 -36.60
CA THR D 235 -1.91 -25.60 -35.65
C THR D 235 -1.85 -25.01 -34.24
N GLY D 236 -1.76 -23.67 -34.15
CA GLY D 236 -1.63 -23.00 -32.87
C GLY D 236 -0.18 -22.57 -32.64
N ARG D 237 0.71 -22.94 -33.58
CA ARG D 237 2.12 -22.60 -33.50
C ARG D 237 2.52 -22.03 -34.86
N GLY D 238 3.42 -21.04 -34.84
CA GLY D 238 3.76 -20.35 -36.07
C GLY D 238 4.68 -19.16 -35.83
N SER D 239 5.28 -18.66 -36.93
CA SER D 239 6.17 -17.50 -36.90
C SER D 239 5.65 -16.44 -37.85
N ILE D 240 5.64 -15.21 -37.37
CA ILE D 240 5.11 -14.06 -38.08
C ILE D 240 6.21 -13.00 -38.18
N GLN D 241 6.58 -12.60 -39.40
CA GLN D 241 7.58 -11.55 -39.54
C GLN D 241 6.89 -10.19 -39.36
N MET D 242 7.21 -9.46 -38.28
CA MET D 242 6.70 -8.10 -38.15
C MET D 242 7.78 -7.14 -38.62
N ARG D 243 7.40 -6.14 -39.41
CA ARG D 243 8.35 -5.14 -39.88
C ARG D 243 7.87 -3.73 -39.50
N SER D 244 8.81 -2.80 -39.27
CA SER D 244 8.59 -1.39 -38.98
C SER D 244 8.00 -0.71 -40.21
N ARG D 245 7.27 0.38 -39.95
CA ARG D 245 6.85 1.26 -41.03
C ARG D 245 7.93 2.34 -41.20
N ALA D 246 8.77 2.14 -42.22
CA ALA D 246 9.80 3.09 -42.57
C ALA D 246 9.48 3.61 -43.96
N VAL D 247 9.75 4.89 -44.22
CA VAL D 247 9.76 5.40 -45.58
C VAL D 247 11.11 6.06 -45.84
N ILE D 248 11.45 6.24 -47.13
CA ILE D 248 12.61 7.05 -47.47
C ILE D 248 12.10 8.36 -48.08
N GLU D 249 12.60 9.48 -47.54
CA GLU D 249 12.19 10.79 -48.02
C GLU D 249 13.41 11.69 -48.15
N GLU D 250 13.38 12.60 -49.15
CA GLU D 250 14.38 13.64 -49.32
C GLU D 250 14.33 14.63 -48.16
N ARG D 251 15.51 14.98 -47.62
CA ARG D 251 15.63 15.86 -46.47
C ARG D 251 16.16 17.21 -46.94
N GLY D 252 16.39 17.35 -48.26
CA GLY D 252 16.82 18.61 -48.83
C GLY D 252 18.31 18.59 -49.19
N GLY D 253 18.62 19.16 -50.35
CA GLY D 253 19.99 19.26 -50.82
C GLY D 253 20.49 17.97 -51.48
N GLY D 254 19.58 17.19 -52.07
CA GLY D 254 19.98 15.95 -52.71
C GLY D 254 20.11 14.80 -51.70
N ARG D 255 20.12 15.14 -50.40
CA ARG D 255 20.29 14.17 -49.32
C ARG D 255 18.93 13.57 -48.96
N GLN D 256 18.97 12.43 -48.26
CA GLN D 256 17.79 11.64 -47.95
C GLN D 256 17.80 11.23 -46.48
N ARG D 257 16.67 10.70 -46.02
CA ARG D 257 16.57 10.12 -44.69
C ARG D 257 15.57 8.96 -44.67
N ILE D 258 15.72 8.11 -43.65
CA ILE D 258 14.74 7.07 -43.35
C ILE D 258 13.90 7.53 -42.17
N VAL D 259 12.56 7.61 -42.34
CA VAL D 259 11.74 7.95 -41.20
C VAL D 259 10.95 6.73 -40.75
N VAL D 260 11.14 6.30 -39.50
CA VAL D 260 10.42 5.17 -38.92
C VAL D 260 9.33 5.72 -37.99
N THR D 261 8.08 5.30 -38.21
CA THR D 261 6.93 5.83 -37.50
C THR D 261 6.17 4.71 -36.79
N GLU D 262 6.32 3.43 -37.19
CA GLU D 262 5.78 2.35 -36.40
C GLU D 262 6.85 1.28 -36.17
N ILE D 263 6.92 0.77 -34.94
CA ILE D 263 7.89 -0.27 -34.60
C ILE D 263 7.16 -1.57 -34.29
N PRO D 264 7.85 -2.73 -34.40
CA PRO D 264 7.29 -4.01 -33.97
C PRO D 264 6.73 -4.06 -32.55
N PHE D 265 5.70 -4.92 -32.37
CA PHE D 265 5.12 -5.22 -31.07
C PHE D 265 6.22 -5.65 -30.09
N GLN D 266 6.15 -5.13 -28.87
CA GLN D 266 7.00 -5.61 -27.79
C GLN D 266 8.48 -5.26 -28.03
N VAL D 267 8.79 -4.14 -28.70
CA VAL D 267 10.18 -3.79 -28.96
C VAL D 267 10.44 -2.46 -28.29
N ASN D 268 11.48 -2.43 -27.47
CA ASN D 268 11.80 -1.22 -26.74
C ASN D 268 12.41 -0.23 -27.72
N LYS D 269 11.74 0.90 -27.95
CA LYS D 269 12.19 1.85 -28.98
C LYS D 269 13.60 2.33 -28.65
N ALA D 270 13.83 2.62 -27.36
CA ALA D 270 15.08 3.18 -26.92
C ALA D 270 16.21 2.20 -27.22
N ARG D 271 16.04 0.97 -26.73
CA ARG D 271 17.05 -0.06 -26.85
C ARG D 271 17.32 -0.31 -28.34
N MET D 272 16.27 -0.21 -29.16
CA MET D 272 16.41 -0.38 -30.59
C MET D 272 17.26 0.75 -31.19
N ILE D 273 17.09 1.96 -30.66
CA ILE D 273 17.82 3.11 -31.20
C ILE D 273 19.29 3.02 -30.82
N GLU D 274 19.59 2.68 -29.55
N GLU D 274 19.56 2.66 -29.56
CA GLU D 274 20.96 2.53 -29.12
CA GLU D 274 20.92 2.51 -29.08
C GLU D 274 21.64 1.41 -29.92
C GLU D 274 21.62 1.41 -29.88
N LYS D 275 20.86 0.38 -30.28
CA LYS D 275 21.36 -0.76 -31.02
C LYS D 275 21.88 -0.36 -32.41
N ILE D 276 21.18 0.58 -33.05
CA ILE D 276 21.60 1.12 -34.34
C ILE D 276 22.87 1.96 -34.12
N ALA D 277 22.81 2.89 -33.16
CA ALA D 277 23.91 3.81 -32.94
C ALA D 277 25.17 3.00 -32.66
N GLU D 278 25.01 1.86 -31.99
CA GLU D 278 26.19 1.07 -31.63
C GLU D 278 26.74 0.38 -32.87
N LEU D 279 25.85 0.05 -33.83
CA LEU D 279 26.30 -0.57 -35.07
C LEU D 279 27.05 0.46 -35.90
N VAL D 280 26.60 1.72 -35.78
CA VAL D 280 27.20 2.79 -36.54
C VAL D 280 28.61 3.12 -36.03
N ARG D 281 28.75 3.18 -34.70
CA ARG D 281 30.02 3.49 -34.08
C ARG D 281 31.02 2.41 -34.50
N ASP D 282 30.67 1.16 -34.22
CA ASP D 282 31.55 0.02 -34.46
C ASP D 282 31.73 -0.23 -35.97
N LYS D 283 31.28 0.71 -36.81
CA LYS D 283 31.52 0.76 -38.25
C LYS D 283 30.99 -0.51 -38.93
N LYS D 284 29.99 -1.15 -38.30
CA LYS D 284 29.44 -2.41 -38.80
C LYS D 284 28.12 -2.15 -39.51
N ILE D 285 27.84 -0.89 -39.88
CA ILE D 285 26.78 -0.59 -40.85
C ILE D 285 27.12 0.71 -41.52
N ASP D 286 26.96 0.77 -42.84
CA ASP D 286 27.55 1.84 -43.62
C ASP D 286 26.46 2.81 -44.09
N GLY D 287 26.72 4.13 -43.96
CA GLY D 287 25.94 5.17 -44.63
C GLY D 287 25.08 6.09 -43.76
N ILE D 288 25.11 5.92 -42.43
CA ILE D 288 24.22 6.69 -41.56
C ILE D 288 24.99 7.85 -40.92
N THR D 289 24.43 9.07 -41.01
CA THR D 289 25.11 10.24 -40.47
C THR D 289 24.49 10.65 -39.14
N ASP D 290 23.17 10.50 -39.00
CA ASP D 290 22.57 10.97 -37.78
C ASP D 290 21.43 10.06 -37.38
N LEU D 291 21.06 10.13 -36.12
CA LEU D 291 20.00 9.32 -35.55
C LEU D 291 19.31 10.16 -34.51
N ARG D 292 18.11 10.64 -34.84
CA ARG D 292 17.37 11.42 -33.87
C ARG D 292 15.99 10.81 -33.65
N ASP D 293 15.61 10.76 -32.38
CA ASP D 293 14.22 10.44 -32.06
C ASP D 293 13.48 11.76 -31.94
N GLU D 294 12.55 11.95 -32.88
CA GLU D 294 11.71 13.13 -32.90
C GLU D 294 10.28 12.76 -32.48
N THR D 295 10.14 11.72 -31.64
CA THR D 295 8.84 11.27 -31.20
C THR D 295 8.34 12.21 -30.12
N SER D 296 7.13 12.74 -30.31
CA SER D 296 6.50 13.53 -29.28
C SER D 296 5.12 12.96 -28.99
N LEU D 297 4.60 13.33 -27.80
CA LEU D 297 3.22 13.09 -27.41
C LEU D 297 2.25 13.72 -28.43
N ARG D 298 2.80 14.44 -29.43
CA ARG D 298 2.02 15.26 -30.35
C ARG D 298 2.24 14.83 -31.79
N THR D 299 3.44 14.34 -32.10
CA THR D 299 3.80 14.01 -33.48
C THR D 299 3.62 12.51 -33.74
N GLY D 300 3.66 11.70 -32.67
CA GLY D 300 3.64 10.25 -32.83
C GLY D 300 5.07 9.71 -32.85
N VAL D 301 5.24 8.41 -33.06
CA VAL D 301 6.60 7.87 -33.10
C VAL D 301 7.32 8.37 -34.36
N ARG D 302 8.52 8.95 -34.18
CA ARG D 302 9.29 9.49 -35.28
C ARG D 302 10.78 9.30 -35.01
N VAL D 303 11.37 8.30 -35.67
CA VAL D 303 12.79 8.01 -35.60
C VAL D 303 13.37 8.25 -36.99
N VAL D 304 14.21 9.27 -37.10
CA VAL D 304 14.83 9.65 -38.37
C VAL D 304 16.26 9.12 -38.44
N ILE D 305 16.56 8.38 -39.52
CA ILE D 305 17.91 7.99 -39.89
C ILE D 305 18.33 8.81 -41.10
N ASP D 306 19.22 9.80 -40.89
CA ASP D 306 19.79 10.58 -41.99
C ASP D 306 20.84 9.73 -42.72
N VAL D 307 20.87 9.83 -44.05
CA VAL D 307 21.72 8.98 -44.87
C VAL D 307 22.70 9.87 -45.62
N ARG D 308 23.99 9.60 -45.44
CA ARG D 308 25.05 10.30 -46.14
C ARG D 308 24.71 10.45 -47.62
N LYS D 309 25.08 11.60 -48.20
CA LYS D 309 24.70 11.94 -49.56
C LYS D 309 25.16 10.87 -50.55
N ASP D 310 24.27 10.53 -51.50
CA ASP D 310 24.53 9.63 -52.63
C ASP D 310 24.76 8.18 -52.22
N ALA D 311 24.58 7.85 -50.94
CA ALA D 311 24.49 6.45 -50.51
C ALA D 311 23.13 5.90 -50.94
N ASN D 312 22.94 4.59 -50.91
CA ASN D 312 21.65 4.05 -51.26
C ASN D 312 20.86 3.85 -49.97
N ALA D 313 19.74 4.57 -49.80
CA ALA D 313 19.02 4.52 -48.53
C ALA D 313 18.17 3.25 -48.47
N SER D 314 17.78 2.73 -49.63
CA SER D 314 17.02 1.49 -49.66
C SER D 314 17.88 0.30 -49.24
N VAL D 315 19.20 0.42 -49.40
CA VAL D 315 20.09 -0.66 -48.97
C VAL D 315 20.30 -0.57 -47.46
N ILE D 316 20.52 0.65 -46.97
CA ILE D 316 20.65 0.89 -45.53
C ILE D 316 19.42 0.35 -44.81
N LEU D 317 18.22 0.61 -45.36
CA LEU D 317 16.97 0.19 -44.75
C LEU D 317 16.94 -1.32 -44.63
N ASN D 318 17.25 -1.97 -45.75
CA ASN D 318 17.24 -3.41 -45.78
C ASN D 318 18.22 -3.97 -44.73
N ASN D 319 19.37 -3.31 -44.60
CA ASN D 319 20.39 -3.79 -43.68
C ASN D 319 19.99 -3.50 -42.24
N LEU D 320 19.36 -2.35 -41.98
CA LEU D 320 18.78 -2.10 -40.67
C LEU D 320 17.74 -3.16 -40.33
N TYR D 321 17.03 -3.68 -41.34
CA TYR D 321 16.13 -4.77 -41.06
C TYR D 321 16.91 -5.99 -40.61
N LYS D 322 18.02 -6.28 -41.29
CA LYS D 322 18.72 -7.52 -41.06
C LYS D 322 19.42 -7.56 -39.71
N GLN D 323 19.73 -6.41 -39.10
CA GLN D 323 20.67 -6.32 -37.98
C GLN D 323 20.04 -5.76 -36.71
N THR D 324 18.96 -5.00 -36.85
CA THR D 324 18.32 -4.42 -35.69
C THR D 324 16.94 -5.04 -35.49
N PRO D 325 16.26 -4.78 -34.33
CA PRO D 325 14.87 -5.21 -34.11
C PRO D 325 13.85 -4.38 -34.88
N LEU D 326 14.32 -3.68 -35.92
CA LEU D 326 13.45 -2.95 -36.84
C LEU D 326 12.59 -3.95 -37.61
N GLN D 327 13.08 -5.19 -37.72
CA GLN D 327 12.27 -6.30 -38.17
C GLN D 327 12.40 -7.35 -37.11
N THR D 328 11.26 -7.92 -36.68
CA THR D 328 11.25 -8.92 -35.63
C THR D 328 10.17 -9.96 -35.93
N SER D 329 10.37 -11.18 -35.43
CA SER D 329 9.35 -12.19 -35.57
C SER D 329 8.52 -12.29 -34.27
N PHE D 330 7.23 -12.63 -34.39
CA PHE D 330 6.44 -12.99 -33.23
C PHE D 330 6.15 -14.49 -33.28
N GLY D 331 6.47 -15.20 -32.20
CA GLY D 331 6.36 -16.66 -32.23
C GLY D 331 5.16 -17.20 -31.46
N VAL D 332 4.16 -17.66 -32.22
CA VAL D 332 2.86 -18.05 -31.71
C VAL D 332 2.87 -19.46 -31.12
N ASN D 333 2.29 -19.59 -29.93
CA ASN D 333 2.22 -20.84 -29.19
C ASN D 333 0.95 -20.78 -28.31
N MET D 334 -0.19 -21.09 -28.94
CA MET D 334 -1.48 -20.77 -28.35
C MET D 334 -1.88 -21.83 -27.33
N ILE D 335 -1.31 -21.71 -26.13
CA ILE D 335 -1.58 -22.62 -25.04
C ILE D 335 -2.39 -21.86 -23.99
N ALA D 336 -3.64 -22.26 -23.77
CA ALA D 336 -4.45 -21.62 -22.75
C ALA D 336 -5.02 -22.65 -21.79
N LEU D 337 -5.67 -22.19 -20.71
CA LEU D 337 -6.30 -23.11 -19.78
C LEU D 337 -7.69 -23.47 -20.30
N VAL D 338 -7.92 -24.77 -20.51
CA VAL D 338 -9.17 -25.32 -21.02
C VAL D 338 -9.64 -26.42 -20.07
N ASN D 339 -10.70 -26.11 -19.32
CA ASN D 339 -11.17 -26.88 -18.18
C ASN D 339 -10.05 -26.98 -17.16
N GLY D 340 -9.45 -25.82 -16.86
CA GLY D 340 -8.31 -25.69 -15.95
C GLY D 340 -7.20 -26.70 -16.25
N ARG D 341 -7.07 -27.07 -17.54
CA ARG D 341 -5.97 -27.90 -18.03
C ARG D 341 -5.20 -27.07 -19.07
N PRO D 342 -3.85 -27.23 -19.21
CA PRO D 342 -3.10 -26.46 -20.20
C PRO D 342 -3.33 -27.20 -21.51
N LYS D 343 -3.53 -26.46 -22.60
CA LYS D 343 -3.94 -27.04 -23.87
C LYS D 343 -3.55 -26.14 -25.05
N LEU D 344 -2.97 -26.74 -26.11
CA LEU D 344 -2.68 -26.01 -27.34
C LEU D 344 -3.93 -25.99 -28.22
N ILE D 345 -4.36 -24.79 -28.61
CA ILE D 345 -5.60 -24.61 -29.35
C ILE D 345 -5.33 -23.84 -30.65
N ASN D 346 -6.24 -23.95 -31.61
CA ASN D 346 -6.11 -23.21 -32.85
C ASN D 346 -7.10 -22.07 -32.80
N LEU D 347 -7.26 -21.32 -33.91
CA LEU D 347 -8.17 -20.19 -33.94
C LEU D 347 -9.61 -20.60 -33.60
N LYS D 348 -10.04 -21.77 -34.09
CA LYS D 348 -11.42 -22.18 -33.98
C LYS D 348 -11.65 -22.67 -32.56
N GLU D 349 -10.72 -23.43 -32.02
CA GLU D 349 -10.99 -23.97 -30.71
C GLU D 349 -11.11 -22.80 -29.75
N ALA D 350 -10.37 -21.72 -30.02
CA ALA D 350 -10.36 -20.60 -29.11
C ALA D 350 -11.74 -19.95 -29.14
N LEU D 351 -12.32 -19.88 -30.34
CA LEU D 351 -13.58 -19.18 -30.49
C LEU D 351 -14.73 -20.12 -30.10
N VAL D 352 -14.52 -21.44 -30.19
CA VAL D 352 -15.54 -22.40 -29.81
C VAL D 352 -15.72 -22.26 -28.31
N HIS D 353 -14.61 -22.36 -27.55
CA HIS D 353 -14.63 -22.31 -26.10
C HIS D 353 -15.21 -20.97 -25.61
N TYR D 354 -14.96 -19.90 -26.36
CA TYR D 354 -15.47 -18.61 -25.94
C TYR D 354 -16.98 -18.54 -26.09
N LEU D 355 -17.52 -18.96 -27.25
CA LEU D 355 -18.95 -18.87 -27.53
C LEU D 355 -19.74 -19.66 -26.50
N GLU D 356 -19.22 -20.84 -26.15
CA GLU D 356 -19.82 -21.69 -25.14
C GLU D 356 -19.92 -20.92 -23.82
N HIS D 357 -18.80 -20.30 -23.43
CA HIS D 357 -18.77 -19.52 -22.21
C HIS D 357 -19.84 -18.43 -22.23
N GLN D 358 -19.97 -17.72 -23.37
CA GLN D 358 -20.97 -16.69 -23.53
C GLN D 358 -22.40 -17.23 -23.48
N LYS D 359 -22.62 -18.49 -23.87
CA LYS D 359 -23.96 -19.07 -23.83
C LYS D 359 -24.33 -19.35 -22.39
N THR D 360 -23.41 -20.02 -21.70
CA THR D 360 -23.64 -20.36 -20.31
C THR D 360 -23.87 -19.10 -19.48
N VAL D 361 -23.26 -18.01 -19.91
CA VAL D 361 -23.34 -16.76 -19.14
C VAL D 361 -24.70 -16.12 -19.37
N VAL D 362 -25.16 -16.06 -20.62
CA VAL D 362 -26.46 -15.50 -20.89
C VAL D 362 -27.56 -16.39 -20.33
N ARG D 363 -27.35 -17.72 -20.35
CA ARG D 363 -28.34 -18.63 -19.77
C ARG D 363 -28.43 -18.33 -18.28
N ARG D 364 -27.32 -18.57 -17.58
CA ARG D 364 -27.28 -18.40 -16.14
C ARG D 364 -27.81 -17.03 -15.69
N ARG D 365 -27.62 -15.99 -16.52
CA ARG D 365 -28.09 -14.68 -16.12
C ARG D 365 -29.61 -14.65 -16.21
N THR D 366 -30.13 -15.11 -17.35
CA THR D 366 -31.56 -15.19 -17.51
C THR D 366 -32.18 -16.06 -16.40
N GLN D 367 -31.48 -17.12 -16.03
CA GLN D 367 -32.00 -18.06 -15.05
C GLN D 367 -32.05 -17.38 -13.70
N TYR D 368 -31.11 -16.47 -13.46
CA TYR D 368 -31.02 -15.86 -12.15
C TYR D 368 -32.04 -14.74 -12.02
N ASN D 369 -32.20 -13.94 -13.09
CA ASN D 369 -33.19 -12.87 -13.11
C ASN D 369 -34.60 -13.41 -12.90
N LEU D 370 -34.87 -14.61 -13.44
CA LEU D 370 -36.16 -15.27 -13.32
C LEU D 370 -36.44 -15.60 -11.86
N ARG D 371 -35.48 -16.24 -11.19
CA ARG D 371 -35.68 -16.61 -9.81
C ARG D 371 -35.97 -15.35 -8.99
N LYS D 372 -35.21 -14.27 -9.23
CA LYS D 372 -35.34 -13.06 -8.44
C LYS D 372 -36.66 -12.34 -8.73
N ALA D 373 -37.21 -12.57 -9.93
CA ALA D 373 -38.50 -11.99 -10.28
C ALA D 373 -39.60 -12.77 -9.59
N LYS D 374 -39.52 -14.10 -9.68
CA LYS D 374 -40.50 -14.98 -9.04
C LYS D 374 -40.55 -14.71 -7.54
N ASP D 375 -39.36 -14.48 -6.95
CA ASP D 375 -39.23 -14.23 -5.53
C ASP D 375 -39.99 -12.96 -5.19
N ARG D 376 -39.83 -11.95 -6.04
CA ARG D 376 -40.28 -10.63 -5.68
C ARG D 376 -41.75 -10.56 -6.02
N ALA D 377 -42.14 -11.29 -7.06
CA ALA D 377 -43.53 -11.40 -7.46
C ALA D 377 -44.35 -12.00 -6.32
N HIS D 378 -43.86 -13.12 -5.77
CA HIS D 378 -44.45 -13.77 -4.60
C HIS D 378 -44.62 -12.80 -3.43
N ILE D 379 -43.64 -11.92 -3.20
CA ILE D 379 -43.78 -10.97 -2.12
C ILE D 379 -44.91 -9.98 -2.40
N LEU D 380 -44.93 -9.46 -3.62
CA LEU D 380 -45.92 -8.47 -4.00
C LEU D 380 -47.32 -9.08 -3.96
N GLU D 381 -47.42 -10.37 -4.30
CA GLU D 381 -48.70 -11.07 -4.19
C GLU D 381 -49.15 -11.02 -2.73
N GLY D 382 -48.20 -11.24 -1.83
CA GLY D 382 -48.42 -11.11 -0.39
C GLY D 382 -48.85 -9.70 -0.01
N LEU D 383 -48.21 -8.67 -0.57
CA LEU D 383 -48.51 -7.32 -0.14
C LEU D 383 -49.87 -6.93 -0.70
N ARG D 384 -50.19 -7.42 -1.90
CA ARG D 384 -51.45 -7.08 -2.56
C ARG D 384 -52.62 -7.60 -1.74
N ILE D 385 -52.48 -8.83 -1.23
CA ILE D 385 -53.52 -9.41 -0.41
C ILE D 385 -53.73 -8.53 0.82
N ALA D 386 -52.65 -8.11 1.47
CA ALA D 386 -52.76 -7.26 2.64
C ALA D 386 -53.49 -5.94 2.33
N LEU D 387 -53.14 -5.32 1.21
CA LEU D 387 -53.77 -4.06 0.86
C LEU D 387 -55.25 -4.31 0.64
N ASP D 388 -55.60 -5.50 0.14
CA ASP D 388 -56.97 -5.83 -0.20
C ASP D 388 -57.81 -5.91 1.06
N HIS D 389 -57.24 -6.54 2.08
CA HIS D 389 -57.97 -6.86 3.28
C HIS D 389 -57.27 -6.22 4.46
N ILE D 390 -57.04 -4.91 4.36
CA ILE D 390 -56.10 -4.28 5.25
C ILE D 390 -56.64 -4.26 6.67
N ASP D 391 -57.95 -4.01 6.81
CA ASP D 391 -58.60 -3.93 8.10
C ASP D 391 -58.39 -5.23 8.89
N GLU D 392 -58.62 -6.37 8.22
CA GLU D 392 -58.49 -7.65 8.87
C GLU D 392 -57.02 -7.95 9.20
N ILE D 393 -56.10 -7.54 8.29
CA ILE D 393 -54.67 -7.70 8.52
C ILE D 393 -54.28 -6.99 9.82
N ILE D 394 -54.60 -5.70 9.88
CA ILE D 394 -54.32 -4.92 11.07
C ILE D 394 -54.88 -5.63 12.29
N SER D 395 -56.14 -6.08 12.21
CA SER D 395 -56.73 -6.75 13.36
C SER D 395 -55.85 -7.92 13.83
N THR D 396 -55.54 -8.83 12.89
CA THR D 396 -54.88 -10.07 13.24
C THR D 396 -53.55 -9.77 13.91
N ILE D 397 -52.91 -8.68 13.45
CA ILE D 397 -51.67 -8.24 14.07
C ILE D 397 -52.00 -7.70 15.46
N ARG D 398 -52.95 -6.76 15.55
CA ARG D 398 -53.10 -6.04 16.79
C ARG D 398 -53.46 -7.01 17.88
N GLU D 399 -54.17 -8.08 17.49
CA GLU D 399 -54.74 -8.95 18.50
C GLU D 399 -53.74 -10.02 18.89
N SER D 400 -52.53 -9.92 18.31
CA SER D 400 -51.41 -10.82 18.61
C SER D 400 -50.48 -10.14 19.61
N ASP D 401 -50.01 -10.89 20.61
CA ASP D 401 -49.14 -10.25 21.58
C ASP D 401 -47.67 -10.32 21.15
N THR D 402 -47.30 -11.28 20.32
CA THR D 402 -45.93 -11.37 19.81
C THR D 402 -45.93 -11.38 18.28
N ASP D 403 -44.85 -10.88 17.68
CA ASP D 403 -44.66 -10.85 16.24
C ASP D 403 -44.67 -12.28 15.71
N LYS D 404 -44.16 -13.22 16.53
CA LYS D 404 -44.19 -14.63 16.18
C LYS D 404 -45.63 -15.08 16.04
N VAL D 405 -46.49 -14.71 17.00
CA VAL D 405 -47.92 -15.03 17.00
C VAL D 405 -48.57 -14.35 15.81
N ALA D 406 -48.25 -13.07 15.59
CA ALA D 406 -48.84 -12.39 14.44
C ALA D 406 -48.42 -13.08 13.16
N MET D 407 -47.21 -13.63 13.13
CA MET D 407 -46.71 -14.23 11.91
C MET D 407 -47.50 -15.48 11.58
N GLU D 408 -47.91 -16.17 12.64
CA GLU D 408 -48.58 -17.43 12.45
C GLU D 408 -50.05 -17.19 12.18
N SER D 409 -50.63 -16.18 12.85
CA SER D 409 -52.02 -15.86 12.64
C SER D 409 -52.16 -15.40 11.20
N LEU D 410 -51.22 -14.59 10.72
CA LEU D 410 -51.29 -14.02 9.38
C LEU D 410 -51.22 -15.13 8.36
N GLN D 411 -50.41 -16.17 8.63
CA GLN D 411 -50.23 -17.23 7.66
C GLN D 411 -51.50 -18.08 7.64
N GLN D 412 -52.05 -18.41 8.82
CA GLN D 412 -53.27 -19.21 8.88
C GLN D 412 -54.42 -18.51 8.18
N ARG D 413 -54.79 -17.33 8.65
CA ARG D 413 -56.03 -16.68 8.22
C ARG D 413 -56.02 -16.36 6.72
N PHE D 414 -54.94 -15.90 6.13
CA PHE D 414 -54.99 -15.46 4.74
C PHE D 414 -54.20 -16.38 3.81
N LYS D 415 -53.83 -17.57 4.31
CA LYS D 415 -53.09 -18.56 3.52
C LYS D 415 -51.86 -17.93 2.87
N LEU D 416 -51.00 -17.31 3.69
CA LEU D 416 -49.77 -16.70 3.23
C LEU D 416 -48.59 -17.60 3.57
N SER D 417 -47.55 -17.55 2.72
CA SER D 417 -46.28 -18.22 3.01
C SER D 417 -45.59 -17.51 4.18
N GLU D 418 -44.57 -18.16 4.71
CA GLU D 418 -43.88 -17.50 5.81
C GLU D 418 -43.24 -16.20 5.33
N LYS D 419 -42.82 -16.19 4.06
CA LYS D 419 -42.10 -15.05 3.52
C LYS D 419 -43.07 -13.91 3.29
N GLN D 420 -44.22 -14.21 2.70
CA GLN D 420 -45.27 -13.22 2.47
C GLN D 420 -45.69 -12.55 3.78
N ALA D 421 -45.74 -13.32 4.87
CA ALA D 421 -46.26 -12.82 6.13
C ALA D 421 -45.26 -11.87 6.78
N GLN D 422 -43.96 -12.25 6.79
CA GLN D 422 -42.87 -11.44 7.33
C GLN D 422 -42.82 -10.11 6.58
N ALA D 423 -42.99 -10.20 5.25
CA ALA D 423 -42.96 -9.05 4.37
C ALA D 423 -44.03 -8.06 4.83
N ILE D 424 -45.20 -8.59 5.17
CA ILE D 424 -46.32 -7.74 5.54
C ILE D 424 -46.04 -7.08 6.89
N LEU D 425 -45.54 -7.86 7.83
CA LEU D 425 -45.22 -7.27 9.11
C LEU D 425 -44.17 -6.17 8.97
N ASP D 426 -43.31 -6.26 7.94
CA ASP D 426 -42.24 -5.29 7.78
C ASP D 426 -42.76 -4.02 7.14
N MET D 427 -44.00 -4.04 6.67
CA MET D 427 -44.43 -2.99 5.77
C MET D 427 -44.73 -1.73 6.59
N ARG D 428 -44.11 -0.62 6.21
CA ARG D 428 -44.27 0.61 6.99
C ARG D 428 -45.62 1.18 6.64
N LEU D 429 -46.13 2.09 7.46
CA LEU D 429 -47.49 2.58 7.30
C LEU D 429 -47.64 3.44 6.05
N ARG D 430 -46.59 4.18 5.69
N ARG D 430 -46.59 4.17 5.70
CA ARG D 430 -46.66 5.10 4.58
CA ARG D 430 -46.65 5.10 4.58
C ARG D 430 -46.94 4.36 3.27
C ARG D 430 -47.01 4.35 3.29
N ARG D 431 -46.79 3.03 3.29
CA ARG D 431 -47.03 2.23 2.09
C ARG D 431 -48.52 2.00 1.87
N LEU D 432 -49.39 2.59 2.72
CA LEU D 432 -50.85 2.51 2.57
C LEU D 432 -51.42 3.77 1.92
N THR D 433 -50.59 4.76 1.65
CA THR D 433 -51.13 5.97 1.07
C THR D 433 -51.61 5.62 -0.33
N GLY D 434 -52.34 6.53 -0.96
CA GLY D 434 -52.76 6.40 -2.36
C GLY D 434 -51.66 5.92 -3.29
N LEU D 435 -50.59 6.74 -3.45
CA LEU D 435 -49.55 6.50 -4.43
C LEU D 435 -48.72 5.27 -4.10
N GLU D 436 -48.49 5.03 -2.81
CA GLU D 436 -47.66 3.89 -2.45
C GLU D 436 -48.37 2.59 -2.77
N ARG D 437 -49.71 2.59 -2.76
CA ARG D 437 -50.50 1.39 -3.06
C ARG D 437 -50.44 1.13 -4.56
N ASP D 438 -50.49 2.21 -5.34
CA ASP D 438 -50.47 2.17 -6.79
C ASP D 438 -49.11 1.70 -7.30
N LYS D 439 -48.04 2.13 -6.62
CA LYS D 439 -46.69 1.71 -6.98
C LYS D 439 -46.62 0.19 -6.85
N ILE D 440 -47.35 -0.37 -5.89
CA ILE D 440 -47.24 -1.80 -5.66
C ILE D 440 -47.87 -2.54 -6.83
N GLU D 441 -49.07 -2.09 -7.22
CA GLU D 441 -49.86 -2.73 -8.25
C GLU D 441 -49.10 -2.59 -9.58
N ALA D 442 -48.53 -1.39 -9.79
CA ALA D 442 -47.78 -1.07 -11.00
C ALA D 442 -46.51 -1.93 -11.12
N GLU D 443 -45.80 -2.13 -10.01
CA GLU D 443 -44.60 -2.97 -9.94
C GLU D 443 -44.93 -4.39 -10.39
N TYR D 444 -46.04 -4.91 -9.88
CA TYR D 444 -46.45 -6.29 -10.09
C TYR D 444 -46.68 -6.54 -11.58
N ASN D 445 -47.35 -5.62 -12.26
CA ASN D 445 -47.76 -5.84 -13.63
C ASN D 445 -46.56 -5.82 -14.57
N GLU D 446 -45.65 -4.85 -14.35
CA GLU D 446 -44.39 -4.72 -15.07
C GLU D 446 -43.57 -5.99 -14.82
N LEU D 447 -43.67 -6.54 -13.60
CA LEU D 447 -42.87 -7.69 -13.20
C LEU D 447 -43.37 -8.96 -13.89
N LEU D 448 -44.67 -9.04 -14.14
CA LEU D 448 -45.22 -10.22 -14.79
C LEU D 448 -44.85 -10.27 -16.27
N ASN D 449 -44.81 -9.10 -16.95
CA ASN D 449 -44.41 -9.09 -18.36
C ASN D 449 -42.99 -9.61 -18.46
N TYR D 450 -42.17 -9.20 -17.48
CA TYR D 450 -40.76 -9.47 -17.48
C TYR D 450 -40.55 -10.98 -17.40
N ILE D 451 -41.30 -11.63 -16.51
CA ILE D 451 -41.11 -13.05 -16.27
C ILE D 451 -41.42 -13.81 -17.56
N SER D 452 -42.44 -13.34 -18.28
CA SER D 452 -42.85 -14.01 -19.51
C SER D 452 -41.74 -13.86 -20.56
N GLU D 453 -41.12 -12.68 -20.61
CA GLU D 453 -39.99 -12.39 -21.51
C GLU D 453 -38.78 -13.27 -21.19
N LEU D 454 -38.50 -13.46 -19.90
CA LEU D 454 -37.35 -14.25 -19.51
C LEU D 454 -37.60 -15.71 -19.85
N GLU D 455 -38.84 -16.17 -19.66
CA GLU D 455 -39.12 -17.58 -19.87
C GLU D 455 -39.13 -17.88 -21.36
N THR D 456 -39.39 -16.83 -22.14
CA THR D 456 -39.29 -16.93 -23.59
C THR D 456 -37.86 -17.28 -23.97
N ILE D 457 -36.92 -16.51 -23.39
CA ILE D 457 -35.51 -16.67 -23.68
C ILE D 457 -35.09 -18.09 -23.29
N LEU D 458 -35.56 -18.58 -22.14
CA LEU D 458 -35.16 -19.90 -21.68
C LEU D 458 -35.98 -21.02 -22.32
N ALA D 459 -36.90 -20.68 -23.23
CA ALA D 459 -37.81 -21.67 -23.79
C ALA D 459 -37.26 -22.19 -25.12
N ASP D 460 -36.53 -21.33 -25.84
CA ASP D 460 -35.94 -21.70 -27.13
C ASP D 460 -34.43 -21.44 -27.07
N GLU D 461 -33.66 -22.50 -27.36
CA GLU D 461 -32.21 -22.51 -27.56
C GLU D 461 -31.76 -21.45 -28.57
N GLU D 462 -32.60 -21.14 -29.57
CA GLU D 462 -32.24 -20.19 -30.61
C GLU D 462 -32.50 -18.75 -30.16
N VAL D 463 -33.51 -18.53 -29.31
CA VAL D 463 -33.74 -17.18 -28.83
C VAL D 463 -32.58 -16.73 -27.93
N LEU D 464 -32.07 -17.67 -27.12
CA LEU D 464 -30.92 -17.51 -26.25
C LEU D 464 -29.73 -17.17 -27.13
N LEU D 465 -29.56 -17.88 -28.24
CA LEU D 465 -28.37 -17.64 -29.04
C LEU D 465 -28.45 -16.30 -29.76
N GLN D 466 -29.63 -15.99 -30.33
CA GLN D 466 -29.79 -14.71 -31.01
C GLN D 466 -29.51 -13.57 -30.04
N LEU D 467 -29.86 -13.77 -28.76
CA LEU D 467 -29.63 -12.75 -27.76
C LEU D 467 -28.12 -12.63 -27.56
N VAL D 468 -27.41 -13.74 -27.62
CA VAL D 468 -25.96 -13.70 -27.49
C VAL D 468 -25.36 -12.90 -28.65
N ARG D 469 -25.78 -13.23 -29.88
CA ARG D 469 -25.26 -12.60 -31.09
C ARG D 469 -25.56 -11.11 -31.07
N ASP D 470 -26.71 -10.73 -30.48
CA ASP D 470 -27.17 -9.35 -30.40
C ASP D 470 -26.37 -8.57 -29.38
N GLU D 471 -25.94 -9.24 -28.30
CA GLU D 471 -25.18 -8.54 -27.30
C GLU D 471 -23.73 -8.46 -27.73
N LEU D 472 -23.27 -9.41 -28.55
CA LEU D 472 -21.93 -9.29 -29.13
C LEU D 472 -21.87 -8.16 -30.14
N THR D 473 -22.91 -8.07 -30.97
CA THR D 473 -22.99 -7.10 -32.04
C THR D 473 -22.99 -5.69 -31.47
N GLU D 474 -23.72 -5.52 -30.37
CA GLU D 474 -23.82 -4.23 -29.71
C GLU D 474 -22.42 -3.81 -29.22
N ILE D 475 -21.69 -4.77 -28.66
CA ILE D 475 -20.34 -4.51 -28.17
C ILE D 475 -19.42 -4.17 -29.34
N ARG D 476 -19.56 -4.91 -30.44
CA ARG D 476 -18.77 -4.63 -31.63
C ARG D 476 -19.01 -3.21 -32.15
N ASP D 477 -20.27 -2.75 -32.08
CA ASP D 477 -20.61 -1.43 -32.60
C ASP D 477 -20.10 -0.31 -31.70
N ARG D 478 -20.01 -0.56 -30.39
CA ARG D 478 -19.59 0.49 -29.49
C ARG D 478 -18.08 0.51 -29.37
N PHE D 479 -17.41 -0.65 -29.51
CA PHE D 479 -16.01 -0.78 -29.15
C PHE D 479 -15.10 -1.12 -30.33
N GLY D 480 -15.64 -1.70 -31.40
CA GLY D 480 -14.79 -2.14 -32.50
C GLY D 480 -14.04 -0.95 -33.11
N ASP D 481 -12.81 -1.18 -33.54
CA ASP D 481 -12.06 -0.11 -34.17
C ASP D 481 -11.38 -0.64 -35.43
N ASP D 482 -10.71 0.28 -36.15
CA ASP D 482 -10.04 -0.02 -37.40
C ASP D 482 -8.81 -0.85 -37.13
N ARG D 483 -8.37 -1.59 -38.15
CA ARG D 483 -7.15 -2.37 -38.05
C ARG D 483 -5.96 -1.42 -37.94
N ARG D 484 -4.91 -1.85 -37.24
CA ARG D 484 -3.72 -1.02 -37.16
C ARG D 484 -2.61 -1.65 -38.02
N THR D 485 -2.44 -2.97 -37.93
CA THR D 485 -1.28 -3.63 -38.52
C THR D 485 -1.61 -4.01 -39.96
N GLU D 486 -0.74 -3.61 -40.90
CA GLU D 486 -0.89 -3.96 -42.30
C GLU D 486 -0.37 -5.37 -42.54
N ILE D 487 -1.14 -6.16 -43.27
CA ILE D 487 -0.68 -7.49 -43.59
C ILE D 487 -0.36 -7.52 -45.07
N GLN D 488 0.94 -7.41 -45.41
CA GLN D 488 1.38 -7.29 -46.80
C GLN D 488 1.37 -8.65 -47.50
N LEU D 489 1.17 -8.65 -48.84
CA LEU D 489 1.00 -9.85 -49.67
C LEU D 489 -0.20 -10.69 -49.19
C1 GOL I . 25.88 13.98 -1.25
O1 GOL I . 24.77 13.75 -2.11
C2 GOL I . 26.34 12.68 -0.63
O2 GOL I . 26.64 11.74 -1.65
C3 GOL I . 27.50 12.84 0.34
O3 GOL I . 27.68 11.67 1.13
MN MN J . 5.05 17.26 -2.24
C1 GOL K . 34.38 1.30 43.11
O1 GOL K . 34.08 2.44 42.31
C2 GOL K . 34.81 1.72 44.50
O2 GOL K . 33.78 2.43 45.18
C3 GOL K . 35.34 0.57 45.35
O3 GOL K . 35.89 -0.46 44.54
NA NA L . 27.83 7.68 29.11
C1 GOL M . -4.74 18.79 11.96
O1 GOL M . -4.90 19.90 12.83
C2 GOL M . -4.79 17.49 12.72
O2 GOL M . -4.09 17.58 13.95
C3 GOL M . -4.26 16.32 11.93
O3 GOL M . -4.13 15.14 12.70
C1 GOL N . 7.82 29.18 22.45
O1 GOL N . 8.65 29.02 23.60
C2 GOL N . 8.59 28.93 21.15
O2 GOL N . 9.19 30.12 20.67
C3 GOL N . 9.62 27.83 21.29
O3 GOL N . 10.89 28.34 21.73
C1 GOL O . 19.71 -11.30 37.41
O1 GOL O . 19.04 -10.63 36.35
C2 GOL O . 21.21 -11.35 37.16
O2 GOL O . 21.91 -10.63 38.18
C3 GOL O . 21.74 -12.76 37.02
O3 GOL O . 22.90 -12.83 36.18
MN MN P . 5.78 -17.31 0.21
MN MN Q . -59.67 -10.82 -1.57
C1 BTB R . -59.15 -14.07 -4.41
O1 BTB R . -58.91 -13.54 -5.72
C2 BTB R . -59.14 -13.01 -3.29
C3 BTB R . -59.60 -13.74 -2.02
O3 BTB R . -59.91 -12.86 -0.96
C4 BTB R . -57.72 -12.47 -3.06
O4 BTB R . -57.66 -11.41 -2.11
N BTB R . -60.11 -11.84 -3.59
C5 BTB R . -61.54 -12.23 -3.88
C6 BTB R . -62.56 -11.58 -2.99
O6 BTB R . -61.96 -11.01 -1.83
C7 BTB R . -59.56 -10.81 -4.55
C8 BTB R . -59.93 -9.37 -4.24
O8 BTB R . -59.95 -9.06 -2.85
C1 GOL S . 9.17 -2.14 -22.97
O1 GOL S . 8.91 -3.01 -21.86
C2 GOL S . 8.02 -2.08 -23.94
O2 GOL S . 8.15 -1.00 -24.87
C3 GOL S . 7.80 -3.39 -24.66
O3 GOL S . 6.80 -4.17 -24.00
C1 R8U T . 13.03 -9.76 -4.57
C2 R8U T . 12.08 -8.78 -3.86
C3 R8U T . 11.15 -9.46 -2.87
O1 R8U T . 11.30 -8.02 -4.80
C4 R8U T . 12.11 -7.27 -5.73
C5 R8U T . 11.20 -6.37 -6.54
C6 R8U T . 12.88 -8.27 -6.55
N1 R8U T . 13.73 -9.00 -5.63
C7 R8U T . 15.16 -8.92 -5.67
C8 R8U T . 15.94 -9.90 -5.04
C9 R8U T . 15.22 -11.01 -4.31
C10 R8U T . 14.00 -10.47 -3.57
C11 R8U T . 14.53 -9.54 -2.48
O2 R8U T . 14.96 -8.43 -2.72
N2 R8U T . 14.52 -9.98 -1.18
C12 R8U T . 14.05 -11.18 -0.74
O3 R8U T . 14.21 -11.55 0.40
N3 R8U T . 13.40 -11.96 -1.66
C13 R8U T . 13.37 -11.76 -3.02
O4 R8U T . 12.89 -12.59 -3.75
C14 R8U T . 17.32 -9.82 -5.02
C15 R8U T . 17.95 -8.77 -5.70
C16 R8U T . 17.18 -7.81 -6.33
O5 R8U T . 17.98 -6.90 -6.90
N4 R8U T . 19.32 -7.31 -6.61
C17 R8U T . 19.28 -8.40 -5.89
N5 R8U T . 20.50 -9.00 -5.48
C18 R8U T . 20.64 -10.02 -4.41
C19 R8U T . 20.52 -11.44 -4.93
C20 R8U T . 22.08 -9.71 -4.00
O6 R8U T . 22.69 -9.14 -5.19
C21 R8U T . 21.71 -8.67 -5.99
O7 R8U T . 21.96 -8.04 -7.00
C22 R8U T . 15.80 -7.85 -6.32
F1 R8U T . 15.09 -6.88 -6.95
C1 GOL U . 11.61 0.33 -2.33
O1 GOL U . 10.59 -0.16 -3.19
C2 GOL U . 11.84 -0.63 -1.18
O2 GOL U . 12.11 -1.96 -1.65
C3 GOL U . 10.71 -0.61 -0.18
O3 GOL U . 10.99 -1.46 0.93
C1 R8U V . 13.48 9.84 -0.68
C2 R8U V . 12.37 8.85 -1.11
C3 R8U V . 11.12 9.47 -1.68
O1 R8U V . 11.92 8.04 0.00
C4 R8U V . 12.98 7.30 0.64
C5 R8U V . 12.32 6.45 1.70
C6 R8U V . 14.01 8.28 1.17
N1 R8U V . 14.52 9.11 0.08
C7 R8U V . 15.90 9.14 -0.36
C8 R8U V . 16.35 10.22 -1.13
C9 R8U V . 15.38 11.31 -1.48
C10 R8U V . 14.06 10.66 -1.89
C11 R8U V . 14.35 9.81 -3.12
O2 R8U V . 14.79 8.69 -3.05
N2 R8U V . 14.07 10.35 -4.36
C12 R8U V . 13.34 11.46 -4.61
O3 R8U V . 13.04 11.79 -5.75
N3 R8U V . 12.95 12.19 -3.52
C13 R8U V . 13.20 11.88 -2.20
O4 R8U V . 12.73 12.57 -1.31
C14 R8U V . 17.66 10.25 -1.62
C15 R8U V . 18.54 9.20 -1.32
C16 R8U V . 18.08 8.15 -0.55
O5 R8U V . 19.09 7.26 -0.36
N4 R8U V . 20.22 7.78 -1.07
C17 R8U V . 19.88 8.92 -1.62
N5 R8U V . 20.87 9.61 -2.37
C18 R8U V . 22.14 8.94 -2.73
C19 R8U V . 21.94 7.90 -3.81
C20 R8U V . 22.95 10.16 -3.22
O6 R8U V . 21.96 11.19 -3.49
C21 R8U V . 20.81 10.91 -2.84
O7 R8U V . 19.93 11.74 -2.70
C22 R8U V . 16.78 8.09 -0.08
F1 R8U V . 16.39 7.05 0.68
#